data_9GRH
#
_entry.id   9GRH
#
_cell.length_a   84.473
_cell.length_b   194.857
_cell.length_c   84.441
_cell.angle_alpha   90.00
_cell.angle_beta   112.16
_cell.angle_gamma   90.00
#
_symmetry.space_group_name_H-M   'P 1 21 1'
#
loop_
_entity.id
_entity.type
_entity.pdbx_description
1 polymer 'Inositol hexakisphosphate and diphosphoinositol-pentakisphosphate kinase'
2 non-polymer 'ZINC ION'
#
_entity_poly.entity_id   1
_entity_poly.type   'polypeptide(L)'
_entity_poly.pdbx_seq_one_letter_code
;GAKWVFKGLAIIIRHADRTPKQKFKHSFTSPIFISLLKGHKEEVVIRNVNDLKIVLQALRIALDEKAGNPAKIKVLANAL
EKKLNFPGTKIQLKPVLNKENEVEKVQFILKWGGEPTHSAKYQATELGEQMRQDFDLLNKSILQNIKIFSSSERRVLHTA
QYWTRALFGADELGSDEISIRKDLLDDSNAAKDLMDKVKKKLKPLLREGKEAPPQFAWPSKMPEPYLVIKRVVELMNYHK
KIMDNNFAKKDVNSMQTRWCTSEDPSLFKERWDKLFKEFNNAEKVDPSKISELYDTMKYDALHNRQFLENIFDPGLPNEA
IADELGSHSLVDRYPINVLAKNNFKIIDSHSMNNSGKNSSNSVGSLGWVLESGKTSTARNPKSSSQFDEPRFMQLRELYK
LAKVLFDFICPKEYGISDAEKLDIGLLTSLPLAKQILNDIGDMKNRETPACVAYFTKESHIYTLLNIIYESGIPMRIARN
ALPELDYLSQITFELYESTDASGQKSHSIRLKMSPGCHTQDPLDVQLDDRHYISCIPKISLTKHLDMDYVQQKLRNKFTR
VIMPPKFTPVNITS
;
_entity_poly.pdbx_strand_id   A,B,C,D
#
# COMPACT_ATOMS: atom_id res chain seq x y z
N LYS A 3 -10.18 -33.12 17.44
CA LYS A 3 -10.56 -33.83 16.23
C LYS A 3 -11.42 -32.96 15.32
N TRP A 4 -11.35 -31.65 15.54
CA TRP A 4 -12.13 -30.67 14.77
C TRP A 4 -11.22 -29.54 14.33
N VAL A 5 -11.33 -29.14 13.07
CA VAL A 5 -10.56 -28.03 12.52
C VAL A 5 -11.46 -26.80 12.46
N PHE A 6 -10.94 -25.68 12.92
CA PHE A 6 -11.72 -24.44 12.96
C PHE A 6 -12.09 -24.01 11.53
N LYS A 7 -13.31 -23.46 11.40
CA LYS A 7 -13.82 -23.04 10.10
C LYS A 7 -14.42 -21.64 10.12
N GLY A 8 -14.74 -21.07 11.28
CA GLY A 8 -15.30 -19.73 11.32
C GLY A 8 -15.85 -19.37 12.67
N LEU A 9 -16.10 -18.08 12.91
CA LEU A 9 -16.57 -17.60 14.20
C LEU A 9 -17.55 -16.45 14.01
N ALA A 10 -18.69 -16.54 14.69
CA ALA A 10 -19.64 -15.44 14.80
C ALA A 10 -19.69 -15.01 16.27
N ILE A 11 -19.11 -13.85 16.57
CA ILE A 11 -18.95 -13.38 17.94
C ILE A 11 -19.75 -12.10 18.11
N ILE A 12 -20.51 -12.02 19.20
CA ILE A 12 -21.22 -10.82 19.59
C ILE A 12 -20.53 -10.25 20.83
N ILE A 13 -20.22 -8.96 20.80
CA ILE A 13 -19.40 -8.33 21.82
C ILE A 13 -20.16 -7.13 22.40
N ARG A 14 -20.13 -7.01 23.72
CA ARG A 14 -20.76 -5.91 24.43
C ARG A 14 -19.78 -4.75 24.57
N HIS A 15 -20.32 -3.54 24.68
CA HIS A 15 -19.47 -2.35 24.67
C HIS A 15 -18.57 -2.32 25.89
N ALA A 16 -17.55 -1.47 25.84
CA ALA A 16 -16.54 -1.42 26.87
C ALA A 16 -16.98 -0.52 28.02
N ASP A 17 -16.09 -0.34 29.00
CA ASP A 17 -16.41 0.41 30.21
C ASP A 17 -16.93 1.79 29.87
N ARG A 18 -17.85 2.29 30.71
CA ARG A 18 -18.41 3.62 30.50
C ARG A 18 -18.71 4.25 31.85
N THR A 19 -18.78 5.58 31.86
CA THR A 19 -19.03 6.32 33.09
C THR A 19 -20.51 6.24 33.47
N PRO A 20 -20.83 6.26 34.76
CA PRO A 20 -22.23 6.15 35.17
C PRO A 20 -23.05 7.37 34.80
N LYS A 21 -24.31 7.13 34.46
CA LYS A 21 -25.24 8.22 34.19
C LYS A 21 -25.65 8.88 35.49
N GLN A 22 -25.64 10.22 35.50
CA GLN A 22 -25.88 10.98 36.72
C GLN A 22 -26.73 12.20 36.39
N LYS A 23 -27.50 12.66 37.38
CA LYS A 23 -28.41 13.78 37.16
C LYS A 23 -28.67 14.52 38.47
N PHE A 24 -28.55 15.84 38.41
CA PHE A 24 -28.85 16.73 39.53
C PHE A 24 -30.14 17.48 39.22
N LYS A 25 -31.06 17.51 40.19
CA LYS A 25 -32.36 18.13 40.01
C LYS A 25 -32.64 19.11 41.16
N HIS A 26 -33.06 20.32 40.79
CA HIS A 26 -33.55 21.28 41.77
C HIS A 26 -34.31 22.38 41.02
N SER A 27 -35.20 23.05 41.75
CA SER A 27 -36.05 24.10 41.19
C SER A 27 -35.69 25.45 41.78
N PHE A 28 -35.70 26.48 40.95
CA PHE A 28 -35.40 27.84 41.37
C PHE A 28 -36.51 28.79 40.92
N THR A 29 -36.63 29.92 41.61
CA THR A 29 -37.61 30.95 41.30
C THR A 29 -36.99 32.30 40.98
N SER A 30 -35.69 32.47 41.18
CA SER A 30 -35.06 33.76 40.96
C SER A 30 -35.17 34.15 39.49
N PRO A 31 -35.29 35.45 39.18
CA PRO A 31 -35.45 35.85 37.78
C PRO A 31 -34.30 35.41 36.88
N ILE A 32 -33.08 35.37 37.40
CA ILE A 32 -31.94 34.95 36.58
C ILE A 32 -32.14 33.52 36.11
N PHE A 33 -32.70 32.67 36.97
CA PHE A 33 -32.99 31.29 36.56
C PHE A 33 -34.13 31.24 35.55
N ILE A 34 -35.17 32.06 35.76
CA ILE A 34 -36.31 32.05 34.84
C ILE A 34 -35.90 32.58 33.48
N SER A 35 -35.00 33.58 33.45
CA SER A 35 -34.62 34.20 32.19
C SER A 35 -33.92 33.23 31.25
N LEU A 36 -33.33 32.15 31.78
CA LEU A 36 -32.64 31.20 30.92
C LEU A 36 -33.58 30.49 29.96
N LEU A 37 -34.88 30.47 30.25
CA LEU A 37 -35.85 29.85 29.36
C LEU A 37 -35.98 30.59 28.02
N LYS A 38 -35.45 31.81 27.92
CA LYS A 38 -35.60 32.62 26.71
C LYS A 38 -37.07 32.74 26.31
N GLY A 39 -37.93 32.99 27.31
CA GLY A 39 -39.34 33.22 27.09
C GLY A 39 -40.18 31.97 26.91
N HIS A 40 -39.56 30.82 26.63
CA HIS A 40 -40.32 29.61 26.39
C HIS A 40 -41.05 29.18 27.66
N LYS A 41 -42.27 28.66 27.48
CA LYS A 41 -43.10 28.21 28.58
C LYS A 41 -43.24 26.69 28.62
N GLU A 42 -42.39 25.97 27.90
CA GLU A 42 -42.39 24.51 27.88
C GLU A 42 -40.98 24.02 28.22
N GLU A 43 -40.82 22.70 28.24
CA GLU A 43 -39.51 22.14 28.53
C GLU A 43 -38.50 22.55 27.47
N VAL A 44 -37.32 22.99 27.91
CA VAL A 44 -36.25 23.44 27.02
C VAL A 44 -35.03 22.57 27.28
N VAL A 45 -34.45 22.04 26.20
CA VAL A 45 -33.27 21.19 26.28
C VAL A 45 -32.10 21.94 25.67
N ILE A 46 -30.98 21.98 26.40
CA ILE A 46 -29.77 22.67 25.96
C ILE A 46 -28.65 21.63 25.88
N ARG A 47 -28.12 21.44 24.67
CA ARG A 47 -26.96 20.58 24.48
C ARG A 47 -25.90 21.20 23.59
N ASN A 48 -26.11 22.43 23.11
CA ASN A 48 -25.06 23.15 22.41
C ASN A 48 -24.02 23.64 23.42
N VAL A 49 -22.76 23.31 23.18
CA VAL A 49 -21.71 23.70 24.11
C VAL A 49 -21.70 25.22 24.26
N ASN A 50 -21.97 25.94 23.17
CA ASN A 50 -22.05 27.40 23.25
C ASN A 50 -23.14 27.83 24.23
N ASP A 51 -24.31 27.18 24.18
CA ASP A 51 -25.38 27.50 25.11
C ASP A 51 -25.03 27.08 26.53
N LEU A 52 -24.36 25.94 26.69
CA LEU A 52 -23.97 25.49 28.02
C LEU A 52 -23.01 26.48 28.68
N LYS A 53 -22.10 27.06 27.89
CA LYS A 53 -21.23 28.10 28.44
C LYS A 53 -22.06 29.31 28.89
N ILE A 54 -23.08 29.67 28.12
CA ILE A 54 -23.94 30.78 28.52
C ILE A 54 -24.65 30.45 29.83
N VAL A 55 -25.17 29.24 29.96
CA VAL A 55 -25.81 28.83 31.20
C VAL A 55 -24.79 28.86 32.34
N LEU A 56 -23.59 28.32 32.08
CA LEU A 56 -22.55 28.31 33.11
C LEU A 56 -22.30 29.69 33.68
N GLN A 57 -22.20 30.70 32.80
CA GLN A 57 -21.98 32.06 33.27
C GLN A 57 -23.12 32.52 34.16
N ALA A 58 -24.35 32.09 33.86
CA ALA A 58 -25.49 32.46 34.68
C ALA A 58 -25.32 32.00 36.12
N LEU A 59 -24.77 30.79 36.31
CA LEU A 59 -24.55 30.30 37.67
C LEU A 59 -23.54 31.16 38.41
N ARG A 60 -22.49 31.62 37.73
CA ARG A 60 -21.53 32.52 38.37
C ARG A 60 -22.21 33.82 38.80
N ILE A 61 -23.13 34.34 37.98
CA ILE A 61 -23.85 35.55 38.36
C ILE A 61 -24.84 35.25 39.47
N ALA A 62 -25.56 34.14 39.36
CA ALA A 62 -26.52 33.76 40.40
C ALA A 62 -25.83 33.51 41.73
N LEU A 63 -24.58 33.03 41.71
CA LEU A 63 -23.86 32.80 42.95
C LEU A 63 -23.42 34.09 43.61
N ASP A 64 -23.17 35.14 42.82
CA ASP A 64 -22.85 36.44 43.40
C ASP A 64 -23.96 36.92 44.31
N GLU A 65 -25.21 36.63 43.94
CA GLU A 65 -26.38 36.98 44.75
C GLU A 65 -26.79 35.74 45.54
N LYS A 66 -26.70 35.82 46.87
CA LYS A 66 -27.14 34.74 47.73
C LYS A 66 -28.64 34.75 47.97
N ALA A 67 -29.37 35.70 47.38
CA ALA A 67 -30.82 35.71 47.54
C ALA A 67 -31.41 34.35 47.18
N GLY A 68 -31.07 33.85 45.99
CA GLY A 68 -31.42 32.49 45.65
C GLY A 68 -30.77 31.50 46.61
N ASN A 69 -30.68 30.23 46.22
CA ASN A 69 -29.95 29.27 47.04
C ASN A 69 -28.51 29.16 46.53
N PRO A 70 -27.55 29.87 47.13
CA PRO A 70 -26.17 29.79 46.62
C PRO A 70 -25.58 28.38 46.72
N ALA A 71 -25.97 27.60 47.73
CA ALA A 71 -25.40 26.27 47.88
C ALA A 71 -25.64 25.41 46.65
N LYS A 72 -26.85 25.47 46.09
CA LYS A 72 -27.14 24.71 44.88
C LYS A 72 -26.42 25.29 43.67
N ILE A 73 -26.24 26.62 43.65
CA ILE A 73 -25.54 27.26 42.54
C ILE A 73 -24.08 26.83 42.51
N LYS A 74 -23.47 26.67 43.68
CA LYS A 74 -22.07 26.28 43.75
C LYS A 74 -21.85 24.89 43.14
N VAL A 75 -22.70 23.93 43.51
CA VAL A 75 -22.55 22.58 42.98
C VAL A 75 -22.89 22.54 41.49
N LEU A 76 -23.98 23.20 41.09
CA LEU A 76 -24.38 23.18 39.69
C LEU A 76 -23.33 23.81 38.79
N ALA A 77 -22.77 24.95 39.20
CA ALA A 77 -21.79 25.63 38.36
C ALA A 77 -20.60 24.71 38.08
N ASN A 78 -20.02 24.12 39.13
CA ASN A 78 -18.91 23.20 38.93
C ASN A 78 -19.32 22.02 38.07
N ALA A 79 -20.48 21.43 38.37
CA ALA A 79 -20.95 20.30 37.57
C ALA A 79 -21.09 20.71 36.10
N LEU A 80 -21.70 21.86 35.83
CA LEU A 80 -21.92 22.25 34.45
C LEU A 80 -20.60 22.47 33.71
N GLU A 81 -19.66 23.18 34.35
CA GLU A 81 -18.40 23.49 33.66
C GLU A 81 -17.56 22.23 33.45
N LYS A 82 -17.54 21.32 34.43
CA LYS A 82 -16.77 20.09 34.27
C LYS A 82 -17.35 19.20 33.18
N LYS A 83 -18.68 19.09 33.10
CA LYS A 83 -19.29 18.11 32.22
C LYS A 83 -19.83 18.71 30.92
N LEU A 84 -19.89 20.03 30.79
CA LEU A 84 -20.35 20.61 29.53
C LEU A 84 -19.40 20.29 28.38
N ASN A 85 -18.14 19.95 28.70
CA ASN A 85 -17.18 19.53 27.69
C ASN A 85 -17.35 18.09 27.28
N PHE A 86 -18.32 17.37 27.86
CA PHE A 86 -18.54 15.95 27.56
C PHE A 86 -19.75 15.78 26.68
N PRO A 87 -19.68 14.98 25.62
CA PRO A 87 -20.89 14.69 24.83
C PRO A 87 -21.93 14.00 25.68
N GLY A 88 -23.19 14.37 25.47
CA GLY A 88 -24.29 13.83 26.23
C GLY A 88 -24.68 14.60 27.46
N THR A 89 -23.84 15.54 27.91
CA THR A 89 -24.21 16.40 29.02
C THR A 89 -25.27 17.38 28.55
N LYS A 90 -26.38 17.45 29.30
CA LYS A 90 -27.52 18.23 28.85
C LYS A 90 -28.26 18.79 30.05
N ILE A 91 -29.10 19.80 29.79
CA ILE A 91 -29.94 20.42 30.79
C ILE A 91 -31.39 20.35 30.32
N GLN A 92 -32.28 20.02 31.24
CA GLN A 92 -33.72 20.02 30.99
C GLN A 92 -34.36 21.04 31.93
N LEU A 93 -35.11 21.98 31.35
CA LEU A 93 -35.75 23.06 32.10
C LEU A 93 -37.27 22.85 32.03
N LYS A 94 -37.84 22.31 33.11
CA LYS A 94 -39.27 22.04 33.15
C LYS A 94 -39.97 23.18 33.90
N PRO A 95 -40.62 24.11 33.19
CA PRO A 95 -41.26 25.23 33.90
C PRO A 95 -42.51 24.81 34.65
N VAL A 96 -42.81 25.55 35.71
CA VAL A 96 -44.02 25.37 36.50
C VAL A 96 -44.87 26.62 36.36
N LEU A 97 -46.09 26.45 35.86
CA LEU A 97 -47.00 27.56 35.57
C LEU A 97 -48.07 27.66 36.65
N ASN A 98 -48.35 28.89 37.07
CA ASN A 98 -49.37 29.16 38.06
C ASN A 98 -50.74 29.28 37.38
N LYS A 99 -51.75 29.73 38.12
CA LYS A 99 -53.10 29.81 37.57
C LYS A 99 -53.21 30.85 36.46
N GLU A 100 -52.28 31.80 36.37
CA GLU A 100 -52.31 32.85 35.35
C GLU A 100 -51.33 32.57 34.22
N ASN A 101 -50.93 31.31 34.03
CA ASN A 101 -50.02 30.92 32.95
C ASN A 101 -48.72 31.72 33.02
N GLU A 102 -48.26 31.99 34.24
CA GLU A 102 -47.00 32.68 34.48
C GLU A 102 -45.99 31.71 35.09
N VAL A 103 -44.77 31.74 34.57
CA VAL A 103 -43.71 30.87 35.08
C VAL A 103 -43.22 31.46 36.41
N GLU A 104 -43.53 30.77 37.51
CA GLU A 104 -43.06 31.17 38.83
C GLU A 104 -41.79 30.45 39.26
N LYS A 105 -41.51 29.28 38.69
CA LYS A 105 -40.30 28.54 39.02
C LYS A 105 -39.99 27.57 37.90
N VAL A 106 -38.70 27.32 37.69
CA VAL A 106 -38.23 26.45 36.63
C VAL A 106 -37.43 25.31 37.27
N GLN A 107 -37.69 24.09 36.81
CA GLN A 107 -36.99 22.90 37.30
C GLN A 107 -35.70 22.71 36.51
N PHE A 108 -34.58 22.76 37.20
CA PHE A 108 -33.26 22.65 36.56
C PHE A 108 -32.74 21.23 36.73
N ILE A 109 -32.73 20.47 35.64
CA ILE A 109 -32.25 19.10 35.62
C ILE A 109 -30.99 19.07 34.76
N LEU A 110 -29.86 18.76 35.38
CA LEU A 110 -28.58 18.62 34.69
C LEU A 110 -28.25 17.13 34.61
N LYS A 111 -28.16 16.61 33.39
CA LYS A 111 -27.87 15.21 33.15
C LYS A 111 -26.54 15.07 32.44
N TRP A 112 -25.76 14.08 32.85
CA TRP A 112 -24.46 13.82 32.25
C TRP A 112 -24.07 12.38 32.54
N GLY A 113 -22.91 11.98 32.02
CA GLY A 113 -22.44 10.63 32.20
C GLY A 113 -22.81 9.73 31.05
N GLY A 114 -22.59 8.43 31.26
CA GLY A 114 -22.87 7.44 30.26
C GLY A 114 -21.89 7.38 29.12
N GLU A 115 -20.81 8.18 29.14
CA GLU A 115 -19.82 8.12 28.09
C GLU A 115 -18.84 6.98 28.34
N PRO A 116 -18.23 6.45 27.29
CA PRO A 116 -17.18 5.43 27.51
C PRO A 116 -16.00 6.03 28.24
N THR A 117 -15.53 5.33 29.27
CA THR A 117 -14.42 5.83 30.05
C THR A 117 -13.13 5.80 29.22
N HIS A 118 -12.10 6.46 29.75
CA HIS A 118 -10.79 6.40 29.12
C HIS A 118 -10.23 4.98 29.10
N SER A 119 -10.80 4.08 29.92
CA SER A 119 -10.38 2.68 29.92
C SER A 119 -11.02 1.87 28.79
N ALA A 120 -12.09 2.40 28.18
CA ALA A 120 -12.79 1.63 27.16
C ALA A 120 -11.88 1.32 25.96
N LYS A 121 -11.09 2.30 25.54
CA LYS A 121 -10.24 2.10 24.37
C LYS A 121 -9.27 0.95 24.59
N TYR A 122 -8.72 0.83 25.80
CA TYR A 122 -7.75 -0.23 26.08
C TYR A 122 -8.42 -1.61 26.06
N GLN A 123 -9.60 -1.72 26.66
CA GLN A 123 -10.29 -3.00 26.67
C GLN A 123 -10.57 -3.47 25.24
N ALA A 124 -11.16 -2.60 24.42
CA ALA A 124 -11.44 -2.96 23.05
C ALA A 124 -10.15 -3.21 22.27
N THR A 125 -9.13 -2.38 22.51
CA THR A 125 -7.87 -2.54 21.79
C THR A 125 -7.21 -3.87 22.12
N GLU A 126 -7.15 -4.22 23.40
CA GLU A 126 -6.55 -5.50 23.78
C GLU A 126 -7.31 -6.65 23.16
N LEU A 127 -8.64 -6.57 23.15
CA LEU A 127 -9.44 -7.65 22.58
C LEU A 127 -9.20 -7.79 21.08
N GLY A 128 -9.12 -6.68 20.36
CA GLY A 128 -8.87 -6.75 18.93
C GLY A 128 -7.54 -7.38 18.61
N GLU A 129 -6.51 -7.03 19.38
CA GLU A 129 -5.19 -7.63 19.15
C GLU A 129 -5.21 -9.13 19.41
N GLN A 130 -5.85 -9.55 20.51
CA GLN A 130 -5.93 -10.98 20.80
C GLN A 130 -6.65 -11.73 19.70
N MET A 131 -7.73 -11.16 19.17
CA MET A 131 -8.46 -11.81 18.07
C MET A 131 -7.57 -11.91 16.83
N ARG A 132 -6.81 -10.86 16.54
CA ARG A 132 -5.85 -10.92 15.44
C ARG A 132 -4.81 -12.01 15.69
N GLN A 133 -4.30 -12.09 16.92
CA GLN A 133 -3.33 -13.13 17.26
C GLN A 133 -3.94 -14.51 17.07
N ASP A 134 -5.12 -14.74 17.64
CA ASP A 134 -5.76 -16.06 17.54
C ASP A 134 -6.05 -16.40 16.08
N PHE A 135 -6.52 -15.42 15.31
CA PHE A 135 -6.88 -15.68 13.92
C PHE A 135 -5.65 -15.96 13.07
N ASP A 136 -4.58 -15.18 13.24
CA ASP A 136 -3.37 -15.39 12.45
C ASP A 136 -2.69 -16.72 12.77
N LEU A 137 -3.12 -17.41 13.82
CA LEU A 137 -2.60 -18.74 14.14
C LEU A 137 -3.47 -19.87 13.63
N LEU A 138 -4.78 -19.65 13.52
CA LEU A 138 -5.67 -20.68 13.00
C LEU A 138 -5.68 -20.68 11.47
N ASN A 139 -5.97 -19.53 10.85
CA ASN A 139 -5.94 -19.41 9.40
C ASN A 139 -5.83 -17.94 9.05
N LYS A 140 -4.75 -17.56 8.36
CA LYS A 140 -4.54 -16.17 8.02
C LYS A 140 -5.58 -15.64 7.04
N SER A 141 -6.26 -16.52 6.30
CA SER A 141 -7.27 -16.07 5.35
C SER A 141 -8.50 -15.49 6.05
N ILE A 142 -8.68 -15.80 7.34
CA ILE A 142 -9.86 -15.31 8.06
C ILE A 142 -9.80 -13.79 8.21
N LEU A 143 -8.60 -13.24 8.39
CA LEU A 143 -8.46 -11.78 8.47
C LEU A 143 -8.95 -11.11 7.20
N GLN A 144 -8.89 -11.81 6.07
CA GLN A 144 -9.37 -11.29 4.80
C GLN A 144 -10.89 -11.37 4.67
N ASN A 145 -11.58 -11.94 5.65
CA ASN A 145 -13.01 -12.18 5.60
C ASN A 145 -13.68 -11.73 6.90
N ILE A 146 -13.36 -10.51 7.34
CA ILE A 146 -13.90 -9.96 8.58
C ILE A 146 -15.04 -9.00 8.23
N LYS A 147 -16.14 -9.12 8.96
CA LYS A 147 -17.31 -8.26 8.78
C LYS A 147 -17.77 -7.78 10.15
N ILE A 148 -17.92 -6.46 10.30
CA ILE A 148 -18.17 -5.83 11.59
C ILE A 148 -19.46 -5.03 11.51
N PHE A 149 -20.29 -5.15 12.55
CA PHE A 149 -21.50 -4.36 12.70
C PHE A 149 -21.51 -3.69 14.06
N SER A 150 -22.32 -2.64 14.17
CA SER A 150 -22.44 -1.90 15.42
C SER A 150 -23.82 -1.27 15.51
N SER A 151 -24.24 -0.97 16.74
CA SER A 151 -25.48 -0.25 16.96
C SER A 151 -25.24 1.25 16.76
N SER A 152 -26.29 2.05 16.94
CA SER A 152 -26.19 3.49 16.77
C SER A 152 -25.57 4.18 17.98
N GLU A 153 -25.62 3.57 19.15
CA GLU A 153 -25.09 4.20 20.34
C GLU A 153 -23.61 4.52 20.18
N ARG A 154 -23.20 5.69 20.66
CA ARG A 154 -21.82 6.11 20.50
C ARG A 154 -20.87 5.16 21.23
N ARG A 155 -21.19 4.79 22.47
CA ARG A 155 -20.31 3.92 23.23
C ARG A 155 -20.13 2.57 22.55
N VAL A 156 -21.17 2.08 21.87
CA VAL A 156 -21.06 0.79 21.19
C VAL A 156 -20.14 0.91 19.97
N LEU A 157 -20.38 1.91 19.13
CA LEU A 157 -19.51 2.12 17.98
C LEU A 157 -18.09 2.41 18.44
N HIS A 158 -17.95 3.15 19.54
CA HIS A 158 -16.62 3.39 20.11
C HIS A 158 -15.89 2.07 20.34
N THR A 159 -16.53 1.12 21.02
CA THR A 159 -15.91 -0.18 21.22
C THR A 159 -15.65 -0.88 19.89
N ALA A 160 -16.61 -0.80 18.96
CA ALA A 160 -16.44 -1.44 17.66
C ALA A 160 -15.27 -0.84 16.91
N GLN A 161 -15.11 0.48 16.96
CA GLN A 161 -14.03 1.13 16.24
C GLN A 161 -12.67 0.69 16.76
N TYR A 162 -12.47 0.80 18.08
CA TYR A 162 -11.16 0.47 18.66
C TYR A 162 -10.84 -1.01 18.51
N TRP A 163 -11.86 -1.87 18.63
CA TRP A 163 -11.64 -3.30 18.41
C TRP A 163 -11.22 -3.57 16.96
N THR A 164 -11.86 -2.88 16.01
CA THR A 164 -11.50 -3.07 14.61
C THR A 164 -10.11 -2.53 14.31
N ARG A 165 -9.77 -1.36 14.85
CA ARG A 165 -8.42 -0.84 14.70
C ARG A 165 -7.39 -1.83 15.24
N ALA A 166 -7.64 -2.35 16.45
CA ALA A 166 -6.71 -3.28 17.06
C ALA A 166 -6.64 -4.58 16.25
N LEU A 167 -7.77 -5.02 15.70
CA LEU A 167 -7.77 -6.24 14.91
C LEU A 167 -6.83 -6.10 13.71
N PHE A 168 -6.86 -4.96 13.04
CA PHE A 168 -5.99 -4.71 11.89
C PHE A 168 -4.75 -3.94 12.30
N SER A 175 -14.28 4.57 3.71
CA SER A 175 -14.78 3.21 3.75
C SER A 175 -14.89 2.71 5.19
N ASP A 176 -16.11 2.73 5.72
CA ASP A 176 -16.36 2.27 7.09
C ASP A 176 -16.51 0.76 7.08
N GLU A 177 -15.57 0.06 7.72
CA GLU A 177 -15.70 -1.39 7.87
C GLU A 177 -16.80 -1.77 8.83
N ILE A 178 -17.20 -0.87 9.71
CA ILE A 178 -18.29 -1.11 10.64
C ILE A 178 -19.59 -0.65 9.98
N SER A 179 -20.56 -1.56 9.88
CA SER A 179 -21.84 -1.29 9.24
C SER A 179 -22.90 -1.20 10.34
N ILE A 180 -23.43 0.00 10.56
CA ILE A 180 -24.43 0.22 11.59
C ILE A 180 -25.72 -0.46 11.17
N ARG A 181 -26.21 -1.38 12.01
CA ARG A 181 -27.43 -2.13 11.77
C ARG A 181 -28.36 -1.90 12.96
N LYS A 182 -29.24 -0.91 12.84
CA LYS A 182 -30.15 -0.58 13.93
C LYS A 182 -31.13 -1.72 14.20
N ASP A 183 -31.61 -2.37 13.14
CA ASP A 183 -32.65 -3.39 13.30
C ASP A 183 -32.18 -4.58 14.13
N LEU A 184 -30.88 -4.88 14.09
CA LEU A 184 -30.36 -6.05 14.81
C LEU A 184 -29.82 -5.69 16.18
N LEU A 185 -29.07 -4.60 16.29
CA LEU A 185 -28.30 -4.29 17.48
C LEU A 185 -28.87 -3.14 18.30
N ASP A 186 -29.95 -2.52 17.86
CA ASP A 186 -30.57 -1.40 18.56
C ASP A 186 -31.84 -1.84 19.28
N ASP A 187 -32.15 -1.14 20.37
CA ASP A 187 -33.29 -1.49 21.20
C ASP A 187 -34.61 -1.14 20.52
N SER A 188 -35.67 -1.82 20.94
CA SER A 188 -37.03 -1.63 20.44
C SER A 188 -37.93 -1.23 21.61
N ASN A 189 -38.82 -0.26 21.36
CA ASN A 189 -39.64 0.26 22.45
C ASN A 189 -40.58 -0.80 23.00
N ALA A 190 -41.08 -1.69 22.14
CA ALA A 190 -42.00 -2.72 22.59
C ALA A 190 -41.34 -3.63 23.64
N ALA A 191 -40.11 -4.05 23.37
CA ALA A 191 -39.43 -4.95 24.29
C ALA A 191 -38.98 -4.23 25.56
N LYS A 192 -38.54 -2.98 25.44
CA LYS A 192 -38.15 -2.24 26.63
C LYS A 192 -39.35 -2.07 27.57
N ASP A 193 -40.54 -1.89 26.99
CA ASP A 193 -41.76 -1.84 27.80
C ASP A 193 -41.97 -3.17 28.53
N LEU A 194 -41.72 -4.29 27.85
CA LEU A 194 -41.88 -5.58 28.51
C LEU A 194 -40.89 -5.73 29.66
N MET A 195 -39.65 -5.31 29.45
CA MET A 195 -38.67 -5.35 30.52
C MET A 195 -39.10 -4.49 31.70
N ASP A 196 -39.75 -3.37 31.41
CA ASP A 196 -40.29 -2.53 32.48
C ASP A 196 -41.41 -3.24 33.23
N LYS A 197 -42.31 -3.91 32.51
CA LYS A 197 -43.34 -4.67 33.17
C LYS A 197 -42.74 -5.78 34.04
N VAL A 198 -41.66 -6.42 33.54
CA VAL A 198 -40.95 -7.38 34.37
C VAL A 198 -40.33 -6.68 35.56
N LYS A 199 -39.85 -5.45 35.36
CA LYS A 199 -39.36 -4.65 36.48
C LYS A 199 -40.43 -4.44 37.53
N LYS A 200 -41.68 -4.24 37.11
CA LYS A 200 -42.75 -4.11 38.08
C LYS A 200 -42.94 -5.41 38.85
N LYS A 201 -42.63 -6.56 38.23
CA LYS A 201 -42.67 -7.83 38.93
C LYS A 201 -41.52 -7.98 39.91
N LEU A 202 -40.44 -7.22 39.73
CA LEU A 202 -39.28 -7.34 40.61
C LEU A 202 -39.48 -6.61 41.93
N LYS A 203 -40.31 -5.58 41.96
CA LYS A 203 -40.51 -4.84 43.20
C LYS A 203 -41.03 -5.72 44.33
N PRO A 204 -42.09 -6.52 44.14
CA PRO A 204 -42.53 -7.39 45.25
C PRO A 204 -41.47 -8.38 45.69
N LEU A 205 -40.62 -8.86 44.76
CA LEU A 205 -39.64 -9.88 45.11
C LEU A 205 -38.75 -9.41 46.26
N LEU A 206 -38.40 -8.13 46.28
CA LEU A 206 -37.53 -7.59 47.32
C LEU A 206 -38.30 -7.14 48.55
N ARG A 207 -39.61 -6.96 48.44
CA ARG A 207 -40.43 -6.48 49.53
C ARG A 207 -40.99 -7.64 50.34
N GLU A 208 -41.72 -7.31 51.41
CA GLU A 208 -42.33 -8.29 52.31
C GLU A 208 -41.33 -9.38 52.69
N GLY A 209 -41.66 -10.65 52.41
CA GLY A 209 -40.84 -11.76 52.87
C GLY A 209 -40.62 -12.87 51.86
N LYS A 210 -40.50 -12.52 50.58
CA LYS A 210 -40.25 -13.52 49.56
C LYS A 210 -38.93 -14.22 49.81
N GLU A 211 -38.87 -15.51 49.47
CA GLU A 211 -37.69 -16.32 49.69
C GLU A 211 -37.20 -16.88 48.35
N ALA A 212 -37.21 -16.07 47.30
CA ALA A 212 -36.73 -16.47 45.97
C ALA A 212 -37.10 -17.93 45.65
N PRO A 213 -38.37 -18.25 45.54
CA PRO A 213 -38.78 -19.67 45.49
C PRO A 213 -38.06 -20.42 44.38
N PRO A 214 -38.09 -19.94 43.13
CA PRO A 214 -37.29 -20.62 42.09
C PRO A 214 -35.82 -20.27 42.22
N GLN A 215 -35.00 -20.69 41.25
CA GLN A 215 -33.58 -20.38 41.31
C GLN A 215 -33.34 -18.88 41.55
N PHE A 216 -34.02 -18.03 40.78
CA PHE A 216 -33.91 -16.59 40.89
C PHE A 216 -32.47 -16.11 41.11
N ALA A 217 -31.51 -16.78 40.50
CA ALA A 217 -30.09 -16.39 40.55
C ALA A 217 -29.72 -15.83 41.91
N TRP A 218 -30.07 -16.57 42.97
CA TRP A 218 -29.90 -16.07 44.32
C TRP A 218 -29.03 -17.02 45.13
N PRO A 219 -28.06 -16.51 45.91
CA PRO A 219 -27.22 -17.42 46.70
C PRO A 219 -28.02 -18.03 47.85
N SER A 220 -27.89 -19.36 47.99
CA SER A 220 -28.59 -20.04 49.08
C SER A 220 -28.08 -19.58 50.44
N LYS A 221 -26.80 -19.21 50.53
CA LYS A 221 -26.25 -18.77 51.81
C LYS A 221 -26.89 -17.47 52.27
N MET A 222 -27.40 -16.67 51.34
CA MET A 222 -27.94 -15.36 51.67
C MET A 222 -29.33 -15.47 52.29
N PRO A 223 -29.69 -14.55 53.19
CA PRO A 223 -31.04 -14.55 53.75
C PRO A 223 -32.09 -14.05 52.77
N GLU A 224 -33.31 -13.82 53.26
CA GLU A 224 -34.40 -13.32 52.44
C GLU A 224 -33.94 -12.08 51.68
N PRO A 225 -34.42 -11.85 50.46
CA PRO A 225 -34.04 -10.60 49.77
C PRO A 225 -34.43 -9.37 50.56
N TYR A 226 -35.48 -9.46 51.38
CA TYR A 226 -35.88 -8.34 52.22
C TYR A 226 -34.91 -8.14 53.37
N LEU A 227 -34.23 -9.20 53.82
CA LEU A 227 -33.20 -9.03 54.84
C LEU A 227 -31.92 -8.47 54.24
N VAL A 228 -31.53 -8.94 53.05
CA VAL A 228 -30.34 -8.43 52.40
C VAL A 228 -30.50 -6.95 52.10
N ILE A 229 -31.65 -6.56 51.54
CA ILE A 229 -31.88 -5.16 51.23
C ILE A 229 -31.83 -4.32 52.49
N LYS A 230 -32.37 -4.84 53.59
CA LYS A 230 -32.37 -4.09 54.84
C LYS A 230 -30.95 -3.88 55.36
N ARG A 231 -30.09 -4.88 55.23
CA ARG A 231 -28.72 -4.74 55.73
C ARG A 231 -27.94 -3.73 54.88
N VAL A 232 -28.14 -3.74 53.56
CA VAL A 232 -27.43 -2.82 52.69
C VAL A 232 -27.70 -1.38 53.12
N VAL A 233 -28.96 -1.06 53.38
CA VAL A 233 -29.32 0.30 53.80
C VAL A 233 -28.55 0.68 55.06
N GLU A 234 -28.43 -0.25 56.00
CA GLU A 234 -27.68 0.03 57.23
C GLU A 234 -26.23 0.36 56.91
N LEU A 235 -25.60 -0.39 55.99
CA LEU A 235 -24.23 -0.09 55.61
C LEU A 235 -24.14 1.26 54.90
N MET A 236 -25.10 1.59 54.05
CA MET A 236 -25.08 2.87 53.36
C MET A 236 -25.18 4.02 54.37
N ASN A 237 -26.14 3.94 55.29
CA ASN A 237 -26.23 4.94 56.34
C ASN A 237 -24.95 4.99 57.17
N TYR A 238 -24.27 3.85 57.34
CA TYR A 238 -23.00 3.84 58.06
C TYR A 238 -21.93 4.63 57.31
N HIS A 239 -21.74 4.32 56.02
CA HIS A 239 -20.64 4.93 55.27
C HIS A 239 -20.87 6.41 55.03
N LYS A 240 -22.12 6.81 54.80
CA LYS A 240 -22.40 8.23 54.60
C LYS A 240 -21.99 9.05 55.82
N LYS A 241 -22.22 8.52 57.02
CA LYS A 241 -21.74 9.19 58.22
C LYS A 241 -20.22 9.20 58.27
N ILE A 242 -19.57 8.10 57.85
CA ILE A 242 -18.12 8.10 57.77
C ILE A 242 -17.64 9.15 56.78
N MET A 243 -18.30 9.24 55.62
CA MET A 243 -17.95 10.26 54.65
C MET A 243 -18.06 11.65 55.26
N ASP A 244 -19.19 11.95 55.91
CA ASP A 244 -19.35 13.26 56.53
C ASP A 244 -18.27 13.52 57.56
N ASN A 245 -17.97 12.53 58.41
CA ASN A 245 -16.92 12.70 59.41
C ASN A 245 -15.58 12.95 58.74
N ASN A 246 -15.28 12.24 57.65
CA ASN A 246 -14.01 12.44 56.97
C ASN A 246 -13.97 13.78 56.24
N PHE A 247 -15.11 14.23 55.70
CA PHE A 247 -15.17 15.57 55.12
C PHE A 247 -14.90 16.64 56.17
N ALA A 248 -15.44 16.45 57.38
CA ALA A 248 -15.34 17.48 58.41
C ALA A 248 -13.94 17.56 59.02
N LYS A 249 -13.19 16.45 59.02
CA LYS A 249 -11.90 16.38 59.70
C LYS A 249 -10.71 16.45 58.76
N LYS A 250 -10.77 15.74 57.63
CA LYS A 250 -9.62 15.57 56.74
C LYS A 250 -9.69 16.52 55.56
N ASP A 251 -8.54 16.65 54.87
CA ASP A 251 -8.44 17.43 53.65
C ASP A 251 -8.90 16.57 52.48
N VAL A 252 -10.08 16.87 51.94
CA VAL A 252 -10.66 16.02 50.91
C VAL A 252 -9.95 16.20 49.58
N ASN A 253 -9.39 17.38 49.31
CA ASN A 253 -8.71 17.62 48.05
C ASN A 253 -7.37 16.88 47.95
N SER A 254 -6.90 16.28 49.03
CA SER A 254 -5.64 15.55 49.04
C SER A 254 -5.83 14.05 49.24
N MET A 255 -7.05 13.55 49.11
CA MET A 255 -7.32 12.13 49.29
C MET A 255 -7.06 11.29 48.05
N GLN A 256 -6.89 11.92 46.88
CA GLN A 256 -6.53 11.19 45.68
C GLN A 256 -5.71 12.11 44.77
N THR A 257 -4.58 11.59 44.29
CA THR A 257 -3.66 12.38 43.49
C THR A 257 -4.03 12.41 42.01
N ARG A 258 -4.98 11.59 41.56
CA ARG A 258 -5.32 11.50 40.15
C ARG A 258 -6.83 11.46 40.00
N TRP A 259 -7.36 12.35 39.16
CA TRP A 259 -8.78 12.41 38.84
C TRP A 259 -8.95 12.32 37.34
N CYS A 260 -9.70 11.32 36.88
CA CYS A 260 -10.01 11.16 35.47
C CYS A 260 -11.42 11.68 35.19
N THR A 261 -11.73 11.83 33.91
CA THR A 261 -13.07 12.20 33.46
C THR A 261 -13.54 13.50 34.09
N SER A 262 -12.60 14.36 34.48
CA SER A 262 -12.90 15.68 35.03
C SER A 262 -13.64 15.62 36.36
N GLU A 263 -13.54 14.50 37.07
CA GLU A 263 -14.19 14.37 38.35
C GLU A 263 -13.35 15.03 39.45
N ASP A 264 -14.03 15.38 40.54
CA ASP A 264 -13.37 15.98 41.70
C ASP A 264 -14.18 15.60 42.93
N PRO A 265 -13.69 15.93 44.13
CA PRO A 265 -14.39 15.48 45.34
C PRO A 265 -15.85 15.91 45.40
N SER A 266 -16.21 17.06 44.83
CA SER A 266 -17.59 17.50 44.87
C SER A 266 -18.49 16.57 44.08
N LEU A 267 -18.13 16.28 42.83
CA LEU A 267 -18.94 15.36 42.02
C LEU A 267 -18.99 13.98 42.67
N PHE A 268 -17.87 13.53 43.24
CA PHE A 268 -17.88 12.28 43.98
C PHE A 268 -18.92 12.32 45.10
N LYS A 269 -18.93 13.41 45.87
CA LYS A 269 -19.90 13.54 46.94
C LYS A 269 -21.32 13.50 46.40
N GLU A 270 -21.55 14.13 45.25
CA GLU A 270 -22.91 14.18 44.70
C GLU A 270 -23.41 12.79 44.31
N ARG A 271 -22.56 11.98 43.67
CA ARG A 271 -22.95 10.62 43.33
C ARG A 271 -23.46 9.87 44.56
N TRP A 272 -22.68 9.89 45.63
CA TRP A 272 -23.01 9.12 46.81
C TRP A 272 -24.12 9.75 47.64
N ASP A 273 -24.16 11.09 47.69
CA ASP A 273 -25.26 11.75 48.37
C ASP A 273 -26.60 11.32 47.78
N LYS A 274 -26.68 11.22 46.45
CA LYS A 274 -27.90 10.73 45.82
C LYS A 274 -28.16 9.27 46.18
N LEU A 275 -27.12 8.43 46.09
CA LEU A 275 -27.29 7.02 46.41
C LEU A 275 -27.68 6.83 47.87
N PHE A 276 -27.04 7.57 48.78
CA PHE A 276 -27.39 7.47 50.19
C PHE A 276 -28.86 7.84 50.41
N LYS A 277 -29.35 8.85 49.68
CA LYS A 277 -30.75 9.21 49.79
C LYS A 277 -31.65 8.08 49.32
N GLU A 278 -31.26 7.40 48.25
CA GLU A 278 -32.05 6.29 47.70
C GLU A 278 -31.89 5.01 48.50
N PHE A 279 -30.88 4.92 49.36
CA PHE A 279 -30.60 3.72 50.15
C PHE A 279 -30.53 4.08 51.64
N ASN A 280 -31.52 4.84 52.10
CA ASN A 280 -31.68 5.14 53.51
C ASN A 280 -32.96 4.55 54.10
N ASN A 281 -33.71 3.77 53.31
CA ASN A 281 -34.93 3.15 53.79
C ASN A 281 -35.11 1.83 53.02
N ALA A 282 -34.96 0.71 53.73
CA ALA A 282 -35.02 -0.59 53.07
C ALA A 282 -36.38 -0.82 52.42
N GLU A 283 -37.45 -0.41 53.10
CA GLU A 283 -38.79 -0.60 52.59
C GLU A 283 -39.14 0.33 51.44
N LYS A 284 -38.19 1.15 50.99
CA LYS A 284 -38.38 2.04 49.85
C LYS A 284 -37.37 1.83 48.73
N VAL A 285 -36.36 0.99 48.94
CA VAL A 285 -35.34 0.77 47.92
C VAL A 285 -36.03 0.29 46.65
N ASP A 286 -35.81 1.01 45.56
CA ASP A 286 -36.39 0.65 44.27
C ASP A 286 -35.47 -0.33 43.54
N PRO A 287 -35.98 -1.47 43.07
CA PRO A 287 -35.09 -2.45 42.42
C PRO A 287 -34.30 -1.88 41.26
N SER A 288 -34.88 -0.95 40.50
CA SER A 288 -34.13 -0.35 39.40
C SER A 288 -32.95 0.46 39.91
N LYS A 289 -33.04 0.99 41.13
CA LYS A 289 -31.95 1.75 41.72
C LYS A 289 -30.88 0.86 42.35
N ILE A 290 -31.16 -0.44 42.52
CA ILE A 290 -30.12 -1.36 42.96
C ILE A 290 -29.04 -1.46 41.90
N SER A 291 -29.42 -1.57 40.63
CA SER A 291 -28.44 -1.60 39.55
C SER A 291 -27.66 -0.29 39.50
N GLU A 292 -28.29 0.83 39.88
CA GLU A 292 -27.58 2.10 39.90
C GLU A 292 -26.46 2.08 40.93
N LEU A 293 -26.74 1.58 42.13
CA LEU A 293 -25.72 1.53 43.17
C LEU A 293 -24.53 0.70 42.73
N TYR A 294 -24.78 -0.48 42.15
CA TYR A 294 -23.69 -1.37 41.78
C TYR A 294 -22.80 -0.76 40.70
N ASP A 295 -23.39 -0.04 39.75
CA ASP A 295 -22.59 0.57 38.70
C ASP A 295 -21.64 1.62 39.26
N THR A 296 -22.12 2.44 40.18
CA THR A 296 -21.24 3.45 40.79
C THR A 296 -20.13 2.79 41.58
N MET A 297 -20.42 1.67 42.24
CA MET A 297 -19.40 0.98 43.02
C MET A 297 -18.29 0.46 42.12
N LYS A 298 -18.65 -0.09 40.95
CA LYS A 298 -17.62 -0.55 40.02
C LYS A 298 -16.78 0.61 39.50
N TYR A 299 -17.42 1.73 39.16
CA TYR A 299 -16.68 2.85 38.60
C TYR A 299 -15.65 3.41 39.59
N ASP A 300 -16.09 3.72 40.81
CA ASP A 300 -15.17 4.27 41.80
C ASP A 300 -14.11 3.26 42.18
N ALA A 301 -14.48 1.99 42.30
CA ALA A 301 -13.49 0.95 42.58
C ALA A 301 -12.51 0.78 41.45
N LEU A 302 -12.79 1.35 40.28
CA LEU A 302 -11.88 1.32 39.13
C LEU A 302 -11.15 2.63 38.92
N HIS A 303 -11.83 3.76 39.11
CA HIS A 303 -11.27 5.06 38.77
C HIS A 303 -11.00 5.97 39.96
N ASN A 304 -11.55 5.67 41.14
CA ASN A 304 -11.41 6.55 42.29
C ASN A 304 -11.21 5.73 43.57
N ARG A 305 -10.35 4.71 43.51
CA ARG A 305 -10.11 3.91 44.72
C ARG A 305 -9.42 4.73 45.81
N GLN A 306 -8.43 5.55 45.44
CA GLN A 306 -7.73 6.35 46.44
C GLN A 306 -8.69 7.21 47.25
N PHE A 307 -9.49 8.02 46.57
CA PHE A 307 -10.46 8.86 47.26
C PHE A 307 -11.49 8.00 48.00
N LEU A 308 -11.93 6.91 47.37
CA LEU A 308 -12.91 6.03 48.00
C LEU A 308 -12.41 5.51 49.33
N GLU A 309 -11.14 5.07 49.38
CA GLU A 309 -10.58 4.54 50.62
C GLU A 309 -10.58 5.59 51.72
N ASN A 310 -10.02 6.77 51.44
CA ASN A 310 -9.86 7.77 52.49
C ASN A 310 -11.20 8.36 52.90
N ILE A 311 -12.09 8.62 51.94
CA ILE A 311 -13.36 9.25 52.27
C ILE A 311 -14.27 8.32 53.04
N PHE A 312 -14.04 7.00 52.95
CA PHE A 312 -14.78 6.01 53.72
C PHE A 312 -13.90 5.34 54.78
N ASP A 313 -12.76 5.94 55.11
CA ASP A 313 -11.89 5.37 56.12
C ASP A 313 -12.47 5.66 57.50
N PRO A 314 -12.82 4.62 58.29
CA PRO A 314 -13.41 4.88 59.61
C PRO A 314 -12.40 5.37 60.64
N GLY A 315 -11.17 5.66 60.21
CA GLY A 315 -10.14 6.13 61.11
C GLY A 315 -9.31 5.01 61.71
N LEU A 316 -8.21 5.40 62.34
CA LEU A 316 -7.28 4.47 62.93
C LEU A 316 -7.66 4.16 64.36
N PRO A 317 -7.22 3.03 64.91
CA PRO A 317 -7.51 2.73 66.31
C PRO A 317 -6.83 3.70 67.25
N ASN A 318 -5.53 3.89 67.07
CA ASN A 318 -4.72 4.78 67.92
C ASN A 318 -5.24 4.91 69.34
N SER A 385 -3.40 1.62 52.28
CA SER A 385 -3.43 1.83 50.83
C SER A 385 -4.26 0.75 50.15
N GLN A 386 -5.16 0.15 50.90
CA GLN A 386 -5.97 -0.96 50.42
C GLN A 386 -7.21 -1.06 51.30
N PHE A 387 -8.22 -1.74 50.77
CA PHE A 387 -9.47 -1.96 51.50
C PHE A 387 -9.44 -3.26 52.29
N ASP A 388 -8.26 -3.83 52.53
CA ASP A 388 -8.11 -5.11 53.21
C ASP A 388 -7.74 -4.89 54.67
N GLU A 389 -8.73 -4.49 55.47
CA GLU A 389 -8.53 -4.29 56.90
C GLU A 389 -9.84 -4.61 57.61
N PRO A 390 -9.78 -5.09 58.86
CA PRO A 390 -11.04 -5.25 59.60
C PRO A 390 -11.75 -3.93 59.75
N ARG A 391 -10.99 -2.83 59.74
CA ARG A 391 -11.58 -1.50 59.76
C ARG A 391 -12.49 -1.31 58.56
N PHE A 392 -12.07 -1.81 57.40
CA PHE A 392 -12.82 -1.71 56.16
C PHE A 392 -13.74 -2.91 55.92
N MET A 393 -14.11 -3.63 57.00
CA MET A 393 -14.99 -4.77 56.84
C MET A 393 -16.41 -4.33 56.49
N GLN A 394 -16.88 -3.23 57.09
CA GLN A 394 -18.21 -2.74 56.75
C GLN A 394 -18.33 -2.45 55.26
N LEU A 395 -17.22 -2.14 54.60
CA LEU A 395 -17.28 -1.79 53.18
C LEU A 395 -17.35 -3.05 52.31
N ARG A 396 -16.51 -4.05 52.61
CA ARG A 396 -16.49 -5.25 51.78
C ARG A 396 -17.83 -5.98 51.83
N GLU A 397 -18.43 -6.08 53.03
CA GLU A 397 -19.75 -6.69 53.12
C GLU A 397 -20.76 -5.91 52.30
N LEU A 398 -20.72 -4.58 52.37
CA LEU A 398 -21.62 -3.77 51.55
C LEU A 398 -21.43 -4.09 50.07
N TYR A 399 -20.18 -4.26 49.63
CA TYR A 399 -19.92 -4.63 48.24
C TYR A 399 -20.52 -6.00 47.93
N LYS A 400 -20.31 -6.97 48.82
CA LYS A 400 -20.84 -8.31 48.57
C LYS A 400 -22.35 -8.31 48.51
N LEU A 401 -22.99 -7.59 49.42
CA LEU A 401 -24.46 -7.53 49.43
C LEU A 401 -25.00 -6.87 48.17
N ALA A 402 -24.33 -5.81 47.70
CA ALA A 402 -24.76 -5.15 46.47
C ALA A 402 -24.62 -6.09 45.28
N LYS A 403 -23.53 -6.85 45.23
CA LYS A 403 -23.33 -7.80 44.14
C LYS A 403 -24.46 -8.83 44.11
N VAL A 404 -24.83 -9.36 45.28
CA VAL A 404 -25.90 -10.35 45.33
C VAL A 404 -27.20 -9.76 44.77
N LEU A 405 -27.56 -8.57 45.23
CA LEU A 405 -28.82 -7.96 44.78
C LEU A 405 -28.76 -7.63 43.30
N PHE A 406 -27.59 -7.21 42.81
CA PHE A 406 -27.47 -6.91 41.39
C PHE A 406 -27.58 -8.19 40.55
N ASP A 407 -27.06 -9.30 41.06
CA ASP A 407 -27.12 -10.58 40.36
C ASP A 407 -28.49 -11.23 40.46
N PHE A 408 -29.40 -10.70 41.27
CA PHE A 408 -30.74 -11.23 41.43
C PHE A 408 -31.80 -10.34 40.80
N ILE A 409 -31.43 -9.14 40.37
CA ILE A 409 -32.37 -8.20 39.73
C ILE A 409 -32.08 -8.06 38.25
N CYS A 410 -30.84 -7.71 37.89
CA CYS A 410 -30.52 -7.43 36.49
C CYS A 410 -30.86 -8.60 35.56
N PRO A 411 -30.48 -9.84 35.86
CA PRO A 411 -30.88 -10.94 34.97
C PRO A 411 -32.37 -11.07 34.82
N LYS A 412 -33.14 -10.69 35.85
CA LYS A 412 -34.58 -10.80 35.82
C LYS A 412 -35.26 -9.58 35.21
N GLU A 413 -34.51 -8.52 34.90
CA GLU A 413 -35.08 -7.42 34.14
C GLU A 413 -35.42 -7.84 32.72
N TYR A 414 -34.77 -8.89 32.21
CA TYR A 414 -35.02 -9.40 30.87
C TYR A 414 -35.97 -10.60 30.87
N GLY A 415 -36.84 -10.68 31.88
CA GLY A 415 -37.78 -11.79 32.00
C GLY A 415 -37.49 -12.61 33.25
N ILE A 416 -38.55 -12.85 34.02
CA ILE A 416 -38.44 -13.70 35.21
C ILE A 416 -38.79 -15.15 34.89
N SER A 417 -39.87 -15.36 34.15
CA SER A 417 -40.29 -16.69 33.75
C SER A 417 -39.67 -17.05 32.40
N ASP A 418 -39.58 -18.35 32.14
CA ASP A 418 -39.03 -18.81 30.86
C ASP A 418 -39.78 -18.18 29.69
N ALA A 419 -41.11 -18.10 29.79
CA ALA A 419 -41.88 -17.46 28.74
C ALA A 419 -41.53 -15.97 28.63
N GLU A 420 -41.41 -15.28 29.77
CA GLU A 420 -40.99 -13.89 29.74
C GLU A 420 -39.56 -13.77 29.25
N LYS A 421 -38.65 -14.57 29.82
CA LYS A 421 -37.28 -14.61 29.31
C LYS A 421 -37.27 -14.97 27.84
N LEU A 422 -38.23 -15.78 27.39
CA LEU A 422 -38.33 -16.13 25.98
C LEU A 422 -38.96 -15.00 25.17
N ASP A 423 -40.10 -14.49 25.63
CA ASP A 423 -40.78 -13.42 24.90
C ASP A 423 -39.86 -12.21 24.72
N ILE A 424 -39.24 -11.77 25.81
CA ILE A 424 -38.25 -10.70 25.71
C ILE A 424 -37.09 -11.14 24.84
N GLY A 425 -36.71 -12.41 24.94
CA GLY A 425 -35.60 -12.90 24.13
C GLY A 425 -35.84 -12.72 22.65
N LEU A 426 -37.05 -13.03 22.18
CA LEU A 426 -37.34 -12.96 20.76
C LEU A 426 -37.54 -11.51 20.31
N LEU A 427 -38.42 -10.78 20.98
CA LEU A 427 -38.72 -9.42 20.55
C LEU A 427 -37.47 -8.58 20.37
N THR A 428 -36.40 -8.88 21.12
CA THR A 428 -35.17 -8.10 21.09
C THR A 428 -34.16 -8.66 20.10
N SER A 429 -33.88 -9.97 20.17
CA SER A 429 -32.77 -10.57 19.46
C SER A 429 -33.19 -11.57 18.40
N LEU A 430 -34.44 -11.53 17.96
CA LEU A 430 -34.85 -12.38 16.85
C LEU A 430 -34.06 -12.09 15.59
N PRO A 431 -33.87 -10.83 15.17
CA PRO A 431 -33.04 -10.59 13.97
C PRO A 431 -31.61 -11.05 14.13
N LEU A 432 -30.97 -10.69 15.24
CA LEU A 432 -29.57 -11.06 15.46
C LEU A 432 -29.39 -12.57 15.40
N ALA A 433 -30.30 -13.33 15.99
CA ALA A 433 -30.20 -14.78 15.98
C ALA A 433 -30.21 -15.31 14.54
N LYS A 434 -31.11 -14.80 13.70
CA LYS A 434 -31.18 -15.26 12.32
C LYS A 434 -29.87 -14.99 11.59
N GLN A 435 -29.33 -13.79 11.77
CA GLN A 435 -28.12 -13.41 11.04
C GLN A 435 -26.95 -14.33 11.41
N ILE A 436 -26.83 -14.69 12.68
CA ILE A 436 -25.73 -15.56 13.11
C ILE A 436 -25.81 -16.89 12.38
N LEU A 437 -27.00 -17.48 12.31
CA LEU A 437 -27.15 -18.74 11.58
C LEU A 437 -26.74 -18.59 10.12
N ASN A 438 -27.11 -17.46 9.50
CA ASN A 438 -26.75 -17.23 8.11
C ASN A 438 -25.24 -17.09 7.95
N ASP A 439 -24.58 -16.41 8.89
CA ASP A 439 -23.13 -16.29 8.81
C ASP A 439 -22.46 -17.65 8.89
N ILE A 440 -22.91 -18.49 9.82
CA ILE A 440 -22.38 -19.85 9.89
C ILE A 440 -22.67 -20.59 8.59
N GLY A 441 -23.87 -20.39 8.04
CA GLY A 441 -24.17 -20.98 6.75
C GLY A 441 -23.22 -20.50 5.66
N ASP A 442 -22.88 -19.21 5.68
CA ASP A 442 -21.92 -18.69 4.71
C ASP A 442 -20.55 -19.33 4.90
N MET A 443 -20.08 -19.40 6.15
CA MET A 443 -18.77 -19.96 6.43
C MET A 443 -18.67 -21.41 5.97
N LYS A 444 -19.74 -22.18 6.15
CA LYS A 444 -19.74 -23.58 5.72
C LYS A 444 -19.71 -23.69 4.21
N ASN A 445 -20.57 -22.93 3.52
CA ASN A 445 -20.64 -23.04 2.07
C ASN A 445 -19.40 -22.46 1.40
N ARG A 446 -18.81 -21.42 1.98
CA ARG A 446 -17.59 -20.83 1.48
C ARG A 446 -16.40 -21.58 2.09
N GLU A 447 -15.58 -22.18 1.23
CA GLU A 447 -14.45 -22.96 1.72
C GLU A 447 -13.48 -22.12 2.54
N THR A 448 -13.53 -20.80 2.39
CA THR A 448 -12.62 -19.91 3.12
C THR A 448 -13.21 -19.56 4.47
N PRO A 449 -12.53 -19.86 5.58
CA PRO A 449 -13.05 -19.43 6.88
C PRO A 449 -13.14 -17.92 7.00
N ALA A 450 -14.08 -17.47 7.84
CA ALA A 450 -14.34 -16.05 8.02
C ALA A 450 -14.75 -15.80 9.46
N CYS A 451 -14.91 -14.52 9.78
CA CYS A 451 -15.35 -14.10 11.11
C CYS A 451 -16.23 -12.87 10.98
N VAL A 452 -17.30 -12.82 11.77
CA VAL A 452 -18.22 -11.69 11.80
C VAL A 452 -18.44 -11.29 13.25
N ALA A 453 -18.23 -10.00 13.55
CA ALA A 453 -18.36 -9.46 14.89
C ALA A 453 -19.51 -8.47 14.94
N TYR A 454 -20.36 -8.61 15.95
CA TYR A 454 -21.47 -7.68 16.19
C TYR A 454 -21.25 -7.00 17.53
N PHE A 455 -21.24 -5.67 17.52
CA PHE A 455 -21.13 -4.88 18.75
C PHE A 455 -22.51 -4.35 19.11
N THR A 456 -22.98 -4.72 20.31
CA THR A 456 -24.34 -4.43 20.72
C THR A 456 -24.33 -4.01 22.18
N LYS A 457 -25.46 -3.44 22.61
CA LYS A 457 -25.61 -3.05 24.00
C LYS A 457 -25.77 -4.29 24.88
N GLU A 458 -25.81 -4.07 26.19
CA GLU A 458 -25.87 -5.17 27.13
C GLU A 458 -27.16 -5.97 27.00
N SER A 459 -28.26 -5.29 26.65
CA SER A 459 -29.57 -5.95 26.67
C SER A 459 -29.61 -7.11 25.69
N HIS A 460 -29.04 -6.93 24.49
CA HIS A 460 -29.11 -7.98 23.48
C HIS A 460 -28.33 -9.22 23.91
N ILE A 461 -27.30 -9.05 24.73
CA ILE A 461 -26.50 -10.20 25.17
C ILE A 461 -27.35 -11.12 26.04
N TYR A 462 -28.01 -10.58 27.07
CA TYR A 462 -28.87 -11.38 27.92
C TYR A 462 -29.97 -12.05 27.09
N THR A 463 -30.68 -11.26 26.27
CA THR A 463 -31.83 -11.79 25.55
C THR A 463 -31.42 -12.87 24.57
N LEU A 464 -30.34 -12.65 23.82
CA LEU A 464 -29.86 -13.69 22.91
C LEU A 464 -29.43 -14.91 23.70
N LEU A 465 -28.78 -14.71 24.85
CA LEU A 465 -28.45 -15.82 25.72
C LEU A 465 -29.71 -16.56 26.17
N ASN A 466 -30.78 -15.82 26.45
CA ASN A 466 -32.04 -16.46 26.81
C ASN A 466 -32.56 -17.34 25.69
N ILE A 467 -32.49 -16.86 24.44
CA ILE A 467 -32.89 -17.68 23.30
C ILE A 467 -32.11 -18.98 23.29
N ILE A 468 -30.81 -18.90 23.56
CA ILE A 468 -29.96 -20.10 23.52
C ILE A 468 -30.44 -21.12 24.55
N TYR A 469 -30.68 -20.67 25.78
CA TYR A 469 -31.14 -21.59 26.82
C TYR A 469 -32.55 -22.06 26.57
N GLU A 470 -33.45 -21.16 26.17
CA GLU A 470 -34.84 -21.55 25.92
C GLU A 470 -35.00 -22.38 24.65
N SER A 471 -33.93 -22.59 23.89
CA SER A 471 -34.00 -23.46 22.72
C SER A 471 -33.92 -24.94 23.08
N GLY A 472 -33.63 -25.27 24.34
CA GLY A 472 -33.49 -26.65 24.75
C GLY A 472 -32.17 -27.29 24.40
N ILE A 473 -31.19 -26.52 23.95
CA ILE A 473 -29.90 -27.08 23.54
C ILE A 473 -29.16 -27.58 24.78
N PRO A 474 -28.51 -28.74 24.73
CA PRO A 474 -27.73 -29.19 25.90
C PRO A 474 -26.63 -28.20 26.22
N MET A 475 -26.59 -27.78 27.49
CA MET A 475 -25.63 -26.77 27.94
C MET A 475 -24.55 -27.41 28.79
N ARG A 476 -23.36 -26.81 28.74
CA ARG A 476 -22.26 -27.18 29.62
C ARG A 476 -22.25 -26.38 30.91
N ILE A 477 -22.96 -25.25 30.95
CA ILE A 477 -23.00 -24.38 32.11
C ILE A 477 -24.44 -23.90 32.30
N ALA A 478 -24.91 -23.90 33.55
CA ALA A 478 -26.27 -23.48 33.86
C ALA A 478 -26.40 -21.97 33.76
N ARG A 479 -27.61 -21.52 33.42
CA ARG A 479 -27.86 -20.09 33.28
C ARG A 479 -27.55 -19.35 34.57
N ASN A 480 -27.99 -19.88 35.71
CA ASN A 480 -27.73 -19.23 36.99
C ASN A 480 -26.24 -19.17 37.29
N ALA A 481 -25.49 -20.20 36.87
CA ALA A 481 -24.06 -20.25 37.15
C ALA A 481 -23.25 -19.29 36.30
N LEU A 482 -23.87 -18.66 35.32
CA LEU A 482 -23.12 -17.78 34.42
C LEU A 482 -22.66 -16.54 35.19
N PRO A 483 -21.43 -16.08 34.97
CA PRO A 483 -20.99 -14.84 35.62
C PRO A 483 -21.71 -13.62 35.05
N GLU A 484 -21.51 -12.49 35.71
CA GLU A 484 -22.10 -11.24 35.25
C GLU A 484 -21.65 -10.94 33.82
N LEU A 485 -22.60 -10.54 32.98
CA LEU A 485 -22.30 -10.11 31.61
C LEU A 485 -21.81 -8.66 31.66
N ASP A 486 -20.53 -8.51 31.95
CA ASP A 486 -19.93 -7.21 32.17
C ASP A 486 -19.50 -6.60 30.82
N TYR A 487 -18.73 -5.53 30.87
CA TYR A 487 -18.31 -4.86 29.65
C TYR A 487 -17.40 -5.77 28.83
N LEU A 488 -17.59 -5.74 27.50
CA LEU A 488 -16.90 -6.61 26.57
C LEU A 488 -17.26 -8.08 26.80
N SER A 489 -18.45 -8.34 27.33
CA SER A 489 -18.95 -9.72 27.35
C SER A 489 -19.13 -10.20 25.91
N GLN A 490 -18.83 -11.48 25.68
CA GLN A 490 -18.82 -12.04 24.34
C GLN A 490 -19.59 -13.34 24.29
N ILE A 491 -20.32 -13.54 23.19
CA ILE A 491 -20.92 -14.82 22.86
C ILE A 491 -20.41 -15.22 21.49
N THR A 492 -19.93 -16.45 21.37
CA THR A 492 -19.29 -16.93 20.16
C THR A 492 -20.02 -18.16 19.62
N PHE A 493 -20.10 -18.25 18.30
CA PHE A 493 -20.60 -19.42 17.59
C PHE A 493 -19.47 -19.89 16.69
N GLU A 494 -18.58 -20.72 17.25
CA GLU A 494 -17.41 -21.17 16.52
C GLU A 494 -17.76 -22.36 15.65
N LEU A 495 -17.43 -22.26 14.36
CA LEU A 495 -17.70 -23.32 13.42
C LEU A 495 -16.43 -24.12 13.17
N TYR A 496 -16.59 -25.44 13.09
CA TYR A 496 -15.47 -26.33 12.84
C TYR A 496 -15.85 -27.33 11.76
N GLU A 497 -14.96 -28.29 11.50
CA GLU A 497 -15.25 -29.41 10.64
C GLU A 497 -14.93 -30.67 11.43
N SER A 498 -15.62 -31.76 11.10
CA SER A 498 -15.47 -33.01 11.82
C SER A 498 -14.42 -33.82 11.09
N THR A 499 -13.22 -33.89 11.68
CA THR A 499 -12.07 -34.48 11.00
C THR A 499 -12.07 -35.98 11.29
N ASP A 500 -12.04 -36.77 10.21
CA ASP A 500 -12.17 -38.21 10.31
C ASP A 500 -11.20 -38.82 9.30
N ALA A 501 -11.43 -40.09 8.96
CA ALA A 501 -10.72 -40.78 7.89
C ALA A 501 -11.66 -41.07 6.72
N SER A 502 -12.86 -40.47 6.75
CA SER A 502 -13.82 -40.53 5.67
C SER A 502 -14.18 -39.09 5.32
N GLY A 503 -14.39 -38.82 4.05
CA GLY A 503 -14.63 -37.47 3.60
C GLY A 503 -15.97 -36.93 4.06
N GLN A 504 -16.32 -35.78 3.48
CA GLN A 504 -17.57 -35.10 3.76
C GLN A 504 -17.78 -34.92 5.26
N LYS A 505 -16.89 -34.12 5.85
CA LYS A 505 -16.98 -33.86 7.29
C LYS A 505 -18.33 -33.27 7.64
N SER A 506 -18.89 -33.72 8.78
CA SER A 506 -20.23 -33.32 9.20
C SER A 506 -20.28 -31.93 9.80
N HIS A 507 -19.14 -31.28 10.01
CA HIS A 507 -19.11 -29.94 10.60
C HIS A 507 -19.68 -29.95 12.01
N SER A 508 -19.38 -28.92 12.80
CA SER A 508 -19.81 -28.86 14.18
C SER A 508 -19.78 -27.40 14.64
N ILE A 509 -20.64 -27.10 15.62
CA ILE A 509 -20.74 -25.76 16.20
C ILE A 509 -20.46 -25.87 17.69
N ARG A 510 -19.63 -24.97 18.21
CA ARG A 510 -19.31 -24.88 19.63
C ARG A 510 -19.61 -23.48 20.11
N LEU A 511 -20.34 -23.37 21.22
CA LEU A 511 -20.72 -22.08 21.77
C LEU A 511 -19.86 -21.77 22.99
N LYS A 512 -19.28 -20.57 23.00
CA LYS A 512 -18.48 -20.11 24.12
C LYS A 512 -18.95 -18.71 24.51
N MET A 513 -18.60 -18.32 25.73
CA MET A 513 -18.98 -17.02 26.27
C MET A 513 -17.84 -16.45 27.10
N SER A 514 -17.76 -15.12 27.14
CA SER A 514 -16.83 -14.42 28.00
C SER A 514 -17.60 -13.34 28.75
N PRO A 515 -17.45 -13.26 30.09
CA PRO A 515 -18.13 -12.18 30.82
C PRO A 515 -17.54 -10.80 30.57
N GLY A 516 -16.48 -10.69 29.78
CA GLY A 516 -15.87 -9.41 29.50
C GLY A 516 -14.85 -9.00 30.55
N CYS A 517 -14.65 -7.70 30.71
CA CYS A 517 -13.69 -7.16 31.68
C CYS A 517 -14.38 -7.10 33.05
N HIS A 518 -14.37 -8.23 33.75
CA HIS A 518 -15.06 -8.38 35.02
C HIS A 518 -14.12 -8.99 36.04
N THR A 519 -14.31 -8.62 37.31
CA THR A 519 -13.51 -9.14 38.40
C THR A 519 -14.41 -9.52 39.56
N GLN A 520 -14.01 -10.56 40.29
CA GLN A 520 -14.73 -11.01 41.47
C GLN A 520 -14.26 -10.32 42.75
N ASP A 521 -13.16 -9.58 42.70
CA ASP A 521 -12.62 -8.89 43.87
C ASP A 521 -12.23 -7.47 43.47
N PRO A 522 -13.21 -6.61 43.22
CA PRO A 522 -12.88 -5.23 42.81
C PRO A 522 -12.02 -4.50 43.81
N LEU A 523 -12.15 -4.81 45.10
CA LEU A 523 -11.39 -4.12 46.14
C LEU A 523 -9.99 -4.72 46.35
N ASP A 524 -9.67 -5.84 45.70
CA ASP A 524 -8.37 -6.47 45.84
C ASP A 524 -7.57 -6.49 44.54
N VAL A 525 -8.19 -6.23 43.40
CA VAL A 525 -7.48 -6.24 42.13
C VAL A 525 -6.48 -5.09 42.09
N GLN A 526 -5.30 -5.37 41.55
CA GLN A 526 -4.26 -4.34 41.39
C GLN A 526 -4.52 -3.59 40.08
N LEU A 527 -4.75 -2.29 40.19
CA LEU A 527 -5.15 -1.46 39.06
C LEU A 527 -4.00 -0.56 38.63
N ASP A 528 -3.99 -0.24 37.34
CA ASP A 528 -3.04 0.70 36.75
C ASP A 528 -3.63 2.10 36.76
N ASP A 529 -2.79 3.08 36.42
CA ASP A 529 -3.26 4.45 36.31
C ASP A 529 -4.35 4.60 35.25
N ARG A 530 -4.45 3.64 34.33
CA ARG A 530 -5.47 3.67 33.29
C ARG A 530 -6.83 3.17 33.78
N HIS A 531 -6.92 2.65 35.00
CA HIS A 531 -8.20 2.24 35.58
C HIS A 531 -8.89 1.21 34.70
N TYR A 532 -8.16 0.14 34.38
CA TYR A 532 -8.59 -0.83 33.38
C TYR A 532 -8.47 -2.24 33.95
N ILE A 533 -9.48 -3.08 33.64
CA ILE A 533 -9.49 -4.48 34.03
C ILE A 533 -9.34 -5.32 32.77
N SER A 534 -8.54 -6.39 32.86
CA SER A 534 -8.37 -7.30 31.75
C SER A 534 -9.65 -8.10 31.51
N CYS A 535 -9.81 -8.57 30.28
CA CYS A 535 -10.98 -9.35 29.91
C CYS A 535 -10.80 -10.81 30.29
N ILE A 536 -11.87 -11.43 30.77
CA ILE A 536 -11.85 -12.83 31.17
C ILE A 536 -11.89 -13.70 29.91
N PRO A 537 -11.10 -14.76 29.82
CA PRO A 537 -11.14 -15.61 28.62
C PRO A 537 -12.51 -16.25 28.43
N LYS A 538 -12.79 -16.60 27.18
CA LYS A 538 -14.05 -17.25 26.87
C LYS A 538 -14.13 -18.64 27.49
N ILE A 539 -15.35 -19.06 27.81
CA ILE A 539 -15.61 -20.39 28.34
C ILE A 539 -16.66 -21.05 27.46
N SER A 540 -16.54 -22.37 27.31
CA SER A 540 -17.42 -23.12 26.42
C SER A 540 -18.78 -23.32 27.08
N LEU A 541 -19.83 -22.85 26.40
CA LEU A 541 -21.19 -23.13 26.84
C LEU A 541 -21.66 -24.51 26.38
N THR A 542 -21.12 -25.00 25.26
CA THR A 542 -21.44 -26.31 24.74
C THR A 542 -20.19 -26.93 24.15
N LYS A 543 -20.30 -28.20 23.77
CA LYS A 543 -19.22 -28.90 23.08
C LYS A 543 -19.44 -28.78 21.58
N HIS A 544 -18.65 -29.51 20.79
CA HIS A 544 -18.81 -29.52 19.35
C HIS A 544 -20.14 -30.20 19.01
N LEU A 545 -21.13 -29.40 18.60
CA LEU A 545 -22.47 -29.89 18.33
C LEU A 545 -22.75 -29.82 16.83
N ASP A 546 -23.55 -30.77 16.35
CA ASP A 546 -23.83 -30.86 14.92
C ASP A 546 -24.42 -29.55 14.42
N MET A 547 -23.89 -29.08 13.29
CA MET A 547 -24.33 -27.81 12.73
C MET A 547 -25.84 -27.79 12.49
N ASP A 548 -26.33 -28.75 11.70
CA ASP A 548 -27.76 -28.79 11.40
C ASP A 548 -28.59 -28.87 12.66
N TYR A 549 -28.11 -29.63 13.66
CA TYR A 549 -28.84 -29.75 14.91
C TYR A 549 -28.97 -28.41 15.62
N VAL A 550 -27.89 -27.64 15.66
CA VAL A 550 -27.92 -26.35 16.36
C VAL A 550 -28.83 -25.37 15.66
N GLN A 551 -28.93 -25.45 14.33
CA GLN A 551 -29.81 -24.55 13.60
C GLN A 551 -31.27 -24.91 13.79
N GLN A 552 -31.57 -26.20 13.98
CA GLN A 552 -32.96 -26.62 14.17
C GLN A 552 -33.50 -26.21 15.53
N LYS A 553 -32.69 -26.36 16.58
CA LYS A 553 -33.13 -25.94 17.91
C LYS A 553 -33.48 -24.46 17.92
N LEU A 554 -32.67 -23.64 17.25
CA LEU A 554 -32.92 -22.20 17.24
C LEU A 554 -34.09 -21.84 16.35
N ARG A 555 -34.14 -22.41 15.15
CA ARG A 555 -35.24 -22.16 14.22
C ARG A 555 -35.49 -23.37 13.33
N ALA B 2 1.62 30.21 47.20
CA ALA B 2 2.57 31.26 46.74
C ALA B 2 3.73 30.62 45.98
N LYS B 3 4.93 30.68 46.54
CA LYS B 3 6.12 30.15 45.88
C LYS B 3 6.22 30.67 44.45
N TRP B 4 5.92 29.82 43.48
CA TRP B 4 5.98 30.17 42.06
C TRP B 4 4.72 29.66 41.36
N VAL B 5 4.15 30.48 40.50
CA VAL B 5 2.97 30.12 39.73
C VAL B 5 3.43 29.67 38.35
N PHE B 6 2.90 28.55 37.88
CA PHE B 6 3.32 27.98 36.61
C PHE B 6 3.00 28.93 35.46
N LYS B 7 3.89 28.97 34.47
CA LYS B 7 3.76 29.87 33.33
C LYS B 7 3.92 29.20 31.99
N GLY B 8 4.53 28.01 31.92
CA GLY B 8 4.69 27.33 30.65
C GLY B 8 5.63 26.13 30.73
N LEU B 9 5.61 25.27 29.71
CA LEU B 9 6.43 24.06 29.70
C LEU B 9 6.92 23.77 28.29
N ALA B 10 8.22 23.52 28.16
CA ALA B 10 8.81 23.01 26.93
C ALA B 10 9.37 21.63 27.24
N ILE B 11 8.73 20.59 26.72
CA ILE B 11 9.07 19.21 27.04
C ILE B 11 9.53 18.51 25.76
N ILE B 12 10.64 17.79 25.86
CA ILE B 12 11.15 16.95 24.79
C ILE B 12 10.97 15.50 25.22
N ILE B 13 10.37 14.69 24.34
CA ILE B 13 9.98 13.33 24.68
C ILE B 13 10.59 12.35 23.69
N ARG B 14 11.13 11.25 24.20
CA ARG B 14 11.70 10.20 23.39
C ARG B 14 10.63 9.19 23.01
N HIS B 15 10.83 8.51 21.88
CA HIS B 15 9.81 7.64 21.35
C HIS B 15 9.56 6.44 22.28
N ALA B 16 8.44 5.77 22.06
CA ALA B 16 7.98 4.70 22.92
C ALA B 16 8.63 3.37 22.53
N ASP B 17 8.23 2.30 23.22
CA ASP B 17 8.82 0.99 23.02
C ASP B 17 8.81 0.60 21.55
N ARG B 18 9.83 -0.14 21.12
CA ARG B 18 9.95 -0.58 19.74
C ARG B 18 10.67 -1.92 19.71
N THR B 19 10.42 -2.69 18.63
CA THR B 19 10.99 -4.02 18.50
C THR B 19 12.46 -3.96 18.06
N PRO B 20 13.28 -4.91 18.50
CA PRO B 20 14.71 -4.85 18.15
C PRO B 20 14.94 -5.07 16.67
N LYS B 21 15.93 -4.38 16.14
CA LYS B 21 16.32 -4.57 14.74
C LYS B 21 17.09 -5.89 14.61
N GLN B 22 16.75 -6.66 13.58
CA GLN B 22 17.30 -8.00 13.40
C GLN B 22 17.57 -8.24 11.92
N LYS B 23 18.57 -9.08 11.65
CA LYS B 23 18.98 -9.34 10.27
C LYS B 23 19.61 -10.72 10.15
N PHE B 24 19.17 -11.48 9.15
CA PHE B 24 19.71 -12.80 8.82
C PHE B 24 20.51 -12.67 7.52
N LYS B 25 21.73 -13.23 7.51
CA LYS B 25 22.63 -13.13 6.38
C LYS B 25 23.13 -14.51 5.98
N HIS B 26 23.03 -14.83 4.69
CA HIS B 26 23.66 -16.03 4.13
C HIS B 26 23.68 -15.90 2.62
N SER B 27 24.59 -16.63 1.99
CA SER B 27 24.77 -16.60 0.54
C SER B 27 24.42 -17.96 -0.06
N PHE B 28 23.78 -17.93 -1.23
CA PHE B 28 23.40 -19.13 -1.94
C PHE B 28 23.89 -19.06 -3.38
N THR B 29 24.05 -20.24 -3.99
CA THR B 29 24.49 -20.36 -5.37
C THR B 29 23.49 -21.07 -6.27
N SER B 30 22.42 -21.64 -5.72
CA SER B 30 21.47 -22.37 -6.54
C SER B 30 20.83 -21.43 -7.54
N PRO B 31 20.48 -21.93 -8.73
CA PRO B 31 19.92 -21.03 -9.75
C PRO B 31 18.65 -20.31 -9.29
N ILE B 32 17.83 -20.97 -8.47
CA ILE B 32 16.60 -20.34 -8.00
C ILE B 32 16.92 -19.09 -7.19
N PHE B 33 18.00 -19.13 -6.40
CA PHE B 33 18.41 -17.94 -5.64
C PHE B 33 18.98 -16.87 -6.56
N ILE B 34 19.77 -17.27 -7.55
CA ILE B 34 20.37 -16.31 -8.46
C ILE B 34 19.29 -15.62 -9.30
N SER B 35 18.25 -16.37 -9.68
CA SER B 35 17.21 -15.81 -10.54
C SER B 35 16.46 -14.67 -9.88
N LEU B 36 16.45 -14.60 -8.54
CA LEU B 36 15.73 -13.55 -7.85
C LEU B 36 16.30 -12.16 -8.14
N LEU B 37 17.55 -12.07 -8.60
CA LEU B 37 18.12 -10.78 -8.95
C LEU B 37 17.45 -10.14 -10.16
N LYS B 38 16.65 -10.90 -10.92
CA LYS B 38 16.04 -10.41 -12.15
C LYS B 38 17.09 -9.80 -13.07
N GLY B 39 18.22 -10.50 -13.21
CA GLY B 39 19.27 -10.11 -14.12
C GLY B 39 20.20 -9.03 -13.62
N HIS B 40 19.83 -8.29 -12.58
CA HIS B 40 20.68 -7.22 -12.10
C HIS B 40 21.98 -7.76 -11.52
N LYS B 41 23.07 -7.05 -11.75
CA LYS B 41 24.39 -7.43 -11.27
C LYS B 41 24.89 -6.54 -10.14
N GLU B 42 24.01 -5.75 -9.53
CA GLU B 42 24.35 -4.88 -8.41
C GLU B 42 23.42 -5.19 -7.25
N GLU B 43 23.61 -4.47 -6.14
CA GLU B 43 22.79 -4.70 -4.96
C GLU B 43 21.33 -4.40 -5.28
N VAL B 44 20.44 -5.29 -4.86
CA VAL B 44 19.00 -5.15 -5.06
C VAL B 44 18.34 -5.16 -3.70
N VAL B 45 17.47 -4.18 -3.46
CA VAL B 45 16.75 -4.05 -2.20
C VAL B 45 15.27 -4.34 -2.45
N ILE B 46 14.69 -5.21 -1.64
CA ILE B 46 13.28 -5.60 -1.77
C ILE B 46 12.58 -5.25 -0.47
N ARG B 47 11.61 -4.33 -0.55
CA ARG B 47 10.74 -4.01 0.57
C ARG B 47 9.28 -3.92 0.15
N ASN B 48 8.98 -4.13 -1.14
CA ASN B 48 7.60 -4.23 -1.59
C ASN B 48 7.03 -5.58 -1.16
N VAL B 49 5.87 -5.54 -0.50
CA VAL B 49 5.29 -6.77 0.03
C VAL B 49 5.10 -7.80 -1.06
N ASN B 50 4.68 -7.36 -2.25
CA ASN B 50 4.53 -8.29 -3.37
C ASN B 50 5.85 -8.94 -3.71
N ASP B 51 6.94 -8.16 -3.76
CA ASP B 51 8.24 -8.74 -4.04
C ASP B 51 8.69 -9.65 -2.91
N LEU B 52 8.38 -9.27 -1.66
CA LEU B 52 8.70 -10.14 -0.54
C LEU B 52 7.92 -11.44 -0.62
N LYS B 53 6.66 -11.35 -1.06
CA LYS B 53 5.85 -12.55 -1.28
C LYS B 53 6.46 -13.42 -2.37
N ILE B 54 6.94 -12.79 -3.45
CA ILE B 54 7.55 -13.55 -4.54
C ILE B 54 8.79 -14.27 -4.04
N VAL B 55 9.62 -13.60 -3.24
CA VAL B 55 10.79 -14.27 -2.68
C VAL B 55 10.35 -15.44 -1.81
N LEU B 56 9.33 -15.23 -0.98
CA LEU B 56 8.86 -16.30 -0.09
C LEU B 56 8.56 -17.57 -0.88
N GLN B 57 7.85 -17.45 -2.00
CA GLN B 57 7.57 -18.61 -2.81
C GLN B 57 8.85 -19.25 -3.33
N ALA B 58 9.84 -18.43 -3.69
CA ALA B 58 11.10 -18.97 -4.17
C ALA B 58 11.78 -19.84 -3.11
N LEU B 59 11.74 -19.39 -1.85
CA LEU B 59 12.29 -20.20 -0.78
C LEU B 59 11.50 -21.50 -0.61
N ARG B 60 10.19 -21.42 -0.79
CA ARG B 60 9.36 -22.62 -0.72
C ARG B 60 9.78 -23.63 -1.80
N ILE B 61 10.12 -23.13 -3.00
CA ILE B 61 10.62 -24.01 -4.05
C ILE B 61 12.04 -24.46 -3.76
N ALA B 62 12.88 -23.53 -3.27
CA ALA B 62 14.26 -23.89 -2.97
C ALA B 62 14.37 -24.95 -1.90
N LEU B 63 13.45 -24.95 -0.91
CA LEU B 63 13.48 -26.00 0.10
C LEU B 63 12.92 -27.32 -0.45
N ASP B 64 12.00 -27.25 -1.42
CA ASP B 64 11.49 -28.47 -2.04
C ASP B 64 12.62 -29.26 -2.68
N GLU B 65 13.56 -28.57 -3.34
CA GLU B 65 14.73 -29.22 -3.92
C GLU B 65 15.97 -29.03 -3.06
N LYS B 66 15.80 -28.98 -1.74
CA LYS B 66 16.91 -28.94 -0.80
C LYS B 66 18.06 -28.04 -1.23
N ALA B 67 17.77 -26.97 -1.96
CA ALA B 67 18.80 -26.02 -2.37
C ALA B 67 19.63 -25.59 -1.16
N GLY B 68 20.90 -25.23 -1.40
CA GLY B 68 21.71 -24.67 -0.35
C GLY B 68 21.57 -25.45 0.94
N ASN B 69 21.77 -24.79 2.08
CA ASN B 69 21.49 -25.39 3.37
C ASN B 69 19.99 -25.36 3.60
N PRO B 70 19.27 -26.48 3.47
CA PRO B 70 17.81 -26.42 3.60
C PRO B 70 17.34 -25.86 4.93
N ALA B 71 18.10 -26.10 6.01
CA ALA B 71 17.70 -25.58 7.31
C ALA B 71 17.61 -24.06 7.30
N LYS B 72 18.58 -23.40 6.66
CA LYS B 72 18.56 -21.94 6.59
C LYS B 72 17.45 -21.44 5.68
N ILE B 73 17.14 -22.18 4.61
CA ILE B 73 16.06 -21.75 3.72
C ILE B 73 14.73 -21.79 4.47
N LYS B 74 14.52 -22.81 5.30
CA LYS B 74 13.31 -22.88 6.11
C LYS B 74 13.26 -21.72 7.11
N VAL B 75 14.39 -21.43 7.76
CA VAL B 75 14.43 -20.35 8.72
C VAL B 75 14.19 -19.01 8.04
N LEU B 76 14.84 -18.80 6.89
CA LEU B 76 14.66 -17.54 6.17
C LEU B 76 13.21 -17.38 5.71
N ALA B 77 12.62 -18.45 5.18
CA ALA B 77 11.24 -18.38 4.70
C ALA B 77 10.29 -17.96 5.83
N ASN B 78 10.39 -18.63 6.99
CA ASN B 78 9.55 -18.27 8.12
C ASN B 78 9.73 -16.81 8.50
N ALA B 79 10.98 -16.37 8.60
CA ALA B 79 11.25 -14.97 8.94
C ALA B 79 10.61 -14.04 7.92
N LEU B 80 10.81 -14.32 6.62
CA LEU B 80 10.28 -13.42 5.59
C LEU B 80 8.77 -13.36 5.65
N GLU B 81 8.11 -14.50 5.73
CA GLU B 81 6.65 -14.51 5.74
C GLU B 81 6.11 -13.87 7.00
N LYS B 82 6.78 -14.11 8.13
CA LYS B 82 6.32 -13.57 9.40
C LYS B 82 6.45 -12.05 9.43
N LYS B 83 7.56 -11.53 8.92
CA LYS B 83 7.91 -10.12 9.06
C LYS B 83 7.71 -9.29 7.80
N LEU B 84 7.45 -9.91 6.64
CA LEU B 84 7.27 -9.12 5.42
C LEU B 84 6.05 -8.22 5.49
N ASN B 85 5.09 -8.52 6.35
CA ASN B 85 3.92 -7.67 6.54
C ASN B 85 4.22 -6.46 7.42
N PHE B 86 5.47 -6.31 7.88
CA PHE B 86 5.82 -5.23 8.79
C PHE B 86 6.55 -4.14 8.03
N PRO B 87 6.22 -2.87 8.23
CA PRO B 87 6.98 -1.79 7.57
C PRO B 87 8.43 -1.82 8.03
N GLY B 88 9.33 -1.57 7.07
CA GLY B 88 10.75 -1.61 7.34
C GLY B 88 11.40 -2.95 7.09
N THR B 89 10.63 -4.02 6.97
CA THR B 89 11.20 -5.31 6.61
C THR B 89 11.62 -5.30 5.15
N LYS B 90 12.87 -5.67 4.90
CA LYS B 90 13.44 -5.56 3.57
C LYS B 90 14.47 -6.65 3.36
N ILE B 91 14.82 -6.87 2.09
CA ILE B 91 15.84 -7.82 1.68
C ILE B 91 16.88 -7.08 0.85
N GLN B 92 18.16 -7.37 1.12
CA GLN B 92 19.26 -6.84 0.34
C GLN B 92 20.00 -7.99 -0.33
N LEU B 93 20.16 -7.92 -1.65
CA LEU B 93 20.79 -8.96 -2.44
C LEU B 93 22.11 -8.41 -2.99
N LYS B 94 23.22 -8.80 -2.37
CA LYS B 94 24.54 -8.34 -2.80
C LYS B 94 25.18 -9.42 -3.65
N PRO B 95 25.20 -9.28 -4.99
CA PRO B 95 25.77 -10.34 -5.82
C PRO B 95 27.29 -10.39 -5.72
N VAL B 96 27.83 -11.58 -5.95
CA VAL B 96 29.27 -11.81 -5.99
C VAL B 96 29.64 -12.19 -7.42
N LEU B 97 30.52 -11.41 -8.04
CA LEU B 97 30.91 -11.61 -9.42
C LEU B 97 32.28 -12.27 -9.50
N ASN B 98 32.41 -13.24 -10.39
CA ASN B 98 33.67 -13.94 -10.60
C ASN B 98 34.52 -13.14 -11.61
N LYS B 99 35.61 -13.76 -12.07
CA LYS B 99 36.52 -13.06 -12.98
C LYS B 99 35.87 -12.74 -14.32
N GLU B 100 34.78 -13.42 -14.67
CA GLU B 100 34.09 -13.19 -15.94
C GLU B 100 32.82 -12.36 -15.77
N ASN B 101 32.72 -11.60 -14.69
CA ASN B 101 31.56 -10.75 -14.43
C ASN B 101 30.26 -11.57 -14.44
N GLU B 102 30.34 -12.80 -13.93
CA GLU B 102 29.19 -13.68 -13.82
C GLU B 102 28.82 -13.86 -12.35
N VAL B 103 27.54 -13.76 -12.05
CA VAL B 103 27.06 -13.93 -10.67
C VAL B 103 27.11 -15.42 -10.35
N GLU B 104 28.03 -15.81 -9.47
CA GLU B 104 28.14 -17.19 -9.01
C GLU B 104 27.41 -17.43 -7.69
N LYS B 105 27.17 -16.39 -6.91
CA LYS B 105 26.46 -16.51 -5.65
C LYS B 105 25.93 -15.14 -5.25
N VAL B 106 24.78 -15.14 -4.59
CA VAL B 106 24.11 -13.92 -4.17
C VAL B 106 23.98 -13.94 -2.65
N GLN B 107 24.30 -12.82 -2.02
CA GLN B 107 24.21 -12.70 -0.57
C GLN B 107 22.80 -12.27 -0.19
N PHE B 108 22.10 -13.10 0.58
CA PHE B 108 20.71 -12.86 0.95
C PHE B 108 20.68 -12.28 2.36
N ILE B 109 20.37 -10.99 2.45
CA ILE B 109 20.28 -10.29 3.72
C ILE B 109 18.81 -9.88 3.93
N LEU B 110 18.19 -10.44 4.96
CA LEU B 110 16.83 -10.10 5.34
C LEU B 110 16.86 -9.27 6.61
N LYS B 111 16.39 -8.02 6.52
CA LYS B 111 16.38 -7.10 7.65
C LYS B 111 14.95 -6.79 8.04
N TRP B 112 14.70 -6.73 9.34
CA TRP B 112 13.37 -6.41 9.86
C TRP B 112 13.53 -5.90 11.29
N GLY B 113 12.39 -5.54 11.88
CA GLY B 113 12.39 -5.02 13.23
C GLY B 113 12.42 -3.51 13.25
N GLY B 114 12.64 -2.99 14.45
CA GLY B 114 12.67 -1.55 14.65
C GLY B 114 11.31 -0.88 14.61
N GLU B 115 10.23 -1.63 14.47
CA GLU B 115 8.90 -1.04 14.47
C GLU B 115 8.44 -0.80 15.90
N PRO B 116 7.55 0.16 16.13
CA PRO B 116 6.99 0.33 17.47
C PRO B 116 6.17 -0.88 17.88
N THR B 117 6.41 -1.38 19.08
CA THR B 117 5.70 -2.55 19.56
C THR B 117 4.23 -2.20 19.79
N HIS B 118 3.42 -3.24 19.99
CA HIS B 118 2.02 -3.01 20.35
C HIS B 118 1.89 -2.30 21.68
N SER B 119 2.96 -2.29 22.49
CA SER B 119 2.94 -1.57 23.76
C SER B 119 3.23 -0.08 23.60
N ALA B 120 3.76 0.35 22.46
CA ALA B 120 4.12 1.75 22.28
C ALA B 120 2.91 2.65 22.39
N LYS B 121 1.79 2.25 21.78
CA LYS B 121 0.59 3.09 21.79
C LYS B 121 0.12 3.37 23.21
N TYR B 122 0.20 2.38 24.10
CA TYR B 122 -0.27 2.58 25.47
C TYR B 122 0.63 3.54 26.23
N GLN B 123 1.95 3.41 26.08
CA GLN B 123 2.86 4.31 26.78
C GLN B 123 2.60 5.77 26.40
N ALA B 124 2.54 6.04 25.09
CA ALA B 124 2.29 7.41 24.64
C ALA B 124 0.90 7.87 25.07
N THR B 125 -0.09 6.99 24.99
CA THR B 125 -1.46 7.37 25.35
C THR B 125 -1.55 7.74 26.82
N GLU B 126 -0.98 6.92 27.70
CA GLU B 126 -1.03 7.21 29.12
C GLU B 126 -0.38 8.55 29.42
N LEU B 127 0.76 8.83 28.78
CA LEU B 127 1.45 10.09 29.03
C LEU B 127 0.60 11.30 28.63
N GLY B 128 -0.05 11.21 27.47
CA GLY B 128 -0.88 12.32 27.02
C GLY B 128 -2.02 12.61 27.98
N GLU B 129 -2.67 11.57 28.50
CA GLU B 129 -3.75 11.76 29.45
C GLU B 129 -3.25 12.40 30.73
N GLN B 130 -2.12 11.92 31.26
CA GLN B 130 -1.56 12.52 32.46
C GLN B 130 -1.21 13.99 32.24
N MET B 131 -0.61 14.30 31.09
CA MET B 131 -0.29 15.70 30.78
C MET B 131 -1.56 16.53 30.66
N ARG B 132 -2.61 15.98 30.04
CA ARG B 132 -3.90 16.66 30.03
C ARG B 132 -4.42 16.88 31.44
N GLN B 133 -4.32 15.85 32.29
CA GLN B 133 -4.74 16.00 33.68
C GLN B 133 -3.95 17.11 34.36
N ASP B 134 -2.62 17.05 34.27
CA ASP B 134 -1.79 18.05 34.92
C ASP B 134 -2.08 19.45 34.37
N PHE B 135 -2.27 19.55 33.05
CA PHE B 135 -2.54 20.84 32.45
C PHE B 135 -3.89 21.40 32.88
N ASP B 136 -4.93 20.55 32.84
CA ASP B 136 -6.26 20.98 33.23
C ASP B 136 -6.35 21.28 34.72
N LEU B 137 -5.33 20.95 35.50
CA LEU B 137 -5.27 21.28 36.91
C LEU B 137 -4.49 22.56 37.19
N LEU B 138 -3.51 22.88 36.36
CA LEU B 138 -2.75 24.11 36.53
C LEU B 138 -3.47 25.29 35.87
N ASN B 139 -3.77 25.17 34.58
CA ASN B 139 -4.51 26.20 33.86
C ASN B 139 -5.09 25.57 32.61
N LYS B 140 -6.42 25.58 32.48
CA LYS B 140 -7.06 24.96 31.33
C LYS B 140 -6.75 25.68 30.02
N SER B 141 -6.34 26.95 30.08
CA SER B 141 -6.03 27.68 28.86
C SER B 141 -4.79 27.13 28.17
N ILE B 142 -3.95 26.38 28.88
CA ILE B 142 -2.73 25.87 28.28
C ILE B 142 -3.06 24.82 27.22
N LEU B 143 -4.11 24.03 27.43
CA LEU B 143 -4.52 23.06 26.42
C LEU B 143 -4.86 23.74 25.11
N GLN B 144 -5.28 25.01 25.17
CA GLN B 144 -5.59 25.79 23.98
C GLN B 144 -4.34 26.32 23.30
N ASN B 145 -3.16 26.06 23.85
CA ASN B 145 -1.89 26.59 23.36
C ASN B 145 -0.85 25.49 23.29
N ILE B 146 -1.22 24.35 22.68
CA ILE B 146 -0.33 23.21 22.54
C ILE B 146 0.27 23.22 21.15
N LYS B 147 1.57 22.98 21.07
CA LYS B 147 2.31 22.94 19.81
C LYS B 147 3.20 21.71 19.83
N ILE B 148 3.09 20.88 18.80
CA ILE B 148 3.75 19.57 18.77
C ILE B 148 4.65 19.50 17.54
N PHE B 149 5.86 18.98 17.75
CA PHE B 149 6.78 18.71 16.66
C PHE B 149 7.24 17.25 16.77
N SER B 150 7.73 16.72 15.65
CA SER B 150 8.19 15.34 15.61
C SER B 150 9.27 15.21 14.54
N SER B 151 10.08 14.17 14.69
CA SER B 151 11.07 13.84 13.68
C SER B 151 10.40 13.07 12.54
N SER B 152 11.19 12.72 11.52
CA SER B 152 10.65 12.01 10.36
C SER B 152 10.47 10.52 10.61
N GLU B 153 11.20 9.95 11.57
CA GLU B 153 11.12 8.51 11.80
C GLU B 153 9.70 8.10 12.14
N ARG B 154 9.28 6.96 11.61
CA ARG B 154 7.91 6.49 11.82
C ARG B 154 7.65 6.24 13.29
N ARG B 155 8.58 5.56 13.98
CA ARG B 155 8.37 5.25 15.39
C ARG B 155 8.25 6.52 16.22
N VAL B 156 8.96 7.59 15.83
CA VAL B 156 8.87 8.85 16.57
C VAL B 156 7.50 9.50 16.37
N LEU B 157 7.07 9.64 15.11
CA LEU B 157 5.76 10.22 14.85
C LEU B 157 4.66 9.36 15.48
N HIS B 158 4.83 8.04 15.46
CA HIS B 158 3.87 7.15 16.12
C HIS B 158 3.66 7.58 17.57
N THR B 159 4.76 7.76 18.31
CA THR B 159 4.65 8.21 19.70
C THR B 159 4.01 9.59 19.77
N ALA B 160 4.38 10.49 18.85
CA ALA B 160 3.81 11.83 18.86
C ALA B 160 2.30 11.80 18.60
N GLN B 161 1.86 10.94 17.68
CA GLN B 161 0.44 10.88 17.36
C GLN B 161 -0.38 10.41 18.56
N TYR B 162 0.00 9.28 19.15
CA TYR B 162 -0.79 8.73 20.25
C TYR B 162 -0.75 9.63 21.48
N TRP B 163 0.40 10.27 21.73
CA TRP B 163 0.45 11.23 22.83
C TRP B 163 -0.46 12.42 22.57
N THR B 164 -0.50 12.90 21.32
CA THR B 164 -1.36 14.02 20.99
C THR B 164 -2.84 13.62 21.08
N ARG B 165 -3.18 12.43 20.58
CA ARG B 165 -4.54 11.93 20.75
C ARG B 165 -4.92 11.88 22.23
N ALA B 166 -4.04 11.32 23.05
CA ALA B 166 -4.32 11.21 24.48
C ALA B 166 -4.42 12.57 25.14
N LEU B 167 -3.59 13.52 24.72
CA LEU B 167 -3.65 14.85 25.31
C LEU B 167 -5.03 15.48 25.11
N PHE B 168 -5.58 15.34 23.91
CA PHE B 168 -6.90 15.90 23.62
C PHE B 168 -7.98 14.83 23.76
N ASP B 176 -2.84 18.92 10.47
CA ASP B 176 -2.01 18.16 11.39
C ASP B 176 -1.43 19.06 12.48
N GLU B 177 -1.67 18.69 13.74
CA GLU B 177 -1.11 19.43 14.86
C GLU B 177 0.37 19.15 15.07
N ILE B 178 0.85 18.01 14.58
CA ILE B 178 2.27 17.66 14.68
C ILE B 178 2.98 18.20 13.44
N SER B 179 4.01 19.01 13.66
CA SER B 179 4.77 19.63 12.58
C SER B 179 6.15 18.97 12.54
N ILE B 180 6.41 18.22 11.47
CA ILE B 180 7.70 17.53 11.34
C ILE B 180 8.79 18.57 11.11
N ARG B 181 9.79 18.57 11.98
CA ARG B 181 10.93 19.48 11.90
C ARG B 181 12.21 18.64 11.83
N LYS B 182 12.66 18.36 10.62
CA LYS B 182 13.86 17.56 10.44
C LYS B 182 15.09 18.28 10.99
N ASP B 183 15.16 19.60 10.80
CA ASP B 183 16.37 20.32 11.20
C ASP B 183 16.62 20.24 12.70
N LEU B 184 15.55 20.13 13.50
CA LEU B 184 15.69 20.10 14.95
C LEU B 184 15.71 18.69 15.53
N LEU B 185 14.84 17.79 15.05
CA LEU B 185 14.60 16.52 15.70
C LEU B 185 15.14 15.32 14.92
N ASP B 186 15.72 15.54 13.74
CA ASP B 186 16.27 14.46 12.94
C ASP B 186 17.79 14.45 13.05
N ASP B 187 18.37 13.26 12.88
CA ASP B 187 19.81 13.10 13.02
C ASP B 187 20.55 13.72 11.84
N SER B 188 21.80 14.10 12.08
CA SER B 188 22.68 14.66 11.07
C SER B 188 23.91 13.78 10.93
N ASN B 189 24.31 13.54 9.68
CA ASN B 189 25.44 12.65 9.42
C ASN B 189 26.73 13.20 10.01
N ALA B 190 26.88 14.52 10.06
CA ALA B 190 28.12 15.10 10.58
C ALA B 190 28.38 14.63 12.00
N ALA B 191 27.37 14.68 12.87
CA ALA B 191 27.56 14.23 14.24
C ALA B 191 27.57 12.71 14.35
N LYS B 192 26.75 12.03 13.55
CA LYS B 192 26.76 10.57 13.56
C LYS B 192 28.13 10.02 13.17
N ASP B 193 28.82 10.69 12.25
CA ASP B 193 30.20 10.31 11.97
C ASP B 193 31.06 10.46 13.21
N LEU B 194 30.87 11.56 13.95
CA LEU B 194 31.63 11.76 15.18
C LEU B 194 31.26 10.74 16.25
N MET B 195 29.97 10.45 16.41
CA MET B 195 29.57 9.44 17.39
C MET B 195 30.20 8.11 17.05
N ASP B 196 30.33 7.80 15.75
CA ASP B 196 31.05 6.59 15.36
C ASP B 196 32.52 6.68 15.75
N LYS B 197 33.13 7.86 15.57
CA LYS B 197 34.51 8.04 16.04
C LYS B 197 34.61 7.81 17.54
N VAL B 198 33.63 8.30 18.30
CA VAL B 198 33.60 7.99 19.73
C VAL B 198 33.33 6.51 19.94
N LYS B 199 32.49 5.92 19.09
CA LYS B 199 32.23 4.49 19.17
C LYS B 199 33.52 3.70 19.03
N LYS B 200 34.41 4.13 18.14
CA LYS B 200 35.72 3.51 18.03
C LYS B 200 36.57 3.74 19.28
N LYS B 201 36.35 4.85 19.98
CA LYS B 201 37.10 5.12 21.20
C LYS B 201 36.67 4.23 22.36
N LEU B 202 35.48 3.62 22.28
CA LEU B 202 35.01 2.78 23.36
C LEU B 202 35.65 1.40 23.33
N LYS B 203 36.10 0.95 22.16
CA LYS B 203 36.71 -0.38 22.08
C LYS B 203 37.92 -0.52 22.99
N PRO B 204 38.89 0.40 23.00
CA PRO B 204 40.02 0.24 23.94
C PRO B 204 39.58 0.19 25.39
N LEU B 205 38.54 0.93 25.77
CA LEU B 205 38.11 0.97 27.16
C LEU B 205 37.78 -0.42 27.68
N LEU B 206 37.18 -1.27 26.84
CA LEU B 206 36.78 -2.60 27.26
C LEU B 206 37.88 -3.65 27.11
N ARG B 207 38.91 -3.37 26.32
CA ARG B 207 39.96 -4.34 26.07
C ARG B 207 41.09 -4.15 27.08
N GLU B 208 42.13 -4.98 26.95
CA GLU B 208 43.27 -4.94 27.87
C GLU B 208 42.76 -4.93 29.31
N GLY B 209 43.16 -3.93 30.09
CA GLY B 209 42.80 -3.90 31.49
C GLY B 209 42.38 -2.51 31.96
N LYS B 210 41.77 -1.73 31.07
CA LYS B 210 41.31 -0.42 31.46
C LYS B 210 40.21 -0.61 32.51
N GLU B 211 40.23 0.23 33.55
CA GLU B 211 39.31 0.05 34.67
C GLU B 211 38.45 1.29 34.88
N ALA B 212 37.91 1.84 33.81
CA ALA B 212 37.09 3.04 33.83
C ALA B 212 37.70 4.05 34.85
N PRO B 213 38.92 4.52 34.58
CA PRO B 213 39.66 5.28 35.59
C PRO B 213 38.85 6.47 36.09
N PRO B 214 38.34 7.33 35.18
CA PRO B 214 37.43 8.39 35.65
C PRO B 214 36.05 7.82 35.93
N GLN B 215 35.08 8.69 36.18
CA GLN B 215 33.73 8.21 36.49
C GLN B 215 33.27 7.19 35.46
N PHE B 216 33.43 7.52 34.16
CA PHE B 216 33.05 6.65 33.05
C PHE B 216 31.72 5.95 33.32
N ALA B 217 30.79 6.62 33.99
CA ALA B 217 29.48 6.05 34.30
C ALA B 217 29.62 4.58 34.67
N TRP B 218 30.57 4.29 35.54
CA TRP B 218 30.95 2.93 35.89
C TRP B 218 30.85 2.72 37.39
N PRO B 219 30.24 1.63 37.86
CA PRO B 219 30.14 1.42 39.31
C PRO B 219 31.50 1.11 39.93
N SER B 220 31.79 1.79 41.04
CA SER B 220 33.04 1.51 41.74
C SER B 220 33.09 0.09 42.26
N LYS B 221 31.92 -0.49 42.58
CA LYS B 221 31.87 -1.86 43.08
C LYS B 221 32.33 -2.89 42.05
N MET B 222 32.27 -2.56 40.76
CA MET B 222 32.56 -3.57 39.75
C MET B 222 34.07 -3.83 39.67
N PRO B 223 34.48 -5.05 39.30
CA PRO B 223 35.92 -5.34 39.21
C PRO B 223 36.65 -4.62 38.08
N GLU B 224 36.21 -4.80 36.83
CA GLU B 224 36.88 -4.17 35.71
C GLU B 224 36.07 -4.42 34.43
N PRO B 225 36.02 -3.44 33.51
CA PRO B 225 35.26 -3.67 32.26
C PRO B 225 35.75 -4.85 31.45
N TYR B 226 37.04 -5.15 31.45
CA TYR B 226 37.52 -6.33 30.74
C TYR B 226 37.21 -7.61 31.47
N LEU B 227 37.11 -7.55 32.81
CA LEU B 227 36.68 -8.72 33.57
C LEU B 227 35.17 -8.92 33.47
N VAL B 228 34.40 -7.82 33.51
CA VAL B 228 32.94 -7.92 33.40
C VAL B 228 32.56 -8.53 32.07
N ILE B 229 33.16 -8.05 30.98
CA ILE B 229 32.84 -8.59 29.66
C ILE B 229 33.19 -10.08 29.60
N LYS B 230 34.29 -10.47 30.25
CA LYS B 230 34.68 -11.88 30.25
C LYS B 230 33.65 -12.74 30.96
N ARG B 231 33.09 -12.24 32.07
CA ARG B 231 32.09 -13.01 32.80
C ARG B 231 30.80 -13.12 31.99
N VAL B 232 30.40 -12.04 31.32
CA VAL B 232 29.16 -12.06 30.54
C VAL B 232 29.21 -13.18 29.51
N VAL B 233 30.34 -13.30 28.79
CA VAL B 233 30.47 -14.33 27.78
C VAL B 233 30.26 -15.71 28.41
N GLU B 234 30.83 -15.93 29.60
CA GLU B 234 30.63 -17.21 30.27
C GLU B 234 29.15 -17.46 30.54
N LEU B 235 28.43 -16.43 30.99
CA LEU B 235 26.99 -16.58 31.19
C LEU B 235 26.28 -16.80 29.86
N MET B 236 26.69 -16.08 28.81
CA MET B 236 26.07 -16.27 27.50
C MET B 236 26.28 -17.69 26.99
N ASN B 237 27.54 -18.16 27.03
CA ASN B 237 27.81 -19.55 26.66
C ASN B 237 27.05 -20.52 27.57
N TYR B 238 26.85 -20.15 28.83
CA TYR B 238 26.08 -21.00 29.74
C TYR B 238 24.64 -21.13 29.27
N HIS B 239 23.99 -19.99 29.01
CA HIS B 239 22.58 -20.01 28.66
C HIS B 239 22.34 -20.62 27.28
N LYS B 240 23.26 -20.37 26.33
CA LYS B 240 23.07 -20.93 24.99
C LYS B 240 23.01 -22.45 25.05
N LYS B 241 23.84 -23.06 25.91
CA LYS B 241 23.76 -24.49 26.11
C LYS B 241 22.42 -24.89 26.71
N ILE B 242 21.92 -24.08 27.66
CA ILE B 242 20.59 -24.33 28.23
C ILE B 242 19.52 -24.22 27.14
N MET B 243 19.60 -23.20 26.30
CA MET B 243 18.63 -23.03 25.22
C MET B 243 18.63 -24.26 24.30
N ASP B 244 19.81 -24.69 23.86
CA ASP B 244 19.88 -25.84 22.96
C ASP B 244 19.26 -27.07 23.60
N ASN B 245 19.59 -27.34 24.86
CA ASN B 245 19.02 -28.51 25.53
C ASN B 245 17.51 -28.40 25.66
N ASN B 246 17.01 -27.19 25.97
CA ASN B 246 15.57 -27.02 26.13
C ASN B 246 14.83 -27.14 24.81
N PHE B 247 15.43 -26.70 23.70
CA PHE B 247 14.82 -26.94 22.41
C PHE B 247 14.73 -28.44 22.13
N ALA B 248 15.76 -29.19 22.51
CA ALA B 248 15.81 -30.61 22.22
C ALA B 248 14.89 -31.43 23.12
N LYS B 249 14.62 -30.95 24.33
CA LYS B 249 13.87 -31.73 25.32
C LYS B 249 12.43 -31.27 25.50
N LYS B 250 12.19 -29.96 25.57
CA LYS B 250 10.88 -29.43 25.90
C LYS B 250 10.14 -29.00 24.64
N ASP B 251 8.83 -28.82 24.79
CA ASP B 251 7.99 -28.34 23.69
C ASP B 251 8.08 -26.82 23.64
N VAL B 252 8.77 -26.29 22.63
CA VAL B 252 8.97 -24.86 22.55
C VAL B 252 7.69 -24.14 22.16
N ASN B 253 6.81 -24.81 21.41
CA ASN B 253 5.56 -24.19 21.01
C ASN B 253 4.58 -24.05 22.16
N SER B 254 4.87 -24.68 23.31
CA SER B 254 4.01 -24.59 24.49
C SER B 254 4.68 -23.89 25.66
N MET B 255 5.82 -23.22 25.43
CA MET B 255 6.49 -22.50 26.51
C MET B 255 5.92 -21.10 26.71
N GLN B 256 5.12 -20.62 25.78
CA GLN B 256 4.46 -19.33 25.90
C GLN B 256 3.14 -19.41 25.15
N THR B 257 2.06 -19.00 25.81
CA THR B 257 0.72 -19.08 25.23
C THR B 257 0.40 -17.88 24.36
N ARG B 258 1.21 -16.83 24.38
CA ARG B 258 0.92 -15.59 23.68
C ARG B 258 2.17 -15.09 22.98
N TRP B 259 2.07 -14.85 21.67
CA TRP B 259 3.16 -14.31 20.87
C TRP B 259 2.67 -13.05 20.16
N CYS B 260 3.35 -11.94 20.39
CA CYS B 260 3.07 -10.68 19.72
C CYS B 260 4.07 -10.47 18.58
N THR B 261 3.75 -9.50 17.72
CA THR B 261 4.64 -9.07 16.65
C THR B 261 5.04 -10.24 15.74
N SER B 262 4.19 -11.26 15.67
CA SER B 262 4.39 -12.41 14.78
C SER B 262 5.64 -13.22 15.13
N GLU B 263 6.13 -13.11 16.35
CA GLU B 263 7.30 -13.88 16.75
C GLU B 263 6.90 -15.29 17.14
N ASP B 264 7.86 -16.20 17.07
CA ASP B 264 7.64 -17.60 17.41
C ASP B 264 8.96 -18.16 17.93
N PRO B 265 8.95 -19.41 18.44
CA PRO B 265 10.19 -19.94 19.03
C PRO B 265 11.38 -19.94 18.08
N SER B 266 11.15 -20.11 16.77
CA SER B 266 12.26 -20.09 15.84
C SER B 266 12.87 -18.70 15.75
N LEU B 267 12.04 -17.68 15.57
CA LEU B 267 12.55 -16.31 15.50
C LEU B 267 13.23 -15.93 16.81
N PHE B 268 12.66 -16.35 17.94
CA PHE B 268 13.33 -16.15 19.23
C PHE B 268 14.71 -16.78 19.22
N LYS B 269 14.81 -18.03 18.74
CA LYS B 269 16.10 -18.71 18.67
C LYS B 269 17.09 -17.93 17.82
N GLU B 270 16.62 -17.35 16.71
CA GLU B 270 17.53 -16.64 15.81
C GLU B 270 18.13 -15.42 16.47
N ARG B 271 17.31 -14.65 17.20
CA ARG B 271 17.83 -13.49 17.92
C ARG B 271 19.00 -13.90 18.82
N TRP B 272 18.78 -14.93 19.64
CA TRP B 272 19.77 -15.32 20.63
C TRP B 272 20.92 -16.11 20.01
N ASP B 273 20.65 -16.92 19.00
CA ASP B 273 21.74 -17.60 18.30
C ASP B 273 22.74 -16.58 17.77
N LYS B 274 22.25 -15.48 17.21
CA LYS B 274 23.14 -14.42 16.76
C LYS B 274 23.89 -13.78 17.93
N LEU B 275 23.16 -13.48 19.01
CA LEU B 275 23.80 -12.88 20.18
C LEU B 275 24.84 -13.81 20.79
N PHE B 276 24.49 -15.10 20.91
CA PHE B 276 25.45 -16.06 21.44
C PHE B 276 26.71 -16.12 20.59
N LYS B 277 26.56 -16.03 19.26
CA LYS B 277 27.73 -16.01 18.39
C LYS B 277 28.59 -14.79 18.66
N GLU B 278 27.97 -13.63 18.89
CA GLU B 278 28.70 -12.40 19.14
C GLU B 278 29.23 -12.31 20.57
N PHE B 279 28.74 -13.16 21.47
CA PHE B 279 29.14 -13.14 22.88
C PHE B 279 29.65 -14.51 23.30
N ASN B 280 30.52 -15.10 22.48
CA ASN B 280 31.20 -16.34 22.82
C ASN B 280 32.70 -16.17 22.98
N ASN B 281 33.21 -14.93 22.88
CA ASN B 281 34.64 -14.68 23.04
C ASN B 281 34.79 -13.27 23.60
N ALA B 282 35.24 -13.16 24.85
CA ALA B 282 35.32 -11.87 25.52
C ALA B 282 36.26 -10.93 24.78
N GLU B 283 37.39 -11.45 24.30
CA GLU B 283 38.38 -10.61 23.62
C GLU B 283 37.93 -10.18 22.23
N LYS B 284 36.72 -10.54 21.81
CA LYS B 284 36.17 -10.12 20.53
C LYS B 284 34.85 -9.37 20.65
N VAL B 285 34.26 -9.31 21.84
CA VAL B 285 32.98 -8.62 22.00
C VAL B 285 33.13 -7.19 21.53
N ASP B 286 32.31 -6.81 20.56
CA ASP B 286 32.35 -5.45 20.04
C ASP B 286 31.46 -4.55 20.90
N PRO B 287 31.97 -3.40 21.34
CA PRO B 287 31.16 -2.54 22.24
C PRO B 287 29.81 -2.17 21.63
N SER B 288 29.74 -2.02 20.31
CA SER B 288 28.47 -1.70 19.68
C SER B 288 27.45 -2.81 19.88
N LYS B 289 27.92 -4.04 20.02
CA LYS B 289 27.02 -5.18 20.23
C LYS B 289 26.59 -5.33 21.67
N ILE B 290 27.20 -4.60 22.60
CA ILE B 290 26.72 -4.59 23.98
C ILE B 290 25.33 -3.97 24.05
N SER B 291 25.14 -2.85 23.36
CA SER B 291 23.82 -2.24 23.31
C SER B 291 22.80 -3.15 22.63
N GLU B 292 23.24 -3.94 21.66
CA GLU B 292 22.34 -4.87 21.00
C GLU B 292 21.83 -5.94 21.97
N LEU B 293 22.75 -6.51 22.76
CA LEU B 293 22.36 -7.55 23.70
C LEU B 293 21.33 -7.02 24.70
N TYR B 294 21.58 -5.82 25.25
CA TYR B 294 20.70 -5.28 26.27
C TYR B 294 19.31 -5.01 25.72
N ASP B 295 19.22 -4.56 24.47
CA ASP B 295 17.91 -4.27 23.88
C ASP B 295 17.07 -5.52 23.76
N THR B 296 17.67 -6.63 23.30
CA THR B 296 16.92 -7.88 23.20
C THR B 296 16.49 -8.37 24.57
N MET B 297 17.33 -8.17 25.58
CA MET B 297 16.98 -8.61 26.93
C MET B 297 15.76 -7.87 27.45
N LYS B 298 15.69 -6.55 27.20
CA LYS B 298 14.50 -5.80 27.59
C LYS B 298 13.27 -6.27 26.83
N TYR B 299 13.41 -6.50 25.53
CA TYR B 299 12.26 -6.88 24.72
C TYR B 299 11.67 -8.21 25.18
N ASP B 300 12.50 -9.24 25.28
CA ASP B 300 12.00 -10.55 25.71
C ASP B 300 11.50 -10.51 27.14
N ALA B 301 12.20 -9.78 28.01
CA ALA B 301 11.75 -9.62 29.38
C ALA B 301 10.44 -8.86 29.48
N LEU B 302 10.00 -8.22 28.39
CA LEU B 302 8.72 -7.54 28.33
C LEU B 302 7.67 -8.30 27.54
N HIS B 303 8.06 -8.94 26.43
CA HIS B 303 7.10 -9.57 25.53
C HIS B 303 7.18 -11.09 25.50
N ASN B 304 8.26 -11.67 26.01
CA ASN B 304 8.46 -13.12 25.92
C ASN B 304 9.04 -13.68 27.20
N ARG B 305 8.52 -13.22 28.36
CA ARG B 305 9.02 -13.74 29.62
C ARG B 305 8.73 -15.22 29.78
N GLN B 306 7.50 -15.64 29.44
CA GLN B 306 7.14 -17.05 29.57
C GLN B 306 8.12 -17.94 28.81
N PHE B 307 8.30 -17.68 27.52
CA PHE B 307 9.25 -18.46 26.73
C PHE B 307 10.67 -18.27 27.24
N LEU B 308 11.02 -17.04 27.61
CA LEU B 308 12.37 -16.77 28.13
C LEU B 308 12.65 -17.59 29.37
N GLU B 309 11.69 -17.63 30.30
CA GLU B 309 11.88 -18.37 31.54
C GLU B 309 12.10 -19.85 31.27
N ASN B 310 11.20 -20.46 30.50
CA ASN B 310 11.28 -21.91 30.28
C ASN B 310 12.46 -22.27 29.40
N ILE B 311 12.73 -21.48 28.36
CA ILE B 311 13.81 -21.81 27.44
C ILE B 311 15.18 -21.63 28.09
N PHE B 312 15.27 -20.85 29.17
CA PHE B 312 16.51 -20.71 29.92
C PHE B 312 16.42 -21.36 31.30
N ASP B 313 15.42 -22.21 31.52
CA ASP B 313 15.32 -22.93 32.78
C ASP B 313 16.32 -24.08 32.78
N PRO B 314 17.28 -24.11 33.73
CA PRO B 314 18.28 -25.18 33.70
C PRO B 314 17.73 -26.54 34.13
N GLY B 315 16.41 -26.64 34.26
CA GLY B 315 15.75 -27.86 34.66
C GLY B 315 15.54 -27.94 36.16
N LEU B 316 14.70 -28.87 36.55
CA LEU B 316 14.36 -28.98 37.95
C LEU B 316 15.29 -29.94 38.66
N PRO B 317 15.47 -29.78 39.99
CA PRO B 317 16.25 -30.76 40.74
C PRO B 317 15.55 -32.11 40.83
N ASN B 318 14.28 -32.07 41.25
CA ASN B 318 13.44 -33.26 41.43
C ASN B 318 14.24 -34.52 41.76
N SER B 385 6.51 -17.07 34.72
CA SER B 385 6.25 -17.47 36.10
C SER B 385 7.33 -16.91 37.02
N GLN B 386 7.72 -17.67 38.04
CA GLN B 386 8.67 -17.18 39.04
C GLN B 386 10.05 -17.02 38.39
N PHE B 387 10.45 -15.78 38.13
CA PHE B 387 11.79 -15.50 37.63
C PHE B 387 12.76 -15.19 38.76
N ASP B 388 12.37 -15.46 40.00
CA ASP B 388 13.19 -15.23 41.18
C ASP B 388 13.83 -16.49 41.72
N GLU B 389 13.47 -17.65 41.16
CA GLU B 389 13.97 -18.94 41.63
C GLU B 389 15.50 -18.96 41.62
N PRO B 390 16.13 -19.69 42.54
CA PRO B 390 17.61 -19.76 42.52
C PRO B 390 18.18 -20.33 41.23
N ARG B 391 17.42 -21.15 40.50
CA ARG B 391 17.91 -21.69 39.24
C ARG B 391 18.29 -20.59 38.26
N PHE B 392 17.57 -19.47 38.28
CA PHE B 392 17.84 -18.35 37.38
C PHE B 392 18.86 -17.36 37.95
N MET B 393 19.73 -17.81 38.86
CA MET B 393 20.74 -16.91 39.39
C MET B 393 21.77 -16.58 38.33
N GLN B 394 22.19 -17.57 37.52
CA GLN B 394 23.10 -17.28 36.42
C GLN B 394 22.48 -16.28 35.45
N LEU B 395 21.14 -16.27 35.36
CA LEU B 395 20.46 -15.40 34.41
C LEU B 395 20.34 -13.98 34.96
N ARG B 396 19.95 -13.84 36.23
CA ARG B 396 19.79 -12.50 36.79
C ARG B 396 21.11 -11.75 36.82
N GLU B 397 22.20 -12.45 37.18
CA GLU B 397 23.51 -11.81 37.15
C GLU B 397 23.87 -11.40 35.73
N LEU B 398 23.57 -12.26 34.75
CA LEU B 398 23.80 -11.89 33.36
C LEU B 398 23.07 -10.61 33.02
N TYR B 399 21.83 -10.47 33.49
CA TYR B 399 21.09 -9.23 33.29
C TYR B 399 21.80 -8.06 33.96
N LYS B 400 22.24 -8.25 35.21
CA LYS B 400 22.92 -7.17 35.91
C LYS B 400 24.22 -6.78 35.23
N LEU B 401 25.00 -7.77 34.80
CA LEU B 401 26.26 -7.48 34.12
C LEU B 401 26.03 -6.76 32.80
N ALA B 402 25.00 -7.16 32.06
CA ALA B 402 24.67 -6.47 30.81
C ALA B 402 24.28 -5.02 31.07
N LYS B 403 23.50 -4.79 32.14
CA LYS B 403 23.11 -3.42 32.48
C LYS B 403 24.33 -2.56 32.75
N VAL B 404 25.29 -3.09 33.51
CA VAL B 404 26.50 -2.32 33.83
C VAL B 404 27.21 -1.90 32.56
N LEU B 405 27.44 -2.84 31.64
CA LEU B 405 28.16 -2.52 30.42
C LEU B 405 27.36 -1.56 29.54
N PHE B 406 26.03 -1.70 29.53
CA PHE B 406 25.21 -0.79 28.74
C PHE B 406 25.25 0.62 29.31
N ASP B 407 25.32 0.75 30.63
CA ASP B 407 25.39 2.07 31.26
C ASP B 407 26.77 2.69 31.18
N PHE B 408 27.77 1.95 30.70
CA PHE B 408 29.13 2.44 30.56
C PHE B 408 29.51 2.67 29.10
N ILE B 409 28.68 2.22 28.16
CA ILE B 409 28.93 2.39 26.73
C ILE B 409 27.96 3.40 26.12
N CYS B 410 26.65 3.15 26.26
CA CYS B 410 25.67 3.99 25.57
C CYS B 410 25.78 5.46 25.94
N PRO B 411 25.85 5.85 27.20
CA PRO B 411 26.02 7.28 27.50
C PRO B 411 27.27 7.89 26.90
N LYS B 412 28.34 7.10 26.79
CA LYS B 412 29.61 7.58 26.24
C LYS B 412 29.69 7.45 24.73
N GLU B 413 28.69 6.85 24.09
CA GLU B 413 28.62 6.88 22.63
C GLU B 413 28.45 8.31 22.13
N TYR B 414 27.94 9.20 22.98
CA TYR B 414 27.74 10.59 22.65
C TYR B 414 28.90 11.46 23.12
N GLY B 415 30.09 10.87 23.26
CA GLY B 415 31.27 11.58 23.73
C GLY B 415 31.69 11.00 25.07
N ILE B 416 32.98 10.69 25.16
CA ILE B 416 33.54 10.22 26.44
C ILE B 416 34.12 11.40 27.22
N SER B 417 34.82 12.30 26.55
CA SER B 417 35.38 13.48 27.19
C SER B 417 34.39 14.63 27.14
N ASP B 418 34.55 15.58 28.06
CA ASP B 418 33.64 16.71 28.13
C ASP B 418 33.58 17.46 26.81
N ALA B 419 34.73 17.66 26.15
CA ALA B 419 34.72 18.33 24.86
C ALA B 419 33.96 17.53 23.82
N GLU B 420 34.17 16.21 23.78
CA GLU B 420 33.42 15.37 22.85
C GLU B 420 31.94 15.35 23.18
N LYS B 421 31.60 15.13 24.44
CA LYS B 421 30.20 15.22 24.86
C LYS B 421 29.62 16.58 24.52
N LEU B 422 30.45 17.62 24.54
CA LEU B 422 30.00 18.95 24.17
C LEU B 422 29.94 19.11 22.66
N ASP B 423 31.01 18.74 21.96
CA ASP B 423 31.04 18.88 20.50
C ASP B 423 29.90 18.10 19.86
N ILE B 424 29.73 16.84 20.25
CA ILE B 424 28.59 16.07 19.77
C ILE B 424 27.29 16.70 20.24
N GLY B 425 27.29 17.25 21.45
CA GLY B 425 26.07 17.87 21.98
C GLY B 425 25.54 18.96 21.08
N LEU B 426 26.43 19.82 20.57
CA LEU B 426 25.98 20.95 19.76
C LEU B 426 25.58 20.52 18.36
N LEU B 427 26.46 19.78 17.67
CA LEU B 427 26.18 19.39 16.29
C LEU B 427 24.80 18.75 16.13
N THR B 428 24.30 18.11 17.20
CA THR B 428 23.03 17.40 17.12
C THR B 428 21.86 18.26 17.58
N SER B 429 21.98 18.90 18.74
CA SER B 429 20.84 19.55 19.39
C SER B 429 21.03 21.06 19.53
N LEU B 430 21.94 21.66 18.76
CA LEU B 430 22.03 23.12 18.77
C LEU B 430 20.73 23.78 18.34
N PRO B 431 20.09 23.35 17.24
CA PRO B 431 18.79 23.97 16.89
C PRO B 431 17.73 23.76 17.95
N LEU B 432 17.57 22.53 18.43
CA LEU B 432 16.55 22.24 19.44
C LEU B 432 16.75 23.10 20.69
N ALA B 433 18.01 23.27 21.12
CA ALA B 433 18.27 24.08 22.30
C ALA B 433 17.81 25.51 22.09
N LYS B 434 18.06 26.09 20.92
CA LYS B 434 17.65 27.46 20.66
C LYS B 434 16.13 27.60 20.73
N GLN B 435 15.41 26.67 20.12
CA GLN B 435 13.95 26.77 20.07
C GLN B 435 13.34 26.75 21.47
N ILE B 436 13.88 25.91 22.36
CA ILE B 436 13.35 25.81 23.71
C ILE B 436 13.40 27.17 24.41
N LEU B 437 14.54 27.85 24.31
CA LEU B 437 14.65 29.18 24.90
C LEU B 437 13.63 30.13 24.29
N ASN B 438 13.42 30.05 22.98
CA ASN B 438 12.45 30.91 22.33
C ASN B 438 11.04 30.60 22.80
N ASP B 439 10.72 29.31 22.97
CA ASP B 439 9.39 28.94 23.47
C ASP B 439 9.17 29.51 24.86
N ILE B 440 10.16 29.38 25.74
CA ILE B 440 10.05 29.98 27.07
C ILE B 440 9.94 31.49 26.96
N GLY B 441 10.72 32.09 26.05
CA GLY B 441 10.59 33.53 25.84
C GLY B 441 9.20 33.93 25.39
N ASP B 442 8.61 33.14 24.49
CA ASP B 442 7.25 33.44 24.04
C ASP B 442 6.26 33.31 25.20
N MET B 443 6.36 32.23 25.98
CA MET B 443 5.44 32.01 27.08
C MET B 443 5.53 33.15 28.09
N LYS B 444 6.73 33.68 28.32
CA LYS B 444 6.88 34.80 29.25
C LYS B 444 6.23 36.06 28.71
N ASN B 445 6.49 36.38 27.44
CA ASN B 445 5.94 37.62 26.87
C ASN B 445 4.44 37.51 26.68
N ARG B 446 3.93 36.33 26.37
CA ARG B 446 2.50 36.09 26.25
C ARG B 446 1.95 35.76 27.63
N GLU B 447 1.00 36.57 28.11
CA GLU B 447 0.45 36.36 29.44
C GLU B 447 -0.21 34.99 29.58
N THR B 448 -0.56 34.35 28.47
CA THR B 448 -1.23 33.06 28.51
C THR B 448 -0.20 31.94 28.55
N PRO B 449 -0.22 31.07 29.58
CA PRO B 449 0.70 29.94 29.57
C PRO B 449 0.44 29.01 28.39
N ALA B 450 1.49 28.30 27.97
CA ALA B 450 1.42 27.43 26.81
C ALA B 450 2.34 26.23 27.05
N CYS B 451 2.29 25.29 26.11
CA CYS B 451 3.14 24.10 26.17
C CYS B 451 3.53 23.70 24.76
N VAL B 452 4.80 23.31 24.59
CA VAL B 452 5.32 22.85 23.31
C VAL B 452 6.05 21.55 23.56
N ALA B 453 5.70 20.52 22.78
CA ALA B 453 6.27 19.19 22.93
C ALA B 453 7.06 18.83 21.67
N TYR B 454 8.27 18.32 21.87
CA TYR B 454 9.13 17.86 20.78
C TYR B 454 9.36 16.37 20.94
N PHE B 455 9.04 15.61 19.91
CA PHE B 455 9.27 14.16 19.88
C PHE B 455 10.50 13.89 19.03
N THR B 456 11.51 13.27 19.65
CA THR B 456 12.81 13.10 19.02
C THR B 456 13.33 11.71 19.33
N LYS B 457 14.35 11.30 18.59
CA LYS B 457 15.00 10.02 18.83
C LYS B 457 15.85 10.10 20.11
N GLU B 458 16.40 8.95 20.50
CA GLU B 458 17.14 8.86 21.75
C GLU B 458 18.40 9.72 21.71
N SER B 459 19.03 9.85 20.54
CA SER B 459 20.33 10.52 20.47
C SER B 459 20.23 11.97 20.90
N HIS B 460 19.17 12.67 20.49
CA HIS B 460 19.04 14.08 20.83
C HIS B 460 18.86 14.29 22.33
N ILE B 461 18.28 13.31 23.03
CA ILE B 461 18.07 13.46 24.47
C ILE B 461 19.41 13.51 25.21
N TYR B 462 20.27 12.52 24.96
CA TYR B 462 21.59 12.53 25.58
C TYR B 462 22.35 13.80 25.23
N THR B 463 22.39 14.14 23.94
CA THR B 463 23.18 15.29 23.50
C THR B 463 22.64 16.58 24.10
N LEU B 464 21.32 16.77 24.06
CA LEU B 464 20.75 17.97 24.69
C LEU B 464 21.00 17.96 26.19
N LEU B 465 20.91 16.80 26.83
CA LEU B 465 21.25 16.70 28.23
C LEU B 465 22.71 17.06 28.46
N ASN B 466 23.59 16.67 27.54
CA ASN B 466 25.00 17.06 27.64
C ASN B 466 25.13 18.58 27.56
N ILE B 467 24.38 19.22 26.66
CA ILE B 467 24.40 20.67 26.58
C ILE B 467 24.02 21.27 27.93
N ILE B 468 23.03 20.68 28.59
CA ILE B 468 22.56 21.21 29.88
C ILE B 468 23.68 21.16 30.89
N TYR B 469 24.37 20.02 31.00
CA TYR B 469 25.44 19.88 31.97
C TYR B 469 26.66 20.72 31.60
N GLU B 470 27.04 20.71 30.33
CA GLU B 470 28.23 21.44 29.89
C GLU B 470 28.04 22.96 29.92
N SER B 471 26.83 23.44 30.22
CA SER B 471 26.61 24.87 30.34
C SER B 471 27.06 25.42 31.70
N GLY B 472 27.43 24.57 32.65
CA GLY B 472 27.83 25.01 33.96
C GLY B 472 26.68 25.36 34.89
N ILE B 473 25.45 25.04 34.50
CA ILE B 473 24.29 25.39 35.33
C ILE B 473 24.30 24.53 36.59
N PRO B 474 23.97 25.09 37.76
CA PRO B 474 23.91 24.25 38.97
C PRO B 474 22.89 23.13 38.82
N MET B 475 23.32 21.91 39.09
CA MET B 475 22.49 20.74 38.93
C MET B 475 22.08 20.19 40.29
N ARG B 476 20.90 19.57 40.33
CA ARG B 476 20.44 18.85 41.50
C ARG B 476 20.81 17.38 41.48
N ILE B 477 21.17 16.85 40.31
CA ILE B 477 21.53 15.45 40.14
C ILE B 477 22.74 15.37 39.22
N ALA B 478 23.69 14.51 39.57
CA ALA B 478 24.89 14.34 38.77
C ALA B 478 24.59 13.56 37.49
N ARG B 479 25.37 13.83 36.45
CA ARG B 479 25.15 13.17 35.16
C ARG B 479 25.26 11.66 35.30
N ASN B 480 26.28 11.18 36.02
CA ASN B 480 26.44 9.74 36.21
C ASN B 480 25.28 9.15 36.99
N ALA B 481 24.71 9.91 37.92
CA ALA B 481 23.63 9.40 38.75
C ALA B 481 22.31 9.31 38.01
N LEU B 482 22.23 9.87 36.80
CA LEU B 482 20.98 9.87 36.07
C LEU B 482 20.63 8.44 35.62
N PRO B 483 19.37 8.04 35.72
CA PRO B 483 18.98 6.72 35.21
C PRO B 483 19.06 6.65 33.70
N GLU B 484 18.90 5.44 33.18
CA GLU B 484 18.92 5.22 31.74
C GLU B 484 17.82 6.05 31.08
N LEU B 485 18.18 6.71 29.98
CA LEU B 485 17.22 7.47 29.17
C LEU B 485 16.47 6.48 28.29
N ASP B 486 15.45 5.86 28.86
CA ASP B 486 14.71 4.78 28.22
C ASP B 486 13.60 5.36 27.35
N TYR B 487 12.69 4.51 26.89
CA TYR B 487 11.60 4.95 26.03
C TYR B 487 10.68 5.91 26.77
N LEU B 488 10.26 6.96 26.07
CA LEU B 488 9.47 8.05 26.66
C LEU B 488 10.26 8.83 27.70
N SER B 489 11.59 8.85 27.56
CA SER B 489 12.38 9.76 28.38
C SER B 489 12.00 11.19 28.04
N GLN B 490 11.97 12.04 29.07
CA GLN B 490 11.50 13.41 28.93
C GLN B 490 12.48 14.38 29.57
N ILE B 491 12.66 15.53 28.92
CA ILE B 491 13.35 16.67 29.50
C ILE B 491 12.40 17.85 29.42
N THR B 492 12.22 18.54 30.54
CA THR B 492 11.24 19.61 30.64
C THR B 492 11.93 20.91 31.03
N PHE B 493 11.42 22.01 30.49
CA PHE B 493 11.83 23.36 30.85
C PHE B 493 10.58 24.07 31.34
N GLU B 494 10.28 23.90 32.63
CA GLU B 494 9.07 24.44 33.20
C GLU B 494 9.29 25.90 33.59
N LEU B 495 8.42 26.78 33.09
CA LEU B 495 8.52 28.21 33.37
C LEU B 495 7.50 28.58 34.45
N TYR B 496 7.93 29.45 35.35
CA TYR B 496 7.06 29.91 36.43
C TYR B 496 7.17 31.41 36.59
N GLU B 497 6.52 31.94 37.61
CA GLU B 497 6.66 33.34 38.00
C GLU B 497 7.05 33.37 39.48
N SER B 498 7.75 34.42 39.87
CA SER B 498 8.25 34.56 41.23
C SER B 498 7.22 35.37 42.01
N THR B 499 6.48 34.70 42.88
CA THR B 499 5.33 35.30 43.53
C THR B 499 5.81 35.91 44.85
N ASP B 500 5.52 37.19 45.03
CA ASP B 500 6.06 37.96 46.14
C ASP B 500 4.94 38.88 46.62
N ALA B 501 5.32 39.93 47.37
CA ALA B 501 4.41 41.00 47.76
C ALA B 501 4.77 42.29 47.05
N SER B 502 5.64 42.22 46.04
CA SER B 502 5.98 43.31 45.16
C SER B 502 5.74 42.81 43.74
N GLY B 503 5.25 43.69 42.88
CA GLY B 503 4.90 43.27 41.54
C GLY B 503 6.12 42.95 40.69
N GLN B 504 5.87 42.80 39.39
CA GLN B 504 6.90 42.51 38.41
C GLN B 504 7.71 41.28 38.83
N LYS B 505 7.03 40.14 38.86
CA LYS B 505 7.67 38.89 39.26
C LYS B 505 8.86 38.60 38.36
N SER B 506 9.95 38.13 38.96
CA SER B 506 11.21 37.91 38.25
C SER B 506 11.20 36.65 37.39
N HIS B 507 10.16 35.82 37.49
CA HIS B 507 10.07 34.59 36.72
C HIS B 507 11.19 33.62 37.08
N SER B 508 11.00 32.33 36.76
CA SER B 508 11.96 31.32 37.10
C SER B 508 11.77 30.11 36.19
N ILE B 509 12.86 29.37 35.98
CA ILE B 509 12.84 28.17 35.16
C ILE B 509 13.30 26.99 36.02
N ARG B 510 12.58 25.88 35.91
CA ARG B 510 12.92 24.65 36.62
C ARG B 510 13.04 23.53 35.60
N LEU B 511 14.14 22.78 35.68
CA LEU B 511 14.40 21.68 34.74
C LEU B 511 14.14 20.36 35.44
N LYS B 512 13.35 19.50 34.78
CA LYS B 512 13.06 18.17 35.27
C LYS B 512 13.30 17.16 34.16
N MET B 513 13.45 15.90 34.55
CA MET B 513 13.68 14.81 33.60
C MET B 513 12.94 13.58 34.06
N SER B 514 12.55 12.75 33.09
CA SER B 514 11.94 11.45 33.35
C SER B 514 12.67 10.41 32.50
N PRO B 515 13.12 9.30 33.09
CA PRO B 515 13.76 8.25 32.29
C PRO B 515 12.80 7.50 31.38
N GLY B 516 11.50 7.82 31.42
CA GLY B 516 10.54 7.14 30.59
C GLY B 516 10.06 5.85 31.21
N CYS B 517 9.65 4.91 30.36
CA CYS B 517 9.14 3.61 30.81
C CYS B 517 10.34 2.70 31.04
N HIS B 518 10.90 2.81 32.25
CA HIS B 518 12.11 2.10 32.62
C HIS B 518 11.90 1.42 33.97
N THR B 519 12.55 0.28 34.16
CA THR B 519 12.48 -0.45 35.41
C THR B 519 13.87 -0.91 35.81
N GLN B 520 14.11 -0.96 37.12
CA GLN B 520 15.36 -1.45 37.66
C GLN B 520 15.36 -2.96 37.89
N ASP B 521 14.20 -3.61 37.79
CA ASP B 521 14.08 -5.06 37.98
C ASP B 521 13.19 -5.61 36.88
N PRO B 522 13.68 -5.63 35.63
CA PRO B 522 12.84 -6.15 34.54
C PRO B 522 12.39 -7.57 34.76
N LEU B 523 13.18 -8.38 35.49
CA LEU B 523 12.87 -9.77 35.72
C LEU B 523 11.92 -9.99 36.89
N ASP B 524 11.59 -8.93 37.64
CA ASP B 524 10.69 -9.04 38.78
C ASP B 524 9.40 -8.26 38.61
N VAL B 525 9.34 -7.36 37.62
CA VAL B 525 8.13 -6.56 37.42
C VAL B 525 6.98 -7.44 36.98
N GLN B 526 5.78 -7.14 37.50
CA GLN B 526 4.58 -7.86 37.11
C GLN B 526 4.03 -7.25 35.83
N LEU B 527 3.95 -8.04 34.77
CA LEU B 527 3.58 -7.55 33.45
C LEU B 527 2.17 -7.99 33.08
N ASP B 528 1.51 -7.16 32.28
CA ASP B 528 0.20 -7.46 31.73
C ASP B 528 0.36 -8.14 30.36
N ASP B 529 -0.76 -8.63 29.84
CA ASP B 529 -0.76 -9.22 28.51
C ASP B 529 -0.32 -8.22 27.44
N ARG B 530 -0.40 -6.92 27.74
CA ARG B 530 -0.01 -5.87 26.81
C ARG B 530 1.50 -5.64 26.80
N HIS B 531 2.25 -6.26 27.70
CA HIS B 531 3.72 -6.19 27.69
C HIS B 531 4.18 -4.74 27.78
N TYR B 532 3.68 -4.03 28.79
CA TYR B 532 3.85 -2.59 28.92
C TYR B 532 4.36 -2.23 30.31
N ILE B 533 5.28 -1.28 30.37
CA ILE B 533 5.82 -0.75 31.62
C ILE B 533 5.34 0.68 31.79
N SER B 534 4.95 1.03 33.01
CA SER B 534 4.54 2.38 33.32
C SER B 534 5.73 3.34 33.26
N CYS B 535 5.42 4.62 33.03
CA CYS B 535 6.45 5.64 32.94
C CYS B 535 6.83 6.15 34.32
N ILE B 536 8.12 6.40 34.52
CA ILE B 536 8.62 6.91 35.80
C ILE B 536 8.32 8.40 35.91
N PRO B 537 7.87 8.90 37.06
CA PRO B 537 7.59 10.33 37.18
C PRO B 537 8.84 11.16 36.96
N LYS B 538 8.63 12.42 36.56
CA LYS B 538 9.73 13.34 36.34
C LYS B 538 10.43 13.66 37.65
N ILE B 539 11.73 13.95 37.56
CA ILE B 539 12.54 14.38 38.69
C ILE B 539 13.21 15.70 38.33
N SER B 540 13.37 16.56 39.34
CA SER B 540 13.91 17.89 39.12
C SER B 540 15.42 17.83 38.94
N LEU B 541 15.91 18.33 37.81
CA LEU B 541 17.34 18.46 37.61
C LEU B 541 17.89 19.73 38.26
N THR B 542 17.05 20.76 38.40
CA THR B 542 17.43 22.01 39.04
C THR B 542 16.23 22.53 39.82
N LYS B 543 16.46 23.59 40.59
CA LYS B 543 15.40 24.27 41.31
C LYS B 543 14.88 25.43 40.46
N HIS B 544 14.04 26.27 41.04
CA HIS B 544 13.54 27.45 40.34
C HIS B 544 14.70 28.42 40.13
N LEU B 545 15.19 28.52 38.90
CA LEU B 545 16.33 29.34 38.56
C LEU B 545 15.88 30.53 37.71
N ASP B 546 16.58 31.65 37.89
CA ASP B 546 16.21 32.87 37.20
C ASP B 546 16.19 32.65 35.69
N MET B 547 15.12 33.11 35.05
CA MET B 547 14.94 32.91 33.61
C MET B 547 16.14 33.44 32.83
N ASP B 548 16.47 34.72 33.01
CA ASP B 548 17.58 35.31 32.26
C ASP B 548 18.88 34.56 32.53
N TYR B 549 19.07 34.11 33.78
CA TYR B 549 20.29 33.38 34.12
C TYR B 549 20.39 32.07 33.34
N VAL B 550 19.27 31.34 33.22
CA VAL B 550 19.31 30.06 32.53
C VAL B 550 19.57 30.24 31.04
N GLN B 551 19.09 31.35 30.46
CA GLN B 551 19.32 31.59 29.04
C GLN B 551 20.77 32.01 28.76
N GLN B 552 21.41 32.69 29.71
CA GLN B 552 22.78 33.12 29.50
C GLN B 552 23.75 31.95 29.56
N LYS B 553 23.55 31.04 30.52
CA LYS B 553 24.40 29.86 30.60
C LYS B 553 24.37 29.07 29.30
N LEU B 554 23.17 28.93 28.71
CA LEU B 554 23.03 28.15 27.49
C LEU B 554 23.56 28.91 26.27
N ARG B 555 23.20 30.19 26.16
CA ARG B 555 23.68 31.01 25.05
C ARG B 555 23.78 32.48 25.46
N ALA C 2 16.46 31.01 -21.06
CA ALA C 2 17.71 30.85 -20.25
C ALA C 2 17.62 31.63 -18.95
N LYS C 3 16.58 32.47 -18.83
CA LYS C 3 16.38 33.22 -17.60
C LYS C 3 16.14 32.32 -16.40
N TRP C 4 15.66 31.09 -16.61
CA TRP C 4 15.35 30.19 -15.51
C TRP C 4 15.94 28.82 -15.80
N VAL C 5 16.62 28.25 -14.80
CA VAL C 5 17.18 26.90 -14.89
C VAL C 5 16.29 25.95 -14.10
N PHE C 6 16.01 24.80 -14.69
CA PHE C 6 15.12 23.83 -14.06
C PHE C 6 15.70 23.33 -12.75
N LYS C 7 14.83 23.13 -11.76
CA LYS C 7 15.22 22.68 -10.43
C LYS C 7 14.41 21.51 -9.89
N GLY C 8 13.24 21.22 -10.44
CA GLY C 8 12.44 20.10 -9.96
C GLY C 8 11.04 20.10 -10.52
N LEU C 9 10.34 18.97 -10.39
CA LEU C 9 8.99 18.83 -10.94
C LEU C 9 8.13 17.99 -10.01
N ALA C 10 6.94 18.48 -9.71
CA ALA C 10 5.91 17.72 -9.02
C ALA C 10 4.75 17.54 -9.98
N ILE C 11 4.56 16.32 -10.48
CA ILE C 11 3.59 16.02 -11.52
C ILE C 11 2.56 15.07 -10.96
N ILE C 12 1.28 15.37 -11.21
CA ILE C 12 0.16 14.49 -10.88
C ILE C 12 -0.38 13.94 -12.19
N ILE C 13 -0.55 12.62 -12.25
CA ILE C 13 -0.87 11.93 -13.49
C ILE C 13 -2.14 11.11 -13.28
N ARG C 14 -3.03 11.18 -14.26
CA ARG C 14 -4.28 10.41 -14.24
C ARG C 14 -4.05 9.06 -14.90
N HIS C 15 -4.85 8.08 -14.49
CA HIS C 15 -4.65 6.71 -14.94
C HIS C 15 -4.88 6.58 -16.45
N ALA C 16 -4.40 5.47 -17.01
CA ALA C 16 -4.43 5.25 -18.44
C ALA C 16 -5.77 4.67 -18.88
N ASP C 17 -5.86 4.35 -20.17
CA ASP C 17 -7.11 3.86 -20.76
C ASP C 17 -7.66 2.67 -19.99
N ARG C 18 -8.98 2.56 -19.97
CA ARG C 18 -9.65 1.46 -19.29
C ARG C 18 -10.95 1.12 -20.01
N THR C 19 -11.39 -0.12 -19.84
CA THR C 19 -12.61 -0.57 -20.49
C THR C 19 -13.84 -0.02 -19.78
N PRO C 20 -14.92 0.25 -20.50
CA PRO C 20 -16.11 0.82 -19.86
C PRO C 20 -16.78 -0.16 -18.92
N LYS C 21 -17.33 0.38 -17.83
CA LYS C 21 -18.09 -0.44 -16.89
C LYS C 21 -19.46 -0.75 -17.48
N GLN C 22 -19.86 -2.02 -17.35
CA GLN C 22 -21.09 -2.51 -17.98
C GLN C 22 -21.78 -3.47 -17.02
N LYS C 23 -23.11 -3.54 -17.15
CA LYS C 23 -23.91 -4.37 -16.26
C LYS C 23 -25.18 -4.83 -16.93
N PHE C 24 -25.46 -6.13 -16.85
CA PHE C 24 -26.68 -6.75 -17.35
C PHE C 24 -27.57 -7.11 -16.17
N LYS C 25 -28.85 -6.75 -16.24
CA LYS C 25 -29.79 -6.99 -15.15
C LYS C 25 -31.04 -7.69 -15.69
N HIS C 26 -31.43 -8.77 -15.01
CA HIS C 26 -32.72 -9.41 -15.27
C HIS C 26 -33.04 -10.35 -14.11
N SER C 27 -34.32 -10.65 -13.95
CA SER C 27 -34.82 -11.48 -12.87
C SER C 27 -35.40 -12.78 -13.43
N PHE C 28 -35.15 -13.89 -12.72
CA PHE C 28 -35.65 -15.19 -13.10
C PHE C 28 -36.37 -15.83 -11.92
N THR C 29 -37.27 -16.77 -12.23
CA THR C 29 -38.03 -17.49 -11.22
C THR C 29 -37.82 -19.00 -11.27
N SER C 30 -37.15 -19.52 -12.30
CA SER C 30 -36.98 -20.96 -12.43
C SER C 30 -36.17 -21.50 -11.26
N PRO C 31 -36.43 -22.75 -10.84
CA PRO C 31 -35.69 -23.28 -9.69
C PRO C 31 -34.19 -23.29 -9.87
N ILE C 32 -33.70 -23.51 -11.09
CA ILE C 32 -32.26 -23.54 -11.32
C ILE C 32 -31.64 -22.18 -10.99
N PHE C 33 -32.35 -21.10 -11.30
CA PHE C 33 -31.85 -19.78 -10.97
C PHE C 33 -31.90 -19.52 -9.47
N ILE C 34 -32.98 -19.95 -8.80
CA ILE C 34 -33.10 -19.73 -7.37
C ILE C 34 -32.06 -20.53 -6.60
N SER C 35 -31.74 -21.73 -7.08
CA SER C 35 -30.82 -22.60 -6.35
C SER C 35 -29.42 -22.00 -6.25
N LEU C 36 -29.06 -21.07 -7.14
CA LEU C 36 -27.73 -20.48 -7.09
C LEU C 36 -27.52 -19.67 -5.81
N LEU C 37 -28.61 -19.25 -5.15
CA LEU C 37 -28.49 -18.54 -3.88
C LEU C 37 -27.92 -19.41 -2.77
N LYS C 38 -27.86 -20.73 -2.97
CA LYS C 38 -27.42 -21.66 -1.93
C LYS C 38 -28.21 -21.43 -0.63
N GLY C 39 -29.52 -21.26 -0.78
CA GLY C 39 -30.41 -21.12 0.35
C GLY C 39 -30.47 -19.73 0.96
N HIS C 40 -29.50 -18.87 0.66
CA HIS C 40 -29.47 -17.54 1.27
C HIS C 40 -30.66 -16.71 0.80
N LYS C 41 -31.19 -15.91 1.72
CA LYS C 41 -32.34 -15.06 1.45
C LYS C 41 -31.98 -13.57 1.37
N GLU C 42 -30.69 -13.25 1.25
CA GLU C 42 -30.23 -11.87 1.11
C GLU C 42 -29.35 -11.76 -0.13
N GLU C 43 -28.87 -10.55 -0.39
CA GLU C 43 -28.03 -10.33 -1.56
C GLU C 43 -26.75 -11.15 -1.44
N VAL C 44 -26.38 -11.83 -2.53
CA VAL C 44 -25.20 -12.67 -2.58
C VAL C 44 -24.29 -12.14 -3.69
N VAL C 45 -23.01 -11.96 -3.37
CA VAL C 45 -22.00 -11.48 -4.31
C VAL C 45 -21.03 -12.61 -4.59
N ILE C 46 -20.78 -12.86 -5.87
CA ILE C 46 -19.87 -13.92 -6.31
C ILE C 46 -18.74 -13.27 -7.10
N ARG C 47 -17.52 -13.40 -6.60
CA ARG C 47 -16.34 -12.95 -7.32
C ARG C 47 -15.21 -13.98 -7.33
N ASN C 48 -15.41 -15.14 -6.71
CA ASN C 48 -14.45 -16.22 -6.85
C ASN C 48 -14.60 -16.84 -8.23
N VAL C 49 -13.49 -16.91 -8.98
CA VAL C 49 -13.54 -17.46 -10.33
C VAL C 49 -14.11 -18.87 -10.30
N ASN C 50 -13.78 -19.64 -9.25
CA ASN C 50 -14.34 -20.98 -9.13
C ASN C 50 -15.86 -20.93 -9.04
N ASP C 51 -16.40 -19.98 -8.27
CA ASP C 51 -17.85 -19.85 -8.19
C ASP C 51 -18.44 -19.36 -9.50
N LEU C 52 -17.74 -18.45 -10.18
CA LEU C 52 -18.25 -17.95 -11.46
C LEU C 52 -18.36 -19.07 -12.49
N LYS C 53 -17.40 -19.99 -12.49
CA LYS C 53 -17.50 -21.15 -13.38
C LYS C 53 -18.71 -21.99 -13.02
N ILE C 54 -19.00 -22.15 -11.73
CA ILE C 54 -20.18 -22.91 -11.31
C ILE C 54 -21.45 -22.23 -11.83
N VAL C 55 -21.52 -20.91 -11.69
CA VAL C 55 -22.68 -20.18 -12.21
C VAL C 55 -22.77 -20.35 -13.72
N LEU C 56 -21.63 -20.23 -14.42
CA LEU C 56 -21.63 -20.36 -15.87
C LEU C 56 -22.27 -21.66 -16.30
N GLN C 57 -21.90 -22.77 -15.65
CA GLN C 57 -22.49 -24.06 -15.99
C GLN C 57 -24.00 -24.04 -15.81
N ALA C 58 -24.48 -23.33 -14.78
CA ALA C 58 -25.92 -23.25 -14.57
C ALA C 58 -26.62 -22.64 -15.76
N LEU C 59 -26.01 -21.64 -16.40
CA LEU C 59 -26.62 -21.03 -17.57
C LEU C 59 -26.73 -22.03 -18.72
N ARG C 60 -25.71 -22.89 -18.89
CA ARG C 60 -25.81 -23.92 -19.91
C ARG C 60 -26.97 -24.86 -19.64
N ILE C 61 -27.19 -25.21 -18.38
CA ILE C 61 -28.33 -26.05 -18.02
C ILE C 61 -29.63 -25.25 -18.10
N ALA C 62 -29.59 -23.99 -17.66
CA ALA C 62 -30.79 -23.16 -17.74
C ALA C 62 -31.26 -23.05 -19.18
N LEU C 63 -30.33 -23.04 -20.14
CA LEU C 63 -30.70 -23.06 -21.54
C LEU C 63 -31.14 -24.45 -21.99
N ASP C 64 -30.60 -25.51 -21.39
CA ASP C 64 -31.03 -26.85 -21.76
C ASP C 64 -32.53 -27.04 -21.52
N GLU C 65 -33.03 -26.58 -20.36
CA GLU C 65 -34.46 -26.59 -20.09
C GLU C 65 -35.07 -25.19 -20.14
N LYS C 66 -34.49 -24.29 -20.94
CA LYS C 66 -35.03 -22.95 -21.18
C LYS C 66 -35.77 -22.45 -19.95
N ALA C 67 -35.09 -22.55 -18.81
CA ALA C 67 -35.68 -22.19 -17.52
C ALA C 67 -36.32 -20.81 -17.54
N GLY C 68 -35.70 -19.85 -18.24
CA GLY C 68 -36.22 -18.52 -18.41
C GLY C 68 -36.32 -18.17 -19.88
N ASN C 69 -36.09 -16.89 -20.16
CA ASN C 69 -36.04 -16.37 -21.53
C ASN C 69 -34.76 -16.87 -22.17
N PRO C 70 -34.82 -17.84 -23.09
CA PRO C 70 -33.58 -18.42 -23.62
C PRO C 70 -32.64 -17.41 -24.25
N ALA C 71 -33.18 -16.37 -24.90
CA ALA C 71 -32.31 -15.38 -25.53
C ALA C 71 -31.43 -14.70 -24.50
N LYS C 72 -32.00 -14.32 -23.35
CA LYS C 72 -31.21 -13.67 -22.32
C LYS C 72 -30.26 -14.64 -21.63
N ILE C 73 -30.65 -15.90 -21.49
CA ILE C 73 -29.77 -16.89 -20.85
C ILE C 73 -28.53 -17.11 -21.70
N LYS C 74 -28.70 -17.14 -23.04
CA LYS C 74 -27.54 -17.28 -23.91
C LYS C 74 -26.60 -16.09 -23.78
N VAL C 75 -27.16 -14.88 -23.72
CA VAL C 75 -26.33 -13.69 -23.59
C VAL C 75 -25.60 -13.70 -22.25
N LEU C 76 -26.31 -14.06 -21.17
CA LEU C 76 -25.67 -14.11 -19.86
C LEU C 76 -24.55 -15.13 -19.83
N ALA C 77 -24.79 -16.32 -20.41
CA ALA C 77 -23.75 -17.34 -20.42
C ALA C 77 -22.50 -16.85 -21.13
N ASN C 78 -22.68 -16.33 -22.36
CA ASN C 78 -21.53 -15.79 -23.08
C ASN C 78 -20.89 -14.65 -22.32
N ALA C 79 -21.70 -13.72 -21.81
CA ALA C 79 -21.15 -12.61 -21.03
C ALA C 79 -20.36 -13.13 -19.84
N LEU C 80 -20.93 -14.08 -19.10
CA LEU C 80 -20.25 -14.58 -17.90
C LEU C 80 -18.94 -15.27 -18.27
N GLU C 81 -18.96 -16.12 -19.28
CA GLU C 81 -17.74 -16.86 -19.63
C GLU C 81 -16.67 -15.93 -20.20
N LYS C 82 -17.07 -14.95 -21.01
CA LYS C 82 -16.09 -14.01 -21.56
C LYS C 82 -15.47 -13.15 -20.46
N LYS C 83 -16.27 -12.68 -19.51
CA LYS C 83 -15.80 -11.69 -18.55
C LYS C 83 -15.46 -12.27 -17.18
N LEU C 84 -15.81 -13.54 -16.91
CA LEU C 84 -15.45 -14.11 -15.61
C LEU C 84 -13.93 -14.23 -15.46
N ASN C 85 -13.20 -14.22 -16.56
CA ASN C 85 -11.75 -14.25 -16.53
C ASN C 85 -11.14 -12.88 -16.23
N PHE C 86 -11.97 -11.85 -16.07
CA PHE C 86 -11.48 -10.48 -15.85
C PHE C 86 -11.64 -10.11 -14.39
N PRO C 87 -10.61 -9.51 -13.76
CA PRO C 87 -10.79 -9.01 -12.39
C PRO C 87 -11.86 -7.93 -12.35
N GLY C 88 -12.66 -7.95 -11.29
CA GLY C 88 -13.76 -7.02 -11.13
C GLY C 88 -15.09 -7.50 -11.67
N THR C 89 -15.09 -8.57 -12.46
CA THR C 89 -16.35 -9.14 -12.92
C THR C 89 -17.04 -9.85 -11.76
N LYS C 90 -18.30 -9.51 -11.52
CA LYS C 90 -19.00 -9.99 -10.35
C LYS C 90 -20.48 -10.17 -10.66
N ILE C 91 -21.16 -10.91 -9.80
CA ILE C 91 -22.59 -11.14 -9.90
C ILE C 91 -23.23 -10.72 -8.59
N GLN C 92 -24.36 -10.01 -8.68
CA GLN C 92 -25.17 -9.64 -7.53
C GLN C 92 -26.53 -10.30 -7.66
N LEU C 93 -26.93 -11.06 -6.64
CA LEU C 93 -28.19 -11.79 -6.63
C LEU C 93 -29.10 -11.17 -5.57
N LYS C 94 -30.06 -10.36 -6.00
CA LYS C 94 -30.97 -9.70 -5.07
C LYS C 94 -32.28 -10.48 -5.03
N PRO C 95 -32.52 -11.29 -4.00
CA PRO C 95 -33.76 -12.08 -3.97
C PRO C 95 -34.98 -11.23 -3.70
N VAL C 96 -36.13 -11.69 -4.18
CA VAL C 96 -37.42 -11.05 -3.95
C VAL C 96 -38.25 -12.02 -3.12
N LEU C 97 -38.69 -11.56 -1.94
CA LEU C 97 -39.42 -12.39 -1.00
C LEU C 97 -40.90 -12.03 -1.03
N ASN C 98 -41.75 -13.06 -1.01
CA ASN C 98 -43.19 -12.89 -1.01
C ASN C 98 -43.68 -12.68 0.42
N LYS C 99 -45.01 -12.73 0.62
CA LYS C 99 -45.58 -12.50 1.93
C LYS C 99 -45.19 -13.57 2.94
N GLU C 100 -44.77 -14.74 2.47
CA GLU C 100 -44.39 -15.85 3.35
C GLU C 100 -42.88 -15.98 3.47
N ASN C 101 -42.12 -14.92 3.20
CA ASN C 101 -40.67 -14.94 3.31
C ASN C 101 -40.07 -16.05 2.46
N GLU C 102 -40.67 -16.28 1.29
CA GLU C 102 -40.19 -17.27 0.34
C GLU C 102 -39.65 -16.57 -0.89
N VAL C 103 -38.48 -17.02 -1.36
CA VAL C 103 -37.87 -16.44 -2.55
C VAL C 103 -38.63 -16.94 -3.77
N GLU C 104 -39.38 -16.04 -4.43
CA GLU C 104 -40.10 -16.38 -5.65
C GLU C 104 -39.33 -16.02 -6.91
N LYS C 105 -38.39 -15.08 -6.82
CA LYS C 105 -37.58 -14.70 -7.97
C LYS C 105 -36.31 -14.01 -7.46
N VAL C 106 -35.23 -14.19 -8.22
CA VAL C 106 -33.93 -13.65 -7.86
C VAL C 106 -33.49 -12.72 -8.98
N GLN C 107 -32.98 -11.55 -8.61
CA GLN C 107 -32.50 -10.56 -9.57
C GLN C 107 -31.04 -10.85 -9.89
N PHE C 108 -30.77 -11.14 -11.16
CA PHE C 108 -29.43 -11.53 -11.61
C PHE C 108 -28.76 -10.31 -12.24
N ILE C 109 -27.79 -9.74 -11.52
CA ILE C 109 -27.04 -8.58 -12.00
C ILE C 109 -25.61 -9.01 -12.24
N LEU C 110 -25.17 -8.95 -13.50
CA LEU C 110 -23.80 -9.26 -13.88
C LEU C 110 -23.09 -7.95 -14.21
N LYS C 111 -22.05 -7.64 -13.43
CA LYS C 111 -21.29 -6.41 -13.60
C LYS C 111 -19.86 -6.74 -14.01
N TRP C 112 -19.31 -5.96 -14.94
CA TRP C 112 -17.96 -6.16 -15.41
C TRP C 112 -17.46 -4.86 -16.03
N GLY C 113 -16.21 -4.88 -16.47
CA GLY C 113 -15.58 -3.72 -17.08
C GLY C 113 -14.78 -2.91 -16.08
N GLY C 114 -14.38 -1.73 -16.52
CA GLY C 114 -13.57 -0.84 -15.72
C GLY C 114 -12.13 -1.23 -15.56
N GLU C 115 -11.68 -2.30 -16.22
CA GLU C 115 -10.28 -2.70 -16.13
C GLU C 115 -9.44 -1.87 -17.10
N PRO C 116 -8.14 -1.71 -16.83
CA PRO C 116 -7.28 -1.04 -17.80
C PRO C 116 -7.17 -1.86 -19.08
N THR C 117 -7.35 -1.18 -20.21
CA THR C 117 -7.28 -1.86 -21.49
C THR C 117 -5.86 -2.32 -21.77
N HIS C 118 -5.72 -3.16 -22.80
CA HIS C 118 -4.39 -3.56 -23.24
C HIS C 118 -3.59 -2.36 -23.74
N SER C 119 -4.27 -1.24 -24.04
CA SER C 119 -3.59 -0.03 -24.46
C SER C 119 -3.04 0.77 -23.28
N ALA C 120 -3.51 0.49 -22.06
CA ALA C 120 -3.07 1.28 -20.91
C ALA C 120 -1.57 1.15 -20.68
N LYS C 121 -1.04 -0.07 -20.82
CA LYS C 121 0.38 -0.29 -20.56
C LYS C 121 1.25 0.57 -21.48
N TYR C 122 0.85 0.71 -22.75
CA TYR C 122 1.65 1.48 -23.70
C TYR C 122 1.63 2.97 -23.36
N GLN C 123 0.46 3.50 -23.01
CA GLN C 123 0.36 4.91 -22.66
C GLN C 123 1.28 5.24 -21.49
N ALA C 124 1.19 4.47 -20.41
CA ALA C 124 2.03 4.72 -19.25
C ALA C 124 3.50 4.50 -19.59
N THR C 125 3.80 3.46 -20.37
CA THR C 125 5.19 3.17 -20.70
C THR C 125 5.81 4.29 -21.52
N GLU C 126 5.09 4.78 -22.54
CA GLU C 126 5.63 5.87 -23.35
C GLU C 126 5.90 7.10 -22.50
N LEU C 127 4.99 7.41 -21.57
CA LEU C 127 5.19 8.58 -20.74
C LEU C 127 6.43 8.44 -19.87
N GLY C 128 6.62 7.26 -19.27
CA GLY C 128 7.80 7.06 -18.44
C GLY C 128 9.10 7.23 -19.20
N GLU C 129 9.15 6.70 -20.43
CA GLU C 129 10.36 6.85 -21.25
C GLU C 129 10.59 8.31 -21.60
N GLN C 130 9.53 9.02 -22.00
CA GLN C 130 9.66 10.44 -22.32
C GLN C 130 10.13 11.22 -21.11
N MET C 131 9.58 10.92 -19.93
CA MET C 131 10.02 11.60 -18.72
C MET C 131 11.48 11.28 -18.42
N ARG C 132 11.89 10.02 -18.61
CA ARG C 132 13.30 9.68 -18.47
C ARG C 132 14.15 10.45 -19.46
N GLN C 133 13.70 10.56 -20.70
CA GLN C 133 14.43 11.34 -21.71
C GLN C 133 14.60 12.78 -21.26
N ASP C 134 13.51 13.43 -20.88
CA ASP C 134 13.57 14.84 -20.50
C ASP C 134 14.49 15.03 -19.29
N PHE C 135 14.41 14.11 -18.33
CA PHE C 135 15.21 14.24 -17.12
C PHE C 135 16.69 14.05 -17.40
N ASP C 136 17.05 13.05 -18.20
CA ASP C 136 18.45 12.80 -18.49
C ASP C 136 19.10 13.91 -19.30
N LEU C 137 18.31 14.85 -19.82
CA LEU C 137 18.85 16.01 -20.53
C LEU C 137 18.95 17.25 -19.65
N LEU C 138 18.07 17.40 -18.66
CA LEU C 138 18.14 18.56 -17.77
C LEU C 138 19.14 18.34 -16.65
N ASN C 139 19.01 17.25 -15.91
CA ASN C 139 19.97 16.92 -14.86
C ASN C 139 19.85 15.44 -14.54
N LYS C 140 20.93 14.70 -14.73
CA LYS C 140 20.92 13.26 -14.49
C LYS C 140 20.71 12.91 -13.03
N SER C 141 20.99 13.84 -12.11
CA SER C 141 20.81 13.56 -10.69
C SER C 141 19.33 13.43 -10.32
N ILE C 142 18.42 13.94 -11.14
CA ILE C 142 17.00 13.91 -10.79
C ILE C 142 16.49 12.47 -10.78
N LEU C 143 17.00 11.63 -11.68
CA LEU C 143 16.60 10.22 -11.68
C LEU C 143 16.93 9.55 -10.34
N GLN C 144 17.94 10.06 -9.65
CA GLN C 144 18.32 9.54 -8.34
C GLN C 144 17.41 10.03 -7.22
N ASN C 145 16.45 10.89 -7.54
CA ASN C 145 15.56 11.52 -6.55
C ASN C 145 14.12 11.45 -7.00
N ILE C 146 13.67 10.25 -7.38
CA ILE C 146 12.31 10.03 -7.86
C ILE C 146 11.49 9.42 -6.73
N LYS C 147 10.28 9.93 -6.53
CA LYS C 147 9.36 9.44 -5.52
C LYS C 147 7.98 9.29 -6.15
N ILE C 148 7.38 8.12 -6.01
CA ILE C 148 6.14 7.78 -6.71
C ILE C 148 5.07 7.41 -5.69
N PHE C 149 3.86 7.93 -5.91
CA PHE C 149 2.69 7.58 -5.13
C PHE C 149 1.57 7.15 -6.05
N SER C 150 0.62 6.40 -5.49
CA SER C 150 -0.51 5.90 -6.26
C SER C 150 -1.69 5.71 -5.33
N SER C 151 -2.90 5.71 -5.91
CA SER C 151 -4.09 5.39 -5.16
C SER C 151 -4.22 3.87 -5.02
N SER C 152 -5.27 3.43 -4.34
CA SER C 152 -5.47 1.99 -4.13
C SER C 152 -6.08 1.30 -5.35
N GLU C 153 -6.74 2.03 -6.23
CA GLU C 153 -7.39 1.41 -7.37
C GLU C 153 -6.37 0.68 -8.24
N ARG C 154 -6.78 -0.49 -8.74
CA ARG C 154 -5.88 -1.31 -9.53
C ARG C 154 -5.45 -0.59 -10.81
N ARG C 155 -6.41 0.03 -11.52
CA ARG C 155 -6.09 0.71 -12.76
C ARG C 155 -5.12 1.85 -12.53
N VAL C 156 -5.21 2.52 -11.36
CA VAL C 156 -4.28 3.61 -11.06
C VAL C 156 -2.88 3.05 -10.81
N LEU C 157 -2.77 2.04 -9.94
CA LEU C 157 -1.47 1.43 -9.69
C LEU C 157 -0.92 0.82 -10.97
N HIS C 158 -1.78 0.25 -11.80
CA HIS C 158 -1.34 -0.28 -13.09
C HIS C 158 -0.61 0.79 -13.89
N THR C 159 -1.21 1.97 -14.02
CA THR C 159 -0.54 3.06 -14.73
C THR C 159 0.74 3.47 -14.01
N ALA C 160 0.70 3.55 -12.68
CA ALA C 160 1.88 3.94 -11.93
C ALA C 160 3.01 2.94 -12.12
N GLN C 161 2.69 1.65 -12.13
CA GLN C 161 3.73 0.62 -12.27
C GLN C 161 4.41 0.72 -13.62
N TYR C 162 3.62 0.73 -14.70
CA TYR C 162 4.22 0.74 -16.04
C TYR C 162 4.96 2.05 -16.30
N TRP C 163 4.46 3.17 -15.78
CA TRP C 163 5.19 4.42 -15.92
C TRP C 163 6.51 4.37 -15.17
N THR C 164 6.52 3.78 -13.98
CA THR C 164 7.76 3.66 -13.21
C THR C 164 8.73 2.71 -13.89
N ARG C 165 8.24 1.57 -14.39
CA ARG C 165 9.09 0.68 -15.15
C ARG C 165 9.72 1.41 -16.33
N ALA C 166 8.90 2.14 -17.09
CA ALA C 166 9.41 2.87 -18.25
C ALA C 166 10.38 3.96 -17.84
N LEU C 167 10.12 4.62 -16.71
CA LEU C 167 11.01 5.68 -16.25
C LEU C 167 12.41 5.13 -16.02
N PHE C 168 12.52 3.97 -15.40
CA PHE C 168 13.82 3.35 -15.14
C PHE C 168 14.16 2.32 -16.21
N GLU C 177 9.73 2.87 -6.21
CA GLU C 177 8.75 2.40 -5.24
C GLU C 177 7.49 3.24 -5.27
N ILE C 178 6.36 2.58 -5.52
CA ILE C 178 5.06 3.24 -5.52
C ILE C 178 4.51 3.15 -4.09
N SER C 179 4.20 4.30 -3.50
CA SER C 179 3.71 4.37 -2.14
C SER C 179 2.22 4.70 -2.17
N ILE C 180 1.39 3.74 -1.78
CA ILE C 180 -0.04 3.95 -1.80
C ILE C 180 -0.39 4.94 -0.69
N ARG C 181 -1.02 6.06 -1.07
CA ARG C 181 -1.42 7.09 -0.13
C ARG C 181 -2.93 7.30 -0.32
N LYS C 182 -3.72 6.58 0.46
CA LYS C 182 -5.17 6.69 0.35
C LYS C 182 -5.64 8.09 0.74
N ASP C 183 -5.01 8.68 1.76
CA ASP C 183 -5.47 9.97 2.25
C ASP C 183 -5.34 11.06 1.19
N LEU C 184 -4.36 10.94 0.29
CA LEU C 184 -4.14 11.96 -0.74
C LEU C 184 -4.79 11.63 -2.07
N LEU C 185 -4.68 10.39 -2.53
CA LEU C 185 -5.03 10.04 -3.90
C LEU C 185 -6.31 9.20 -4.03
N ASP C 186 -6.94 8.84 -2.91
CA ASP C 186 -8.16 8.04 -2.95
C ASP C 186 -9.37 8.93 -2.67
N ASP C 187 -10.51 8.53 -3.22
CA ASP C 187 -11.73 9.32 -3.08
C ASP C 187 -12.28 9.24 -1.67
N SER C 188 -13.02 10.28 -1.28
CA SER C 188 -13.66 10.35 0.02
C SER C 188 -15.16 10.50 -0.14
N ASN C 189 -15.93 9.75 0.66
CA ASN C 189 -17.37 9.78 0.55
C ASN C 189 -17.95 11.14 0.93
N ALA C 190 -17.29 11.87 1.82
CA ALA C 190 -17.81 13.16 2.26
C ALA C 190 -18.03 14.09 1.07
N ALA C 191 -17.05 14.16 0.17
CA ALA C 191 -17.19 15.02 -1.00
C ALA C 191 -18.16 14.41 -2.01
N LYS C 192 -18.18 13.08 -2.11
CA LYS C 192 -19.12 12.43 -3.03
C LYS C 192 -20.57 12.76 -2.66
N ASP C 193 -20.86 12.90 -1.37
CA ASP C 193 -22.18 13.36 -0.96
C ASP C 193 -22.46 14.75 -1.51
N LEU C 194 -21.46 15.64 -1.44
CA LEU C 194 -21.63 16.98 -1.99
C LEU C 194 -21.74 16.95 -3.51
N MET C 195 -20.93 16.13 -4.18
CA MET C 195 -21.02 16.02 -5.63
C MET C 195 -22.40 15.53 -6.06
N ASP C 196 -23.03 14.69 -5.25
CA ASP C 196 -24.40 14.27 -5.58
C ASP C 196 -25.35 15.45 -5.55
N LYS C 197 -25.19 16.35 -4.56
CA LYS C 197 -26.00 17.55 -4.54
C LYS C 197 -25.80 18.37 -5.81
N VAL C 198 -24.56 18.47 -6.28
CA VAL C 198 -24.29 19.15 -7.55
C VAL C 198 -24.87 18.33 -8.71
N LYS C 199 -24.79 17.00 -8.62
CA LYS C 199 -25.33 16.16 -9.68
C LYS C 199 -26.82 16.42 -9.88
N LYS C 200 -27.56 16.61 -8.79
CA LYS C 200 -28.97 16.96 -8.91
C LYS C 200 -29.16 18.33 -9.56
N LYS C 201 -28.18 19.23 -9.40
CA LYS C 201 -28.27 20.54 -10.04
C LYS C 201 -28.06 20.44 -11.55
N LEU C 202 -27.43 19.38 -12.04
CA LEU C 202 -27.18 19.25 -13.46
C LEU C 202 -28.42 18.79 -14.24
N LYS C 203 -29.32 18.06 -13.60
CA LYS C 203 -30.50 17.57 -14.30
C LYS C 203 -31.35 18.72 -14.82
N PRO C 204 -31.72 19.73 -14.03
CA PRO C 204 -32.50 20.85 -14.59
C PRO C 204 -31.80 21.57 -15.72
N LEU C 205 -30.47 21.66 -15.67
CA LEU C 205 -29.74 22.40 -16.70
C LEU C 205 -30.05 21.87 -18.10
N LEU C 206 -30.21 20.56 -18.22
CA LEU C 206 -30.49 19.94 -19.52
C LEU C 206 -31.96 19.89 -19.84
N ARG C 207 -32.83 20.06 -18.85
CA ARG C 207 -34.27 19.93 -19.05
C ARG C 207 -34.88 21.30 -19.36
N GLU C 208 -36.20 21.32 -19.59
CA GLU C 208 -36.94 22.51 -19.93
C GLU C 208 -36.24 23.33 -21.03
N GLY C 209 -35.94 24.60 -20.77
CA GLY C 209 -35.41 25.47 -21.79
C GLY C 209 -34.28 26.38 -21.32
N LYS C 210 -33.45 25.88 -20.42
CA LYS C 210 -32.35 26.67 -19.89
C LYS C 210 -31.40 27.05 -21.02
N GLU C 211 -30.81 28.24 -20.91
CA GLU C 211 -29.99 28.81 -21.97
C GLU C 211 -28.55 29.02 -21.52
N ALA C 212 -28.00 28.05 -20.76
CA ALA C 212 -26.62 28.07 -20.31
C ALA C 212 -26.14 29.49 -20.06
N PRO C 213 -26.74 30.22 -19.13
CA PRO C 213 -26.54 31.68 -19.07
C PRO C 213 -25.07 32.04 -18.93
N PRO C 214 -24.34 31.51 -17.92
CA PRO C 214 -22.89 31.78 -17.88
C PRO C 214 -22.11 30.90 -18.84
N GLN C 215 -20.78 30.94 -18.74
CA GLN C 215 -19.92 30.14 -19.60
C GLN C 215 -20.38 28.68 -19.62
N PHE C 216 -20.60 28.09 -18.45
CA PHE C 216 -21.05 26.71 -18.31
C PHE C 216 -20.37 25.76 -19.30
N ALA C 217 -19.09 25.99 -19.59
CA ALA C 217 -18.31 25.14 -20.49
C ALA C 217 -19.17 24.66 -21.66
N TRP C 218 -19.89 25.60 -22.27
CA TRP C 218 -20.86 25.30 -23.31
C TRP C 218 -20.53 26.11 -24.56
N PRO C 219 -20.54 25.50 -25.75
CA PRO C 219 -20.24 26.28 -26.96
C PRO C 219 -21.38 27.26 -27.25
N SER C 220 -21.01 28.52 -27.51
CA SER C 220 -22.02 29.51 -27.84
C SER C 220 -22.71 29.17 -29.16
N LYS C 221 -21.98 28.54 -30.08
CA LYS C 221 -22.57 28.19 -31.37
C LYS C 221 -23.69 27.16 -31.21
N MET C 222 -23.63 26.36 -30.14
CA MET C 222 -24.61 25.29 -29.94
C MET C 222 -25.93 25.85 -29.43
N PRO C 223 -27.05 25.21 -29.77
CA PRO C 223 -28.36 25.66 -29.27
C PRO C 223 -28.57 25.32 -27.81
N GLU C 224 -29.79 25.51 -27.32
CA GLU C 224 -30.14 25.20 -25.94
C GLU C 224 -29.66 23.79 -25.61
N PRO C 225 -29.23 23.52 -24.37
CA PRO C 225 -28.87 22.14 -24.02
C PRO C 225 -30.01 21.17 -24.23
N TYR C 226 -31.26 21.65 -24.09
CA TYR C 226 -32.41 20.79 -24.32
C TYR C 226 -32.61 20.49 -25.79
N LEU C 227 -32.17 21.37 -26.69
CA LEU C 227 -32.23 21.07 -28.12
C LEU C 227 -31.14 20.09 -28.52
N VAL C 228 -29.92 20.25 -27.98
CA VAL C 228 -28.84 19.33 -28.30
C VAL C 228 -29.19 17.93 -27.84
N ILE C 229 -29.68 17.80 -26.60
CA ILE C 229 -30.05 16.48 -26.08
C ILE C 229 -31.17 15.89 -26.91
N LYS C 230 -32.10 16.72 -27.37
CA LYS C 230 -33.21 16.21 -28.17
C LYS C 230 -32.71 15.64 -29.50
N ARG C 231 -31.73 16.31 -30.11
CA ARG C 231 -31.21 15.82 -31.38
C ARG C 231 -30.42 14.53 -31.19
N VAL C 232 -29.65 14.44 -30.11
CA VAL C 232 -28.85 13.23 -29.86
C VAL C 232 -29.75 12.01 -29.82
N VAL C 233 -30.87 12.10 -29.11
CA VAL C 233 -31.79 10.96 -29.03
C VAL C 233 -32.23 10.55 -30.43
N GLU C 234 -32.53 11.53 -31.29
CA GLU C 234 -32.92 11.22 -32.65
C GLU C 234 -31.81 10.47 -33.38
N LEU C 235 -30.56 10.90 -33.21
CA LEU C 235 -29.44 10.19 -33.82
C LEU C 235 -29.29 8.79 -33.24
N MET C 236 -29.47 8.64 -31.92
CA MET C 236 -29.37 7.33 -31.31
C MET C 236 -30.44 6.39 -31.85
N ASN C 237 -31.69 6.86 -31.91
CA ASN C 237 -32.75 6.05 -32.51
C ASN C 237 -32.46 5.74 -33.97
N TYR C 238 -31.77 6.65 -34.67
CA TYR C 238 -31.41 6.39 -36.06
C TYR C 238 -30.41 5.24 -36.17
N HIS C 239 -29.32 5.30 -35.41
CA HIS C 239 -28.26 4.30 -35.56
C HIS C 239 -28.70 2.94 -35.06
N LYS C 240 -29.50 2.89 -33.99
CA LYS C 240 -29.99 1.60 -33.50
C LYS C 240 -30.77 0.87 -34.57
N LYS C 241 -31.59 1.60 -35.34
CA LYS C 241 -32.28 0.99 -36.47
C LYS C 241 -31.30 0.55 -37.54
N ILE C 242 -30.26 1.34 -37.80
CA ILE C 242 -29.23 0.93 -38.74
C ILE C 242 -28.55 -0.34 -38.24
N MET C 243 -28.25 -0.40 -36.94
CA MET C 243 -27.63 -1.59 -36.37
C MET C 243 -28.51 -2.82 -36.62
N ASP C 244 -29.80 -2.72 -36.32
CA ASP C 244 -30.70 -3.85 -36.54
C ASP C 244 -30.71 -4.26 -38.01
N ASN C 245 -30.80 -3.28 -38.91
CA ASN C 245 -30.81 -3.60 -40.33
C ASN C 245 -29.53 -4.30 -40.74
N ASN C 246 -28.38 -3.85 -40.22
CA ASN C 246 -27.13 -4.49 -40.55
C ASN C 246 -27.02 -5.88 -39.93
N PHE C 247 -27.58 -6.06 -38.73
CA PHE C 247 -27.63 -7.40 -38.14
C PHE C 247 -28.50 -8.33 -38.98
N ALA C 248 -29.61 -7.82 -39.51
CA ALA C 248 -30.56 -8.66 -40.23
C ALA C 248 -30.07 -9.05 -41.62
N LYS C 249 -29.23 -8.22 -42.24
CA LYS C 249 -28.82 -8.43 -43.62
C LYS C 249 -27.40 -8.98 -43.76
N LYS C 250 -26.46 -8.46 -42.98
CA LYS C 250 -25.04 -8.74 -43.16
C LYS C 250 -24.56 -9.79 -42.16
N ASP C 251 -23.38 -10.33 -42.44
CA ASP C 251 -22.73 -11.27 -41.55
C ASP C 251 -21.98 -10.48 -40.47
N VAL C 252 -22.51 -10.50 -39.24
CA VAL C 252 -21.95 -9.67 -38.19
C VAL C 252 -20.63 -10.24 -37.69
N ASN C 253 -20.44 -11.56 -37.77
CA ASN C 253 -19.20 -12.18 -37.31
C ASN C 253 -18.02 -11.88 -38.21
N SER C 254 -18.24 -11.27 -39.38
CA SER C 254 -17.19 -10.94 -40.31
C SER C 254 -16.98 -9.44 -40.48
N MET C 255 -17.55 -8.62 -39.60
CA MET C 255 -17.42 -7.17 -39.70
C MET C 255 -16.16 -6.62 -39.04
N GLN C 256 -15.47 -7.42 -38.22
CA GLN C 256 -14.19 -7.00 -37.65
C GLN C 256 -13.32 -8.21 -37.42
N THR C 257 -12.07 -8.14 -37.87
CA THR C 257 -11.15 -9.27 -37.82
C THR C 257 -10.41 -9.40 -36.49
N ARG C 258 -10.49 -8.39 -35.61
CA ARG C 258 -9.73 -8.41 -34.37
C ARG C 258 -10.62 -7.93 -33.23
N TRP C 259 -10.69 -8.75 -32.17
CA TRP C 259 -11.45 -8.41 -30.97
C TRP C 259 -10.54 -8.50 -29.76
N CYS C 260 -10.41 -7.41 -29.04
CA CYS C 260 -9.63 -7.37 -27.80
C CYS C 260 -10.55 -7.45 -26.59
N THR C 261 -9.94 -7.67 -25.43
CA THR C 261 -10.66 -7.68 -24.16
C THR C 261 -11.81 -8.68 -24.15
N SER C 262 -11.70 -9.73 -24.97
CA SER C 262 -12.67 -10.82 -25.02
C SER C 262 -14.04 -10.36 -25.49
N GLU C 263 -14.11 -9.23 -26.19
CA GLU C 263 -15.38 -8.74 -26.70
C GLU C 263 -15.74 -9.43 -28.01
N ASP C 264 -17.03 -9.43 -28.32
CA ASP C 264 -17.53 -10.02 -29.55
C ASP C 264 -18.79 -9.26 -29.96
N PRO C 265 -19.34 -9.55 -31.13
CA PRO C 265 -20.50 -8.76 -31.58
C PRO C 265 -21.66 -8.76 -30.61
N SER C 266 -21.86 -9.85 -29.85
CA SER C 266 -22.97 -9.89 -28.90
C SER C 266 -22.76 -8.87 -27.78
N LEU C 267 -21.57 -8.90 -27.14
CA LEU C 267 -21.30 -7.92 -26.09
C LEU C 267 -21.34 -6.51 -26.65
N PHE C 268 -20.83 -6.32 -27.86
CA PHE C 268 -20.96 -5.02 -28.53
C PHE C 268 -22.43 -4.61 -28.62
N LYS C 269 -23.28 -5.52 -29.08
CA LYS C 269 -24.70 -5.22 -29.18
C LYS C 269 -25.29 -4.85 -27.82
N GLU C 270 -24.87 -5.54 -26.76
CA GLU C 270 -25.43 -5.28 -25.44
C GLU C 270 -25.09 -3.88 -24.96
N ARG C 271 -23.83 -3.45 -25.14
CA ARG C 271 -23.46 -2.09 -24.73
C ARG C 271 -24.40 -1.06 -25.35
N TRP C 272 -24.60 -1.15 -26.66
CA TRP C 272 -25.39 -0.15 -27.37
C TRP C 272 -26.89 -0.33 -27.15
N ASP C 273 -27.35 -1.57 -27.04
CA ASP C 273 -28.75 -1.80 -26.71
C ASP C 273 -29.13 -1.09 -25.41
N LYS C 274 -28.25 -1.17 -24.41
CA LYS C 274 -28.50 -0.45 -23.15
C LYS C 274 -28.47 1.06 -23.37
N LEU C 275 -27.47 1.56 -24.09
CA LEU C 275 -27.37 2.99 -24.35
C LEU C 275 -28.56 3.49 -25.16
N PHE C 276 -28.95 2.74 -26.19
CA PHE C 276 -30.10 3.13 -26.99
C PHE C 276 -31.35 3.22 -26.13
N LYS C 277 -31.49 2.30 -25.17
CA LYS C 277 -32.64 2.34 -24.26
C LYS C 277 -32.60 3.62 -23.42
N GLU C 278 -31.41 4.01 -22.96
CA GLU C 278 -31.26 5.20 -22.14
C GLU C 278 -31.31 6.49 -22.94
N PHE C 279 -31.18 6.42 -24.26
CA PHE C 279 -31.18 7.60 -25.13
C PHE C 279 -32.23 7.46 -26.22
N ASN C 280 -33.44 7.08 -25.83
CA ASN C 280 -34.58 7.04 -26.72
C ASN C 280 -35.66 8.04 -26.34
N ASN C 281 -35.42 8.87 -25.32
CA ASN C 281 -36.37 9.89 -24.91
C ASN C 281 -35.57 11.06 -24.34
N ALA C 282 -35.58 12.19 -25.05
CA ALA C 282 -34.76 13.33 -24.63
C ALA C 282 -35.16 13.83 -23.26
N GLU C 283 -36.46 13.88 -22.98
CA GLU C 283 -36.95 14.40 -21.70
C GLU C 283 -36.68 13.45 -20.54
N LYS C 284 -36.02 12.31 -20.78
CA LYS C 284 -35.66 11.38 -19.73
C LYS C 284 -34.17 11.10 -19.65
N VAL C 285 -33.37 11.59 -20.59
CA VAL C 285 -31.93 11.33 -20.56
C VAL C 285 -31.37 11.83 -19.23
N ASP C 286 -30.73 10.94 -18.51
CA ASP C 286 -30.12 11.30 -17.22
C ASP C 286 -28.73 11.86 -17.44
N PRO C 287 -28.39 13.02 -16.87
CA PRO C 287 -27.06 13.60 -17.13
C PRO C 287 -25.92 12.66 -16.78
N SER C 288 -26.07 11.83 -15.75
CA SER C 288 -25.02 10.88 -15.41
C SER C 288 -24.81 9.86 -16.52
N LYS C 289 -25.86 9.58 -17.30
CA LYS C 289 -25.74 8.65 -18.41
C LYS C 289 -25.16 9.30 -19.66
N ILE C 290 -25.04 10.62 -19.69
CA ILE C 290 -24.34 11.29 -20.79
C ILE C 290 -22.87 10.90 -20.77
N SER C 291 -22.25 10.91 -19.58
CA SER C 291 -20.87 10.49 -19.47
C SER C 291 -20.69 9.03 -19.86
N GLU C 292 -21.71 8.19 -19.59
CA GLU C 292 -21.64 6.79 -20.00
C GLU C 292 -21.60 6.66 -21.51
N LEU C 293 -22.46 7.40 -22.21
CA LEU C 293 -22.49 7.33 -23.67
C LEU C 293 -21.15 7.72 -24.27
N TYR C 294 -20.56 8.82 -23.78
CA TYR C 294 -19.31 9.30 -24.35
C TYR C 294 -18.17 8.31 -24.13
N ASP C 295 -18.16 7.64 -22.98
CA ASP C 295 -17.09 6.68 -22.69
C ASP C 295 -17.12 5.51 -23.66
N THR C 296 -18.30 4.97 -23.94
CA THR C 296 -18.40 3.86 -24.89
C THR C 296 -17.97 4.29 -26.28
N MET C 297 -18.31 5.52 -26.67
CA MET C 297 -17.92 6.00 -27.99
C MET C 297 -16.41 6.08 -28.13
N LYS C 298 -15.72 6.54 -27.10
CA LYS C 298 -14.25 6.54 -27.14
C LYS C 298 -13.70 5.13 -27.21
N TYR C 299 -14.25 4.22 -26.41
CA TYR C 299 -13.73 2.85 -26.37
C TYR C 299 -13.86 2.17 -27.72
N ASP C 300 -15.06 2.16 -28.29
CA ASP C 300 -15.27 1.52 -29.59
C ASP C 300 -14.50 2.24 -30.69
N ALA C 301 -14.46 3.57 -30.63
CA ALA C 301 -13.69 4.34 -31.60
C ALA C 301 -12.20 4.07 -31.48
N LEU C 302 -11.76 3.44 -30.40
CA LEU C 302 -10.37 3.06 -30.21
C LEU C 302 -10.13 1.58 -30.44
N HIS C 303 -11.05 0.72 -29.99
CA HIS C 303 -10.83 -0.73 -30.01
C HIS C 303 -11.72 -1.49 -30.97
N ASN C 304 -12.81 -0.89 -31.45
CA ASN C 304 -13.77 -1.58 -32.31
C ASN C 304 -14.26 -0.68 -33.43
N ARG C 305 -13.34 0.04 -34.08
CA ARG C 305 -13.75 0.91 -35.18
C ARG C 305 -14.29 0.12 -36.36
N GLN C 306 -13.62 -0.99 -36.72
CA GLN C 306 -14.07 -1.79 -37.85
C GLN C 306 -15.51 -2.23 -37.70
N PHE C 307 -15.83 -2.90 -36.59
CA PHE C 307 -17.21 -3.32 -36.35
C PHE C 307 -18.15 -2.13 -36.24
N LEU C 308 -17.68 -1.07 -35.58
CA LEU C 308 -18.51 0.13 -35.43
C LEU C 308 -18.92 0.68 -36.79
N GLU C 309 -17.97 0.76 -37.72
CA GLU C 309 -18.27 1.31 -39.05
C GLU C 309 -19.31 0.46 -39.77
N ASN C 310 -19.07 -0.86 -39.85
CA ASN C 310 -19.95 -1.71 -40.63
C ASN C 310 -21.31 -1.86 -39.96
N ILE C 311 -21.34 -2.02 -38.64
CA ILE C 311 -22.59 -2.21 -37.94
C ILE C 311 -23.45 -0.95 -37.97
N PHE C 312 -22.83 0.22 -38.19
CA PHE C 312 -23.55 1.47 -38.34
C PHE C 312 -23.47 1.99 -39.77
N ASP C 313 -23.12 1.14 -40.73
CA ASP C 313 -23.07 1.56 -42.13
C ASP C 313 -24.48 1.66 -42.68
N PRO C 314 -24.94 2.84 -43.11
CA PRO C 314 -26.32 2.95 -43.63
C PRO C 314 -26.49 2.35 -45.01
N GLY C 315 -25.47 1.67 -45.53
CA GLY C 315 -25.54 1.06 -46.83
C GLY C 315 -25.06 1.96 -47.94
N LEU C 316 -24.89 1.36 -49.12
CA LEU C 316 -24.38 2.05 -50.29
C LEU C 316 -25.53 2.68 -51.07
N PRO C 317 -25.26 3.69 -51.88
CA PRO C 317 -26.33 4.27 -52.70
C PRO C 317 -26.84 3.29 -53.73
N ASN C 318 -25.91 2.70 -54.50
CA ASN C 318 -26.22 1.72 -55.55
C ASN C 318 -27.61 1.90 -56.16
N SER C 385 -13.36 1.63 -43.63
CA SER C 385 -12.20 2.02 -42.85
C SER C 385 -12.40 3.39 -42.21
N GLN C 386 -12.71 4.38 -43.04
CA GLN C 386 -12.83 5.77 -42.62
C GLN C 386 -14.30 6.18 -42.57
N PHE C 387 -14.64 6.91 -41.51
CA PHE C 387 -15.98 7.43 -41.29
C PHE C 387 -16.21 8.78 -41.96
N ASP C 388 -15.45 9.08 -43.01
CA ASP C 388 -15.46 10.40 -43.66
C ASP C 388 -16.36 10.43 -44.89
N GLU C 389 -17.51 9.76 -44.87
CA GLU C 389 -18.44 9.78 -45.99
C GLU C 389 -19.71 10.55 -45.62
N PRO C 390 -20.36 11.21 -46.58
CA PRO C 390 -21.66 11.83 -46.26
C PRO C 390 -22.65 10.80 -45.75
N ARG C 391 -22.47 9.55 -46.16
CA ARG C 391 -23.28 8.46 -45.63
C ARG C 391 -23.13 8.36 -44.12
N PHE C 392 -21.92 8.58 -43.62
CA PHE C 392 -21.61 8.55 -42.20
C PHE C 392 -21.75 9.92 -41.55
N MET C 393 -22.55 10.81 -42.15
CA MET C 393 -22.74 12.14 -41.58
C MET C 393 -23.54 12.07 -40.29
N GLN C 394 -24.55 11.21 -40.24
CA GLN C 394 -25.35 11.05 -39.03
C GLN C 394 -24.49 10.63 -37.85
N LEU C 395 -23.37 9.94 -38.10
CA LEU C 395 -22.54 9.44 -37.01
C LEU C 395 -21.63 10.54 -36.47
N ARG C 396 -20.97 11.30 -37.34
CA ARG C 396 -20.03 12.30 -36.87
C ARG C 396 -20.72 13.38 -36.05
N GLU C 397 -21.91 13.83 -36.48
CA GLU C 397 -22.64 14.81 -35.69
C GLU C 397 -23.01 14.24 -34.33
N LEU C 398 -23.44 12.98 -34.30
CA LEU C 398 -23.73 12.34 -33.02
C LEU C 398 -22.52 12.39 -32.10
N TYR C 399 -21.33 12.13 -32.66
CA TYR C 399 -20.11 12.24 -31.87
C TYR C 399 -19.89 13.67 -31.38
N LYS C 400 -20.06 14.65 -32.27
CA LYS C 400 -19.85 16.03 -31.88
C LYS C 400 -20.84 16.47 -30.80
N LEU C 401 -22.11 16.10 -30.96
CA LEU C 401 -23.12 16.48 -29.98
C LEU C 401 -22.85 15.83 -28.64
N ALA C 402 -22.42 14.56 -28.64
CA ALA C 402 -22.08 13.90 -27.38
C ALA C 402 -20.91 14.58 -26.70
N LYS C 403 -19.91 14.98 -27.49
CA LYS C 403 -18.76 15.68 -26.92
C LYS C 403 -19.19 16.97 -26.22
N VAL C 404 -20.06 17.75 -26.86
CA VAL C 404 -20.54 18.98 -26.26
C VAL C 404 -21.19 18.71 -24.92
N LEU C 405 -22.12 17.74 -24.88
CA LEU C 405 -22.81 17.44 -23.64
C LEU C 405 -21.87 16.91 -22.57
N PHE C 406 -20.88 16.10 -22.98
CA PHE C 406 -19.92 15.60 -22.01
C PHE C 406 -19.03 16.71 -21.47
N ASP C 407 -18.69 17.69 -22.32
CA ASP C 407 -17.86 18.81 -21.88
C ASP C 407 -18.65 19.85 -21.09
N PHE C 408 -19.96 19.70 -21.02
CA PHE C 408 -20.82 20.61 -20.28
C PHE C 408 -21.39 19.98 -19.02
N ILE C 409 -21.22 18.68 -18.83
CA ILE C 409 -21.71 17.98 -17.64
C ILE C 409 -20.54 17.55 -16.74
N CYS C 410 -19.59 16.79 -17.29
CA CYS C 410 -18.52 16.24 -16.46
C CYS C 410 -17.75 17.31 -15.71
N PRO C 411 -17.31 18.41 -16.33
CA PRO C 411 -16.61 19.44 -15.56
C PRO C 411 -17.47 20.00 -14.44
N LYS C 412 -18.78 20.02 -14.62
CA LYS C 412 -19.70 20.57 -13.63
C LYS C 412 -20.10 19.55 -12.57
N GLU C 413 -19.71 18.28 -12.73
CA GLU C 413 -19.91 17.30 -11.67
C GLU C 413 -19.07 17.61 -10.44
N TYR C 414 -17.98 18.35 -10.60
CA TYR C 414 -17.10 18.72 -9.50
C TYR C 414 -17.40 20.12 -8.96
N GLY C 415 -18.64 20.58 -9.11
CA GLY C 415 -19.03 21.90 -8.66
C GLY C 415 -19.46 22.76 -9.84
N ILE C 416 -20.63 23.37 -9.70
CA ILE C 416 -21.14 24.28 -10.71
C ILE C 416 -20.76 25.72 -10.39
N SER C 417 -20.92 26.13 -9.15
CA SER C 417 -20.56 27.47 -8.71
C SER C 417 -19.12 27.50 -8.21
N ASP C 418 -18.53 28.69 -8.22
CA ASP C 418 -17.16 28.83 -7.75
C ASP C 418 -17.00 28.28 -6.34
N ALA C 419 -17.99 28.55 -5.47
CA ALA C 419 -17.93 28.00 -4.12
C ALA C 419 -18.02 26.48 -4.14
N GLU C 420 -18.91 25.93 -4.96
CA GLU C 420 -19.00 24.48 -5.09
C GLU C 420 -17.74 23.90 -5.70
N LYS C 421 -17.29 24.47 -6.83
CA LYS C 421 -16.02 24.05 -7.40
C LYS C 421 -14.89 24.18 -6.40
N LEU C 422 -14.99 25.17 -5.51
CA LEU C 422 -14.00 25.34 -4.46
C LEU C 422 -14.23 24.36 -3.32
N ASP C 423 -15.47 24.27 -2.83
CA ASP C 423 -15.77 23.36 -1.73
C ASP C 423 -15.43 21.93 -2.10
N ILE C 424 -15.89 21.49 -3.28
CA ILE C 424 -15.51 20.17 -3.78
C ILE C 424 -14.00 20.12 -4.00
N GLY C 425 -13.41 21.23 -4.45
CA GLY C 425 -11.98 21.24 -4.69
C GLY C 425 -11.18 20.90 -3.46
N LEU C 426 -11.56 21.47 -2.31
CA LEU C 426 -10.78 21.26 -1.09
C LEU C 426 -11.01 19.87 -0.50
N LEU C 427 -12.27 19.50 -0.28
CA LEU C 427 -12.57 18.22 0.36
C LEU C 427 -11.84 17.06 -0.29
N THR C 428 -11.55 17.18 -1.59
CA THR C 428 -10.93 16.08 -2.32
C THR C 428 -9.41 16.20 -2.37
N SER C 429 -8.89 17.37 -2.74
CA SER C 429 -7.47 17.53 -3.03
C SER C 429 -6.76 18.49 -2.07
N LEU C 430 -7.34 18.75 -0.90
CA LEU C 430 -6.63 19.54 0.10
C LEU C 430 -5.34 18.87 0.53
N PRO C 431 -5.31 17.58 0.86
CA PRO C 431 -4.03 16.95 1.20
C PRO C 431 -3.03 16.97 0.06
N LEU C 432 -3.45 16.57 -1.13
CA LEU C 432 -2.55 16.54 -2.28
C LEU C 432 -1.96 17.92 -2.54
N ALA C 433 -2.78 18.97 -2.43
CA ALA C 433 -2.28 20.31 -2.64
C ALA C 433 -1.17 20.65 -1.66
N LYS C 434 -1.36 20.29 -0.38
CA LYS C 434 -0.34 20.58 0.62
C LYS C 434 0.96 19.85 0.31
N GLN C 435 0.88 18.57 -0.06
CA GLN C 435 2.08 17.79 -0.29
C GLN C 435 2.90 18.36 -1.43
N ILE C 436 2.24 18.81 -2.51
CA ILE C 436 2.96 19.38 -3.64
C ILE C 436 3.81 20.57 -3.20
N LEU C 437 3.21 21.46 -2.41
CA LEU C 437 3.96 22.61 -1.90
C LEU C 437 5.17 22.16 -1.09
N ASN C 438 5.01 21.14 -0.25
CA ASN C 438 6.12 20.65 0.55
C ASN C 438 7.23 20.06 -0.32
N ASP C 439 6.85 19.32 -1.38
CA ASP C 439 7.86 18.78 -2.28
C ASP C 439 8.67 19.88 -2.94
N ILE C 440 7.99 20.93 -3.41
CA ILE C 440 8.70 22.07 -3.98
C ILE C 440 9.59 22.71 -2.93
N GLY C 441 9.09 22.83 -1.71
CA GLY C 441 9.92 23.35 -0.63
C GLY C 441 11.15 22.50 -0.39
N ASP C 442 11.00 21.19 -0.44
CA ASP C 442 12.15 20.30 -0.28
C ASP C 442 13.14 20.48 -1.43
N MET C 443 12.63 20.51 -2.67
CA MET C 443 13.51 20.67 -3.82
C MET C 443 14.28 21.96 -3.74
N LYS C 444 13.66 23.03 -3.23
CA LYS C 444 14.35 24.31 -3.10
C LYS C 444 15.44 24.23 -2.04
N ASN C 445 15.11 23.67 -0.87
CA ASN C 445 16.08 23.60 0.21
C ASN C 445 17.20 22.62 -0.09
N ARG C 446 16.89 21.53 -0.79
CA ARG C 446 17.89 20.56 -1.22
C ARG C 446 18.46 21.01 -2.56
N GLU C 447 19.78 21.25 -2.60
CA GLU C 447 20.40 21.74 -3.82
C GLU C 447 20.24 20.76 -4.98
N THR C 448 19.93 19.50 -4.69
CA THR C 448 19.80 18.49 -5.73
C THR C 448 18.39 18.49 -6.29
N PRO C 449 18.20 18.71 -7.60
CA PRO C 449 16.85 18.61 -8.16
C PRO C 449 16.27 17.21 -8.00
N ALA C 450 14.94 17.15 -7.95
CA ALA C 450 14.23 15.90 -7.74
C ALA C 450 12.90 15.96 -8.49
N CYS C 451 12.19 14.83 -8.48
CA CYS C 451 10.87 14.74 -9.11
C CYS C 451 10.00 13.81 -8.28
N VAL C 452 8.73 14.19 -8.13
CA VAL C 452 7.75 13.39 -7.41
C VAL C 452 6.51 13.26 -8.29
N ALA C 453 6.06 12.03 -8.52
CA ALA C 453 4.91 11.75 -9.36
C ALA C 453 3.80 11.14 -8.52
N TYR C 454 2.58 11.65 -8.69
CA TYR C 454 1.40 11.13 -8.02
C TYR C 454 0.43 10.61 -9.07
N PHE C 455 0.03 9.34 -8.93
CA PHE C 455 -0.96 8.74 -9.81
C PHE C 455 -2.29 8.69 -9.07
N THR C 456 -3.30 9.33 -9.64
CA THR C 456 -4.58 9.52 -8.98
C THR C 456 -5.71 9.30 -9.99
N LYS C 457 -6.91 9.15 -9.47
CA LYS C 457 -8.08 9.03 -10.34
C LYS C 457 -8.41 10.37 -10.98
N GLU C 458 -9.38 10.34 -11.89
CA GLU C 458 -9.71 11.55 -12.64
C GLU C 458 -10.27 12.64 -11.75
N SER C 459 -11.00 12.27 -10.68
CA SER C 459 -11.69 13.25 -9.87
C SER C 459 -10.72 14.24 -9.24
N HIS C 460 -9.59 13.75 -8.74
CA HIS C 460 -8.63 14.63 -8.07
C HIS C 460 -8.02 15.64 -9.05
N ILE C 461 -7.94 15.28 -10.33
CA ILE C 461 -7.35 16.19 -11.31
C ILE C 461 -8.22 17.43 -11.48
N TYR C 462 -9.52 17.24 -11.73
CA TYR C 462 -10.43 18.37 -11.85
C TYR C 462 -10.43 19.20 -10.57
N THR C 463 -10.61 18.55 -9.42
CA THR C 463 -10.74 19.27 -8.16
C THR C 463 -9.47 20.04 -7.82
N LEU C 464 -8.30 19.40 -7.97
CA LEU C 464 -7.06 20.11 -7.72
C LEU C 464 -6.91 21.28 -8.68
N LEU C 465 -7.30 21.09 -9.93
CA LEU C 465 -7.30 22.20 -10.89
C LEU C 465 -8.22 23.32 -10.41
N ASN C 466 -9.36 22.97 -9.81
CA ASN C 466 -10.25 23.98 -9.26
C ASN C 466 -9.54 24.78 -8.17
N ILE C 467 -8.80 24.10 -7.30
CA ILE C 467 -8.02 24.82 -6.29
C ILE C 467 -7.08 25.81 -6.95
N ILE C 468 -6.44 25.40 -8.04
CA ILE C 468 -5.49 26.27 -8.73
C ILE C 468 -6.19 27.51 -9.24
N TYR C 469 -7.32 27.35 -9.91
CA TYR C 469 -8.04 28.50 -10.46
C TYR C 469 -8.68 29.33 -9.35
N GLU C 470 -9.30 28.67 -8.38
CA GLU C 470 -9.97 29.39 -7.30
C GLU C 470 -8.99 30.06 -6.34
N SER C 471 -7.68 29.84 -6.51
CA SER C 471 -6.70 30.53 -5.69
C SER C 471 -6.44 31.96 -6.16
N GLY C 472 -6.96 32.35 -7.31
CA GLY C 472 -6.74 33.68 -7.84
C GLY C 472 -5.40 33.87 -8.53
N ILE C 473 -4.68 32.79 -8.79
CA ILE C 473 -3.35 32.91 -9.42
C ILE C 473 -3.53 33.33 -10.87
N PRO C 474 -2.68 34.22 -11.41
CA PRO C 474 -2.81 34.59 -12.81
C PRO C 474 -2.62 33.37 -13.72
N MET C 475 -3.59 33.17 -14.62
CA MET C 475 -3.59 32.03 -15.52
C MET C 475 -3.24 32.47 -16.93
N ARG C 476 -2.61 31.56 -17.68
CA ARG C 476 -2.36 31.75 -19.09
C ARG C 476 -3.49 31.19 -19.96
N ILE C 477 -4.33 30.34 -19.39
CA ILE C 477 -5.44 29.71 -20.11
C ILE C 477 -6.66 29.71 -19.19
N ALA C 478 -7.82 30.03 -19.77
CA ALA C 478 -9.06 30.05 -19.00
C ALA C 478 -9.53 28.63 -18.71
N ARG C 479 -10.25 28.48 -17.59
CA ARG C 479 -10.70 27.16 -17.18
C ARG C 479 -11.56 26.50 -18.25
N ASN C 480 -12.47 27.27 -18.85
CA ASN C 480 -13.33 26.71 -19.91
C ASN C 480 -12.52 26.25 -21.11
N ALA C 481 -11.41 26.93 -21.41
CA ALA C 481 -10.63 26.63 -22.60
C ALA C 481 -9.82 25.35 -22.49
N LEU C 482 -9.72 24.74 -21.31
CA LEU C 482 -8.90 23.54 -21.17
C LEU C 482 -9.56 22.36 -21.89
N PRO C 483 -8.79 21.54 -22.59
CA PRO C 483 -9.36 20.34 -23.20
C PRO C 483 -9.78 19.34 -22.14
N GLU C 484 -10.47 18.28 -22.60
CA GLU C 484 -10.90 17.23 -21.69
C GLU C 484 -9.70 16.64 -20.95
N LEU C 485 -9.87 16.45 -19.65
CA LEU C 485 -8.86 15.79 -18.82
C LEU C 485 -9.01 14.29 -19.02
N ASP C 486 -8.39 13.80 -20.09
CA ASP C 486 -8.53 12.43 -20.53
C ASP C 486 -7.52 11.54 -19.80
N TYR C 487 -7.36 10.31 -20.26
CA TYR C 487 -6.44 9.37 -19.61
C TYR C 487 -5.01 9.88 -19.72
N LEU C 488 -4.25 9.72 -18.63
CA LEU C 488 -2.89 10.24 -18.50
C LEU C 488 -2.87 11.77 -18.53
N SER C 489 -3.96 12.41 -18.11
CA SER C 489 -3.91 13.85 -17.90
C SER C 489 -2.92 14.16 -16.79
N GLN C 490 -2.20 15.26 -16.95
CA GLN C 490 -1.11 15.60 -16.04
C GLN C 490 -1.22 17.06 -15.60
N ILE C 491 -0.90 17.30 -14.33
CA ILE C 491 -0.70 18.64 -13.81
C ILE C 491 0.69 18.69 -13.21
N THR C 492 1.46 19.71 -13.60
CA THR C 492 2.85 19.83 -13.22
C THR C 492 3.09 21.11 -12.45
N PHE C 493 3.98 21.05 -11.47
CA PHE C 493 4.47 22.21 -10.73
C PHE C 493 5.97 22.22 -10.94
N GLU C 494 6.41 22.83 -12.03
CA GLU C 494 7.83 22.82 -12.39
C GLU C 494 8.55 23.93 -11.65
N LEU C 495 9.63 23.55 -10.95
CA LEU C 495 10.42 24.49 -10.18
C LEU C 495 11.69 24.85 -10.95
N TYR C 496 12.05 26.12 -10.90
CA TYR C 496 13.24 26.61 -11.58
C TYR C 496 14.03 27.50 -10.62
N GLU C 497 15.09 28.10 -11.13
CA GLU C 497 15.84 29.12 -10.41
C GLU C 497 15.89 30.36 -11.29
N SER C 498 15.99 31.52 -10.67
CA SER C 498 15.98 32.78 -11.39
C SER C 498 17.43 33.16 -11.67
N THR C 499 17.84 33.04 -12.92
CA THR C 499 19.25 33.17 -13.27
C THR C 499 19.51 34.59 -13.72
N ASP C 500 20.49 35.22 -13.09
CA ASP C 500 20.76 36.65 -13.27
C ASP C 500 22.27 36.82 -13.25
N ALA C 501 22.72 38.04 -12.95
CA ALA C 501 24.12 38.35 -12.71
C ALA C 501 24.37 38.70 -11.25
N SER C 502 23.38 38.46 -10.39
CA SER C 502 23.51 38.61 -8.94
C SER C 502 23.07 37.29 -8.32
N GLY C 503 23.72 36.91 -7.22
CA GLY C 503 23.45 35.63 -6.62
C GLY C 503 22.09 35.58 -5.94
N GLN C 504 21.90 34.52 -5.17
CA GLN C 504 20.67 34.28 -4.42
C GLN C 504 19.45 34.38 -5.34
N LYS C 505 19.39 33.44 -6.28
CA LYS C 505 18.29 33.41 -7.24
C LYS C 505 16.96 33.30 -6.49
N SER C 506 15.96 34.05 -6.97
CA SER C 506 14.66 34.11 -6.32
C SER C 506 13.80 32.89 -6.57
N HIS C 507 14.22 31.99 -7.46
CA HIS C 507 13.45 30.79 -7.78
C HIS C 507 12.10 31.15 -8.39
N SER C 508 11.48 30.18 -9.08
CA SER C 508 10.22 30.42 -9.77
C SER C 508 9.52 29.09 -9.98
N ILE C 509 8.19 29.15 -10.07
CA ILE C 509 7.35 27.99 -10.30
C ILE C 509 6.56 28.21 -11.58
N ARG C 510 6.51 27.20 -12.44
CA ARG C 510 5.74 27.23 -13.67
C ARG C 510 4.80 26.04 -13.68
N LEU C 511 3.53 26.28 -13.96
CA LEU C 511 2.52 25.24 -13.97
C LEU C 511 2.16 24.88 -15.40
N LYS C 512 2.17 23.59 -15.71
CA LYS C 512 1.78 23.08 -17.01
C LYS C 512 0.77 21.96 -16.83
N MET C 513 0.04 21.67 -17.90
CA MET C 513 -0.97 20.62 -17.90
C MET C 513 -0.95 19.89 -19.23
N SER C 514 -1.32 18.62 -19.19
CA SER C 514 -1.48 17.81 -20.38
C SER C 514 -2.82 17.09 -20.29
N PRO C 515 -3.67 17.15 -21.34
CA PRO C 515 -4.92 16.39 -21.30
C PRO C 515 -4.75 14.90 -21.40
N GLY C 516 -3.52 14.41 -21.55
CA GLY C 516 -3.28 12.98 -21.65
C GLY C 516 -3.43 12.47 -23.07
N CYS C 517 -3.79 11.18 -23.21
CA CYS C 517 -3.96 10.56 -24.53
C CYS C 517 -5.37 10.89 -25.03
N HIS C 518 -5.50 12.06 -25.65
CA HIS C 518 -6.77 12.58 -26.09
C HIS C 518 -6.66 13.04 -27.54
N THR C 519 -7.75 12.91 -28.28
CA THR C 519 -7.80 13.33 -29.67
C THR C 519 -9.09 14.09 -29.93
N GLN C 520 -9.02 15.06 -30.84
CA GLN C 520 -10.17 15.84 -31.24
C GLN C 520 -10.94 15.22 -32.40
N ASP C 521 -10.40 14.19 -33.04
CA ASP C 521 -11.03 13.52 -34.18
C ASP C 521 -10.94 12.02 -33.99
N PRO C 522 -11.69 11.47 -33.05
CA PRO C 522 -11.60 10.01 -32.81
C PRO C 522 -11.91 9.18 -34.05
N LEU C 523 -12.78 9.67 -34.94
CA LEU C 523 -13.16 8.94 -36.13
C LEU C 523 -12.20 9.13 -37.29
N ASP C 524 -11.22 10.03 -37.16
CA ASP C 524 -10.25 10.27 -38.22
C ASP C 524 -8.83 9.91 -37.84
N VAL C 525 -8.55 9.67 -36.55
CA VAL C 525 -7.19 9.34 -36.13
C VAL C 525 -6.80 7.97 -36.69
N GLN C 526 -5.56 7.85 -37.13
CA GLN C 526 -5.04 6.58 -37.62
C GLN C 526 -4.56 5.76 -36.44
N LEU C 527 -5.18 4.59 -36.24
CA LEU C 527 -4.94 3.76 -35.07
C LEU C 527 -4.14 2.53 -35.45
N ASP C 528 -3.35 2.05 -34.48
CA ASP C 528 -2.61 0.80 -34.61
C ASP C 528 -3.43 -0.36 -34.07
N ASP C 529 -2.93 -1.57 -34.31
CA ASP C 529 -3.59 -2.75 -33.76
C ASP C 529 -3.64 -2.73 -32.24
N ARG C 530 -2.80 -1.91 -31.60
CA ARG C 530 -2.78 -1.79 -30.15
C ARG C 530 -3.87 -0.86 -29.62
N HIS C 531 -4.60 -0.18 -30.50
CA HIS C 531 -5.74 0.64 -30.09
C HIS C 531 -5.31 1.70 -29.07
N TYR C 532 -4.29 2.46 -29.44
CA TYR C 532 -3.61 3.38 -28.54
C TYR C 532 -3.51 4.76 -29.16
N ILE C 533 -3.73 5.79 -28.35
CA ILE C 533 -3.59 7.19 -28.75
C ILE C 533 -2.37 7.78 -28.06
N SER C 534 -1.60 8.56 -28.81
CA SER C 534 -0.43 9.22 -28.24
C SER C 534 -0.86 10.31 -27.25
N CYS C 535 0.03 10.62 -26.32
CA CYS C 535 -0.25 11.62 -25.31
C CYS C 535 0.06 13.01 -25.84
N ILE C 536 -0.80 13.97 -25.50
CA ILE C 536 -0.64 15.35 -25.95
C ILE C 536 0.44 16.01 -25.10
N PRO C 537 1.36 16.78 -25.68
CA PRO C 537 2.39 17.44 -24.87
C PRO C 537 1.79 18.41 -23.87
N LYS C 538 2.54 18.67 -22.80
CA LYS C 538 2.09 19.59 -21.77
C LYS C 538 2.02 21.01 -22.31
N ILE C 539 1.11 21.81 -21.74
CA ILE C 539 0.96 23.21 -22.08
C ILE C 539 1.05 24.01 -20.79
N SER C 540 1.61 25.22 -20.89
CA SER C 540 1.86 26.05 -19.71
C SER C 540 0.56 26.73 -19.29
N LEU C 541 0.16 26.50 -18.03
CA LEU C 541 -0.97 27.22 -17.47
C LEU C 541 -0.58 28.60 -16.97
N THR C 542 0.67 28.78 -16.58
CA THR C 542 1.18 30.06 -16.11
C THR C 542 2.63 30.20 -16.58
N LYS C 543 3.18 31.38 -16.34
CA LYS C 543 4.58 31.64 -16.65
C LYS C 543 5.41 31.37 -15.38
N HIS C 544 6.69 31.71 -15.42
CA HIS C 544 7.56 31.54 -14.25
C HIS C 544 7.12 32.51 -13.17
N LEU C 545 6.47 31.99 -12.13
CA LEU C 545 5.91 32.77 -11.04
C LEU C 545 6.71 32.56 -9.76
N ASP C 546 6.80 33.62 -8.96
CA ASP C 546 7.60 33.57 -7.75
C ASP C 546 7.13 32.44 -6.84
N MET C 547 8.09 31.65 -6.33
CA MET C 547 7.77 30.50 -5.50
C MET C 547 6.91 30.91 -4.31
N ASP C 548 7.40 31.87 -3.51
CA ASP C 548 6.67 32.30 -2.32
C ASP C 548 5.27 32.80 -2.69
N TYR C 549 5.16 33.48 -3.84
CA TYR C 549 3.86 33.98 -4.27
C TYR C 549 2.89 32.85 -4.54
N VAL C 550 3.34 31.79 -5.19
CA VAL C 550 2.45 30.68 -5.54
C VAL C 550 1.99 29.94 -4.29
N GLN C 551 2.84 29.85 -3.26
CA GLN C 551 2.45 29.15 -2.04
C GLN C 551 1.45 29.96 -1.23
N GLN C 552 1.53 31.29 -1.28
CA GLN C 552 0.61 32.11 -0.50
C GLN C 552 -0.80 32.08 -1.11
N LYS C 553 -0.90 32.14 -2.43
CA LYS C 553 -2.20 32.06 -3.08
C LYS C 553 -2.91 30.76 -2.70
N LEU C 554 -2.16 29.65 -2.65
CA LEU C 554 -2.75 28.37 -2.33
C LEU C 554 -3.04 28.25 -0.83
N ARG C 555 -2.08 28.65 0.01
CA ARG C 555 -2.28 28.60 1.45
C ARG C 555 -1.47 29.71 2.14
N LYS D 3 -11.86 -27.65 -43.89
CA LYS D 3 -12.10 -29.09 -43.77
C LYS D 3 -11.15 -29.73 -42.76
N TRP D 4 -10.41 -28.91 -42.03
CA TRP D 4 -9.44 -29.37 -41.05
C TRP D 4 -9.61 -28.57 -39.77
N VAL D 5 -9.62 -29.27 -38.63
CA VAL D 5 -9.73 -28.65 -37.32
C VAL D 5 -8.35 -28.55 -36.69
N PHE D 6 -8.04 -27.39 -36.13
CA PHE D 6 -6.73 -27.16 -35.53
C PHE D 6 -6.50 -28.09 -34.35
N LYS D 7 -5.26 -28.56 -34.20
CA LYS D 7 -4.90 -29.49 -33.13
C LYS D 7 -3.65 -29.08 -32.36
N GLY D 8 -2.81 -28.19 -32.89
CA GLY D 8 -1.62 -27.77 -32.18
C GLY D 8 -0.66 -26.96 -33.04
N LEU D 9 0.29 -26.29 -32.41
CA LEU D 9 1.23 -25.42 -33.12
C LEU D 9 2.61 -25.50 -32.47
N ALA D 10 3.63 -25.69 -33.30
CA ALA D 10 5.02 -25.58 -32.88
C ALA D 10 5.64 -24.40 -33.63
N ILE D 11 5.90 -23.31 -32.93
CA ILE D 11 6.37 -22.07 -33.53
C ILE D 11 7.75 -21.75 -33.00
N ILE D 12 8.66 -21.39 -33.91
CA ILE D 12 9.99 -20.92 -33.56
C ILE D 12 10.04 -19.43 -33.89
N ILE D 13 10.51 -18.63 -32.93
CA ILE D 13 10.44 -17.17 -33.04
C ILE D 13 11.84 -16.60 -32.87
N ARG D 14 12.17 -15.64 -33.72
CA ARG D 14 13.46 -14.95 -33.66
C ARG D 14 13.35 -13.74 -32.72
N HIS D 15 14.48 -13.36 -32.15
CA HIS D 15 14.45 -12.31 -31.13
C HIS D 15 14.00 -10.98 -31.72
N ALA D 16 13.63 -10.06 -30.83
CA ALA D 16 13.03 -8.79 -31.25
C ALA D 16 14.13 -7.78 -31.59
N ASP D 17 13.70 -6.56 -31.90
CA ASP D 17 14.61 -5.52 -32.35
C ASP D 17 15.76 -5.36 -31.37
N ARG D 18 16.94 -5.02 -31.91
CA ARG D 18 18.14 -4.86 -31.09
C ARG D 18 19.04 -3.80 -31.70
N THR D 19 19.87 -3.18 -30.83
CA THR D 19 20.76 -2.11 -31.25
C THR D 19 22.00 -2.66 -31.97
N PRO D 20 22.53 -1.94 -32.94
CA PRO D 20 23.69 -2.44 -33.68
C PRO D 20 24.93 -2.51 -32.80
N LYS D 21 25.75 -3.53 -33.05
CA LYS D 21 27.02 -3.66 -32.35
C LYS D 21 28.02 -2.65 -32.93
N GLN D 22 28.73 -1.96 -32.05
CA GLN D 22 29.61 -0.87 -32.45
C GLN D 22 30.88 -0.90 -31.62
N LYS D 23 31.98 -0.42 -32.20
CA LYS D 23 33.28 -0.47 -31.53
C LYS D 23 34.19 0.64 -32.02
N PHE D 24 34.81 1.35 -31.08
CA PHE D 24 35.80 2.38 -31.36
C PHE D 24 37.18 1.86 -30.97
N LYS D 25 38.15 2.03 -31.85
CA LYS D 25 39.51 1.52 -31.66
C LYS D 25 40.53 2.63 -31.87
N HIS D 26 41.44 2.77 -30.92
CA HIS D 26 42.60 3.65 -31.09
C HIS D 26 43.63 3.30 -30.02
N SER D 27 44.88 3.65 -30.29
CA SER D 27 46.00 3.36 -29.41
C SER D 27 46.58 4.66 -28.85
N PHE D 28 46.96 4.63 -27.58
CA PHE D 28 47.56 5.77 -26.91
C PHE D 28 48.85 5.35 -26.22
N THR D 29 49.73 6.34 -26.01
CA THR D 29 51.01 6.13 -25.36
C THR D 29 51.21 6.93 -24.09
N SER D 30 50.31 7.87 -23.78
CA SER D 30 50.48 8.72 -22.61
C SER D 30 50.45 7.86 -21.34
N PRO D 31 51.20 8.25 -20.31
CA PRO D 31 51.24 7.42 -19.10
C PRO D 31 49.86 7.20 -18.47
N ILE D 32 48.98 8.20 -18.54
CA ILE D 32 47.65 8.05 -17.96
C ILE D 32 46.90 6.91 -18.64
N PHE D 33 47.09 6.76 -19.95
CA PHE D 33 46.47 5.64 -20.66
C PHE D 33 47.12 4.32 -20.28
N ILE D 34 48.44 4.30 -20.15
CA ILE D 34 49.14 3.06 -19.81
C ILE D 34 48.79 2.64 -18.39
N SER D 35 48.62 3.59 -17.48
CA SER D 35 48.36 3.26 -16.09
C SER D 35 47.06 2.51 -15.89
N LEU D 36 46.12 2.63 -16.82
CA LEU D 36 44.84 1.94 -16.68
C LEU D 36 45.00 0.43 -16.72
N LEU D 37 46.11 -0.07 -17.27
CA LEU D 37 46.36 -1.51 -17.29
C LEU D 37 46.56 -2.10 -15.89
N LYS D 38 46.78 -1.25 -14.88
CA LYS D 38 47.07 -1.72 -13.53
C LYS D 38 48.22 -2.72 -13.54
N GLY D 39 49.26 -2.39 -14.29
CA GLY D 39 50.47 -3.18 -14.34
C GLY D 39 50.40 -4.40 -15.23
N HIS D 40 49.21 -4.83 -15.63
CA HIS D 40 49.10 -6.03 -16.45
C HIS D 40 49.72 -5.80 -17.82
N LYS D 41 50.37 -6.85 -18.34
CA LYS D 41 51.03 -6.81 -19.63
C LYS D 41 50.30 -7.62 -20.69
N GLU D 42 49.06 -8.01 -20.44
CA GLU D 42 48.24 -8.77 -21.36
C GLU D 42 46.93 -8.03 -21.58
N GLU D 43 46.06 -8.60 -22.42
CA GLU D 43 44.77 -7.98 -22.68
C GLU D 43 43.96 -7.93 -21.39
N VAL D 44 43.35 -6.78 -21.13
CA VAL D 44 42.53 -6.56 -19.95
C VAL D 44 41.12 -6.17 -20.40
N VAL D 45 40.13 -6.85 -19.84
CA VAL D 45 38.72 -6.61 -20.16
C VAL D 45 38.05 -5.99 -18.95
N ILE D 46 37.33 -4.90 -19.17
CA ILE D 46 36.64 -4.18 -18.10
C ILE D 46 35.15 -4.18 -18.44
N ARG D 47 34.34 -4.79 -17.58
CA ARG D 47 32.90 -4.75 -17.70
C ARG D 47 32.20 -4.45 -16.39
N ASN D 48 32.93 -4.28 -15.30
CA ASN D 48 32.32 -3.82 -14.06
C ASN D 48 32.01 -2.33 -14.18
N VAL D 49 30.75 -1.97 -13.92
CA VAL D 49 30.34 -0.57 -14.04
C VAL D 49 31.20 0.31 -13.14
N ASN D 50 31.55 -0.20 -11.96
CA ASN D 50 32.43 0.55 -11.07
C ASN D 50 33.77 0.84 -11.74
N ASP D 51 34.33 -0.16 -12.42
CA ASP D 51 35.59 0.06 -13.13
C ASP D 51 35.40 1.00 -14.32
N LEU D 52 34.27 0.90 -15.01
CA LEU D 52 34.02 1.78 -16.15
C LEU D 52 33.96 3.23 -15.72
N LYS D 53 33.37 3.51 -14.56
CA LYS D 53 33.38 4.88 -14.05
C LYS D 53 34.80 5.36 -13.78
N ILE D 54 35.65 4.48 -13.24
CA ILE D 54 37.04 4.85 -12.99
C ILE D 54 37.73 5.22 -14.30
N VAL D 55 37.52 4.40 -15.33
CA VAL D 55 38.10 4.72 -16.64
C VAL D 55 37.56 6.04 -17.15
N LEU D 56 36.25 6.25 -17.05
CA LEU D 56 35.64 7.48 -17.53
C LEU D 56 36.33 8.71 -16.96
N GLN D 57 36.57 8.70 -15.65
CA GLN D 57 37.26 9.84 -15.03
C GLN D 57 38.64 10.03 -15.64
N ALA D 58 39.31 8.94 -15.99
CA ALA D 58 40.63 9.05 -16.61
C ALA D 58 40.56 9.84 -17.91
N LEU D 59 39.49 9.64 -18.69
CA LEU D 59 39.34 10.38 -19.92
C LEU D 59 39.17 11.89 -19.66
N ARG D 60 38.43 12.25 -18.62
CA ARG D 60 38.31 13.66 -18.26
C ARG D 60 39.66 14.23 -17.87
N ILE D 61 40.46 13.47 -17.13
CA ILE D 61 41.80 13.92 -16.78
C ILE D 61 42.72 13.83 -17.98
N ALA D 62 42.59 12.78 -18.78
CA ALA D 62 43.42 12.66 -19.97
C ALA D 62 43.20 13.84 -20.91
N LEU D 63 41.98 14.36 -20.96
CA LEU D 63 41.73 15.56 -21.76
C LEU D 63 42.25 16.80 -21.05
N ASP D 64 42.26 16.80 -19.72
CA ASP D 64 42.84 17.90 -18.97
C ASP D 64 44.32 18.08 -19.35
N GLU D 65 45.02 16.97 -19.59
CA GLU D 65 46.40 17.03 -20.06
C GLU D 65 46.49 16.87 -21.58
N LYS D 66 45.43 16.36 -22.20
CA LYS D 66 45.34 16.24 -23.65
C LYS D 66 46.61 15.67 -24.26
N ALA D 67 47.34 14.85 -23.50
CA ALA D 67 48.54 14.22 -24.03
C ALA D 67 48.23 13.47 -25.31
N GLY D 68 47.41 12.42 -25.20
CA GLY D 68 46.92 11.71 -26.37
C GLY D 68 46.21 12.66 -27.33
N ASN D 69 45.59 12.12 -28.36
CA ASN D 69 44.83 12.97 -29.27
C ASN D 69 43.58 13.48 -28.55
N PRO D 70 43.55 14.75 -28.14
CA PRO D 70 42.39 15.22 -27.37
C PRO D 70 41.07 15.06 -28.10
N ALA D 71 41.08 15.15 -29.42
CA ALA D 71 39.84 15.01 -30.18
C ALA D 71 39.20 13.65 -29.94
N LYS D 72 40.02 12.59 -29.96
CA LYS D 72 39.48 11.25 -29.72
C LYS D 72 39.10 11.06 -28.26
N ILE D 73 39.82 11.71 -27.35
CA ILE D 73 39.52 11.57 -25.92
C ILE D 73 38.13 12.09 -25.62
N LYS D 74 37.73 13.19 -26.28
CA LYS D 74 36.38 13.71 -26.09
C LYS D 74 35.34 12.70 -26.55
N VAL D 75 35.55 12.09 -27.71
CA VAL D 75 34.60 11.11 -28.22
C VAL D 75 34.55 9.89 -27.30
N LEU D 76 35.72 9.40 -26.88
CA LEU D 76 35.76 8.23 -26.01
C LEU D 76 35.07 8.49 -24.68
N ALA D 77 35.33 9.66 -24.07
CA ALA D 77 34.70 9.98 -22.80
C ALA D 77 33.18 9.98 -22.93
N ASN D 78 32.65 10.70 -23.91
CA ASN D 78 31.20 10.71 -24.12
C ASN D 78 30.69 9.31 -24.41
N ALA D 79 31.37 8.59 -25.31
CA ALA D 79 30.94 7.23 -25.62
C ALA D 79 30.92 6.36 -24.36
N LEU D 80 31.97 6.43 -23.55
CA LEU D 80 32.05 5.59 -22.37
C LEU D 80 30.93 5.91 -21.38
N GLU D 81 30.70 7.20 -21.12
CA GLU D 81 29.69 7.58 -20.14
C GLU D 81 28.28 7.26 -20.62
N LYS D 82 28.01 7.44 -21.92
CA LYS D 82 26.68 7.13 -22.43
C LYS D 82 26.40 5.63 -22.39
N LYS D 83 27.38 4.80 -22.72
CA LYS D 83 27.14 3.38 -22.91
C LYS D 83 27.58 2.52 -21.72
N LEU D 84 28.33 3.08 -20.76
CA LEU D 84 28.74 2.27 -19.61
C LEU D 84 27.54 1.84 -18.77
N ASN D 85 26.41 2.54 -18.90
CA ASN D 85 25.19 2.14 -18.21
C ASN D 85 24.46 1.01 -18.92
N PHE D 86 24.97 0.53 -20.05
CA PHE D 86 24.31 -0.51 -20.83
C PHE D 86 25.00 -1.85 -20.63
N PRO D 87 24.25 -2.93 -20.39
CA PRO D 87 24.88 -4.25 -20.33
C PRO D 87 25.52 -4.60 -21.68
N GLY D 88 26.69 -5.24 -21.59
CA GLY D 88 27.44 -5.59 -22.77
C GLY D 88 28.46 -4.58 -23.22
N THR D 89 28.41 -3.35 -22.69
CA THR D 89 29.44 -2.37 -22.99
C THR D 89 30.72 -2.76 -22.27
N LYS D 90 31.83 -2.82 -23.02
CA LYS D 90 33.07 -3.32 -22.48
C LYS D 90 34.25 -2.62 -23.14
N ILE D 91 35.41 -2.74 -22.49
CA ILE D 91 36.66 -2.19 -23.00
C ILE D 91 37.68 -3.32 -23.07
N GLN D 92 38.43 -3.36 -24.17
CA GLN D 92 39.54 -4.28 -24.35
C GLN D 92 40.82 -3.47 -24.49
N LEU D 93 41.81 -3.78 -23.65
CA LEU D 93 43.08 -3.08 -23.62
C LEU D 93 44.17 -4.04 -24.09
N LYS D 94 44.58 -3.90 -25.35
CA LYS D 94 45.59 -4.78 -25.91
C LYS D 94 46.94 -4.07 -25.86
N PRO D 95 47.83 -4.40 -24.91
CA PRO D 95 49.10 -3.69 -24.82
C PRO D 95 50.05 -4.08 -25.95
N VAL D 96 50.93 -3.16 -26.29
CA VAL D 96 51.98 -3.37 -27.27
C VAL D 96 53.33 -3.30 -26.54
N LEU D 97 54.09 -4.39 -26.62
CA LEU D 97 55.36 -4.51 -25.92
C LEU D 97 56.51 -4.31 -26.89
N ASN D 98 57.53 -3.57 -26.44
CA ASN D 98 58.72 -3.33 -27.24
C ASN D 98 59.71 -4.47 -27.02
N LYS D 99 60.94 -4.31 -27.50
CA LYS D 99 61.93 -5.37 -27.39
C LYS D 99 62.32 -5.66 -25.95
N GLU D 100 62.08 -4.72 -25.03
CA GLU D 100 62.42 -4.89 -23.63
C GLU D 100 61.21 -5.26 -22.77
N ASN D 101 60.15 -5.79 -23.37
CA ASN D 101 58.95 -6.19 -22.65
C ASN D 101 58.39 -5.03 -21.83
N GLU D 102 58.46 -3.83 -22.39
CA GLU D 102 57.91 -2.63 -21.79
C GLU D 102 56.71 -2.17 -22.60
N VAL D 103 55.62 -1.84 -21.91
CA VAL D 103 54.41 -1.36 -22.57
C VAL D 103 54.65 0.08 -23.01
N GLU D 104 54.79 0.30 -24.31
CA GLU D 104 54.95 1.64 -24.87
C GLU D 104 53.64 2.24 -25.35
N LYS D 105 52.64 1.43 -25.64
CA LYS D 105 51.35 1.92 -26.07
C LYS D 105 50.31 0.84 -25.84
N VAL D 106 49.08 1.27 -25.54
CA VAL D 106 47.97 0.37 -25.25
C VAL D 106 46.86 0.63 -26.25
N GLN D 107 46.29 -0.45 -26.80
CA GLN D 107 45.21 -0.36 -27.76
C GLN D 107 43.89 -0.28 -27.01
N PHE D 108 43.16 0.81 -27.17
CA PHE D 108 41.91 1.05 -26.45
C PHE D 108 40.75 0.71 -27.38
N ILE D 109 40.08 -0.41 -27.10
CA ILE D 109 38.93 -0.86 -27.88
C ILE D 109 37.71 -0.75 -26.98
N LEU D 110 36.78 0.11 -27.35
CA LEU D 110 35.52 0.28 -26.63
C LEU D 110 34.42 -0.35 -27.47
N LYS D 111 33.77 -1.39 -26.93
CA LYS D 111 32.72 -2.11 -27.63
C LYS D 111 31.40 -1.93 -26.88
N TRP D 112 30.32 -1.75 -27.63
CA TRP D 112 29.00 -1.58 -27.06
C TRP D 112 27.96 -1.94 -28.13
N GLY D 113 26.70 -1.86 -27.74
CA GLY D 113 25.61 -2.19 -28.64
C GLY D 113 25.15 -3.63 -28.49
N GLY D 114 24.31 -4.03 -29.43
CA GLY D 114 23.75 -5.36 -29.43
C GLY D 114 22.67 -5.61 -28.41
N GLU D 115 22.28 -4.60 -27.63
CA GLU D 115 21.21 -4.76 -26.66
C GLU D 115 19.85 -4.63 -27.34
N PRO D 116 18.81 -5.24 -26.78
CA PRO D 116 17.46 -5.04 -27.33
C PRO D 116 17.02 -3.59 -27.16
N THR D 117 16.50 -3.01 -28.23
CA THR D 117 16.07 -1.62 -28.18
C THR D 117 14.83 -1.49 -27.30
N HIS D 118 14.48 -0.24 -26.98
CA HIS D 118 13.24 0.00 -26.25
C HIS D 118 12.02 -0.44 -27.04
N SER D 119 12.17 -0.65 -28.36
CA SER D 119 11.09 -1.13 -29.19
C SER D 119 10.90 -2.65 -29.10
N ALA D 120 11.90 -3.38 -28.60
CA ALA D 120 11.80 -4.83 -28.56
C ALA D 120 10.64 -5.29 -27.69
N LYS D 121 10.44 -4.67 -26.54
CA LYS D 121 9.39 -5.09 -25.63
C LYS D 121 8.02 -5.02 -26.30
N TYR D 122 7.79 -3.98 -27.10
CA TYR D 122 6.48 -3.83 -27.74
C TYR D 122 6.25 -4.90 -28.79
N GLN D 123 7.27 -5.20 -29.59
CA GLN D 123 7.14 -6.22 -30.62
C GLN D 123 6.75 -7.57 -30.00
N ALA D 124 7.50 -8.01 -29.00
CA ALA D 124 7.20 -9.28 -28.34
C ALA D 124 5.85 -9.23 -27.65
N THR D 125 5.53 -8.11 -27.00
CA THR D 125 4.26 -8.00 -26.28
C THR D 125 3.07 -8.10 -27.23
N GLU D 126 3.13 -7.36 -28.34
CA GLU D 126 2.03 -7.44 -29.31
C GLU D 126 1.87 -8.86 -29.84
N LEU D 127 2.98 -9.53 -30.11
CA LEU D 127 2.90 -10.90 -30.63
C LEU D 127 2.27 -11.83 -29.61
N GLY D 128 2.65 -11.71 -28.34
CA GLY D 128 2.07 -12.56 -27.31
C GLY D 128 0.57 -12.36 -27.18
N GLU D 129 0.12 -11.10 -27.23
CA GLU D 129 -1.30 -10.83 -27.15
C GLU D 129 -2.05 -11.41 -28.34
N GLN D 130 -1.50 -11.24 -29.55
CA GLN D 130 -2.13 -11.80 -30.74
C GLN D 130 -2.22 -13.33 -30.63
N MET D 131 -1.15 -13.97 -30.16
CA MET D 131 -1.18 -15.41 -29.99
C MET D 131 -2.24 -15.83 -28.97
N ARG D 132 -2.37 -15.08 -27.88
CA ARG D 132 -3.43 -15.35 -26.92
C ARG D 132 -4.80 -15.20 -27.57
N GLN D 133 -4.98 -14.16 -28.38
CA GLN D 133 -6.26 -13.96 -29.07
C GLN D 133 -6.58 -15.15 -29.97
N ASP D 134 -5.65 -15.53 -30.84
CA ASP D 134 -5.90 -16.63 -31.75
C ASP D 134 -6.17 -17.93 -31.00
N PHE D 135 -5.42 -18.18 -29.93
CA PHE D 135 -5.58 -19.41 -29.17
C PHE D 135 -6.92 -19.44 -28.44
N ASP D 136 -7.30 -18.34 -27.80
CA ASP D 136 -8.57 -18.30 -27.08
C ASP D 136 -9.77 -18.39 -28.02
N LEU D 137 -9.56 -18.28 -29.33
CA LEU D 137 -10.61 -18.46 -30.31
C LEU D 137 -10.65 -19.86 -30.90
N LEU D 138 -9.49 -20.53 -31.00
CA LEU D 138 -9.45 -21.88 -31.53
C LEU D 138 -9.81 -22.90 -30.46
N ASN D 139 -9.09 -22.87 -29.32
CA ASN D 139 -9.39 -23.78 -28.21
C ASN D 139 -8.78 -23.19 -26.96
N LYS D 140 -9.60 -22.89 -25.96
CA LYS D 140 -9.10 -22.29 -24.73
C LYS D 140 -8.20 -23.23 -23.94
N SER D 141 -8.30 -24.55 -24.17
CA SER D 141 -7.45 -25.49 -23.46
C SER D 141 -5.98 -25.39 -23.87
N ILE D 142 -5.70 -24.79 -25.03
CA ILE D 142 -4.32 -24.72 -25.50
C ILE D 142 -3.49 -23.81 -24.59
N LEU D 143 -4.10 -22.74 -24.06
CA LEU D 143 -3.38 -21.87 -23.13
C LEU D 143 -2.90 -22.64 -21.91
N GLN D 144 -3.59 -23.72 -21.56
CA GLN D 144 -3.20 -24.56 -20.44
C GLN D 144 -2.07 -25.52 -20.78
N ASN D 145 -1.61 -25.53 -22.03
CA ASN D 145 -0.61 -26.47 -22.52
C ASN D 145 0.48 -25.74 -23.30
N ILE D 146 1.02 -24.67 -22.72
CA ILE D 146 2.05 -23.85 -23.35
C ILE D 146 3.40 -24.23 -22.77
N LYS D 147 4.39 -24.40 -23.65
CA LYS D 147 5.77 -24.71 -23.26
C LYS D 147 6.72 -23.81 -24.03
N ILE D 148 7.60 -23.13 -23.32
CA ILE D 148 8.45 -22.08 -23.89
C ILE D 148 9.92 -22.44 -23.64
N PHE D 149 10.74 -22.26 -24.67
CA PHE D 149 12.17 -22.42 -24.58
C PHE D 149 12.86 -21.18 -25.12
N SER D 150 14.12 -20.99 -24.72
CA SER D 150 14.90 -19.84 -25.15
C SER D 150 16.37 -20.20 -25.14
N SER D 151 17.15 -19.45 -25.92
CA SER D 151 18.59 -19.58 -25.91
C SER D 151 19.17 -18.81 -24.72
N SER D 152 20.50 -18.85 -24.58
CA SER D 152 21.16 -18.18 -23.48
C SER D 152 21.32 -16.67 -23.73
N GLU D 153 21.28 -16.23 -24.98
CA GLU D 153 21.49 -14.83 -25.27
C GLU D 153 20.44 -13.96 -24.57
N ARG D 154 20.88 -12.83 -24.04
CA ARG D 154 19.97 -11.95 -23.31
C ARG D 154 18.85 -11.44 -24.20
N ARG D 155 19.19 -10.97 -25.40
CA ARG D 155 18.17 -10.44 -26.29
C ARG D 155 17.15 -11.50 -26.67
N VAL D 156 17.57 -12.76 -26.77
CA VAL D 156 16.63 -13.83 -27.08
C VAL D 156 15.69 -14.07 -25.91
N LEU D 157 16.24 -14.25 -24.71
CA LEU D 157 15.41 -14.44 -23.53
C LEU D 157 14.53 -13.22 -23.29
N HIS D 158 15.06 -12.02 -23.55
CA HIS D 158 14.27 -10.81 -23.44
C HIS D 158 12.99 -10.91 -24.27
N THR D 159 13.13 -11.30 -25.53
CA THR D 159 11.95 -11.48 -26.39
C THR D 159 11.05 -12.59 -25.84
N ALA D 160 11.65 -13.68 -25.36
CA ALA D 160 10.85 -14.78 -24.81
C ALA D 160 10.06 -14.33 -23.59
N GLN D 161 10.68 -13.54 -22.72
CA GLN D 161 10.02 -13.12 -21.49
C GLN D 161 8.80 -12.26 -21.79
N TYR D 162 8.97 -11.20 -22.60
CA TYR D 162 7.86 -10.29 -22.86
C TYR D 162 6.76 -10.97 -23.66
N TRP D 163 7.13 -11.88 -24.57
CA TRP D 163 6.12 -12.62 -25.32
C TRP D 163 5.32 -13.51 -24.38
N THR D 164 5.99 -14.14 -23.41
CA THR D 164 5.28 -14.99 -22.46
C THR D 164 4.38 -14.16 -21.55
N ARG D 165 4.88 -13.01 -21.07
CA ARG D 165 4.05 -12.11 -20.29
C ARG D 165 2.80 -11.72 -21.06
N ALA D 166 2.97 -11.31 -22.32
CA ALA D 166 1.82 -10.89 -23.13
C ALA D 166 0.88 -12.05 -23.39
N LEU D 167 1.42 -13.25 -23.58
CA LEU D 167 0.56 -14.41 -23.81
C LEU D 167 -0.38 -14.64 -22.63
N PHE D 168 0.14 -14.52 -21.41
CA PHE D 168 -0.66 -14.70 -20.21
C PHE D 168 -1.13 -13.35 -19.67
N SER D 175 9.17 -20.01 -10.58
CA SER D 175 8.79 -20.99 -11.60
C SER D 175 8.93 -20.39 -13.00
N ASP D 176 10.13 -20.48 -13.57
CA ASP D 176 10.39 -19.95 -14.90
C ASP D 176 9.70 -20.82 -15.94
N GLU D 177 8.66 -20.27 -16.59
CA GLU D 177 8.01 -20.98 -17.68
C GLU D 177 8.93 -21.14 -18.89
N ILE D 178 9.94 -20.29 -19.01
CA ILE D 178 10.90 -20.38 -20.10
C ILE D 178 12.05 -21.29 -19.67
N SER D 179 12.31 -22.32 -20.45
CA SER D 179 13.34 -23.31 -20.16
C SER D 179 14.50 -23.09 -21.14
N ILE D 180 15.63 -22.64 -20.61
CA ILE D 180 16.80 -22.38 -21.45
C ILE D 180 17.36 -23.71 -21.94
N ARG D 181 17.42 -23.87 -23.26
CA ARG D 181 17.94 -25.08 -23.91
C ARG D 181 19.08 -24.66 -24.83
N LYS D 182 20.30 -24.71 -24.31
CA LYS D 182 21.46 -24.30 -25.09
C LYS D 182 21.67 -25.24 -26.28
N ASP D 183 21.46 -26.53 -26.09
CA ASP D 183 21.77 -27.50 -27.15
C ASP D 183 20.90 -27.27 -28.39
N LEU D 184 19.68 -26.77 -28.23
CA LEU D 184 18.77 -26.58 -29.35
C LEU D 184 18.80 -25.16 -29.91
N LEU D 185 18.81 -24.14 -29.06
CA LEU D 185 18.61 -22.76 -29.48
C LEU D 185 19.87 -21.92 -29.43
N ASP D 186 20.98 -22.46 -28.98
CA ASP D 186 22.24 -21.73 -28.91
C ASP D 186 23.16 -22.15 -30.04
N ASP D 187 24.02 -21.22 -30.46
CA ASP D 187 24.90 -21.48 -31.59
C ASP D 187 26.01 -22.44 -31.20
N SER D 188 26.54 -23.14 -32.20
CA SER D 188 27.64 -24.08 -32.00
C SER D 188 28.83 -23.67 -32.86
N ASN D 189 30.03 -23.74 -32.27
CA ASN D 189 31.22 -23.30 -32.97
C ASN D 189 31.55 -24.20 -34.16
N ALA D 190 31.18 -25.48 -34.10
CA ALA D 190 31.51 -26.39 -35.19
C ALA D 190 30.93 -25.89 -36.51
N ALA D 191 29.67 -25.46 -36.50
CA ALA D 191 29.06 -24.95 -37.72
C ALA D 191 29.60 -23.58 -38.08
N LYS D 192 29.91 -22.75 -37.09
CA LYS D 192 30.47 -21.44 -37.36
C LYS D 192 31.79 -21.55 -38.13
N ASP D 193 32.58 -22.59 -37.86
CA ASP D 193 33.78 -22.82 -38.66
C ASP D 193 33.41 -23.07 -40.12
N LEU D 194 32.36 -23.85 -40.36
CA LEU D 194 31.92 -24.11 -41.72
C LEU D 194 31.38 -22.83 -42.37
N MET D 195 30.60 -22.05 -41.61
CA MET D 195 30.09 -20.79 -42.15
C MET D 195 31.22 -19.86 -42.56
N ASP D 196 32.34 -19.90 -41.84
CA ASP D 196 33.49 -19.10 -42.25
C ASP D 196 34.01 -19.56 -43.61
N LYS D 197 34.06 -20.88 -43.84
CA LYS D 197 34.44 -21.38 -45.16
C LYS D 197 33.51 -20.83 -46.23
N VAL D 198 32.20 -20.79 -45.94
CA VAL D 198 31.25 -20.19 -46.87
C VAL D 198 31.47 -18.68 -46.95
N LYS D 199 31.80 -18.05 -45.83
CA LYS D 199 32.03 -16.60 -45.84
C LYS D 199 33.15 -16.23 -46.80
N LYS D 200 34.21 -17.04 -46.84
CA LYS D 200 35.28 -16.81 -47.81
C LYS D 200 34.79 -16.98 -49.24
N LYS D 201 33.78 -17.83 -49.45
CA LYS D 201 33.22 -18.00 -50.79
C LYS D 201 32.40 -16.81 -51.24
N LEU D 202 31.92 -15.98 -50.30
CA LEU D 202 31.10 -14.84 -50.69
C LEU D 202 31.92 -13.67 -51.18
N LYS D 203 33.17 -13.55 -50.74
CA LYS D 203 34.00 -12.42 -51.19
C LYS D 203 34.19 -12.42 -52.70
N PRO D 204 34.59 -13.52 -53.34
CA PRO D 204 34.72 -13.49 -54.81
C PRO D 204 33.43 -13.15 -55.52
N LEU D 205 32.28 -13.56 -54.98
CA LEU D 205 31.01 -13.31 -55.67
C LEU D 205 30.81 -11.82 -55.96
N LEU D 206 31.24 -10.96 -55.04
CA LEU D 206 31.08 -9.52 -55.20
C LEU D 206 32.23 -8.88 -55.96
N ARG D 207 33.36 -9.56 -56.09
CA ARG D 207 34.55 -9.00 -56.72
C ARG D 207 34.58 -9.34 -58.21
N GLU D 208 35.61 -8.84 -58.89
CA GLU D 208 35.77 -9.04 -60.33
C GLU D 208 34.48 -8.75 -61.09
N GLY D 209 33.99 -9.71 -61.88
CA GLY D 209 32.85 -9.50 -62.75
C GLY D 209 31.86 -10.64 -62.77
N LYS D 210 31.70 -11.30 -61.62
CA LYS D 210 30.76 -12.42 -61.53
C LYS D 210 29.35 -11.94 -61.85
N GLU D 211 28.58 -12.82 -62.49
CA GLU D 211 27.25 -12.48 -62.99
C GLU D 211 26.15 -13.29 -62.32
N ALA D 212 26.30 -13.51 -61.00
CA ALA D 212 25.31 -14.21 -60.19
C ALA D 212 24.63 -15.31 -61.00
N PRO D 213 25.36 -16.29 -61.49
CA PRO D 213 24.82 -17.18 -62.53
C PRO D 213 23.53 -17.86 -62.09
N PRO D 214 23.49 -18.55 -60.93
CA PRO D 214 22.21 -19.08 -60.45
C PRO D 214 21.35 -18.01 -59.78
N GLN D 215 20.25 -18.44 -59.17
CA GLN D 215 19.37 -17.50 -58.49
C GLN D 215 20.13 -16.57 -57.56
N PHE D 216 21.01 -17.14 -56.71
CA PHE D 216 21.83 -16.38 -55.79
C PHE D 216 21.06 -15.24 -55.13
N ALA D 217 19.78 -15.46 -54.82
CA ALA D 217 18.93 -14.45 -54.19
C ALA D 217 19.24 -13.06 -54.74
N TRP D 218 19.34 -12.98 -56.06
CA TRP D 218 19.78 -11.77 -56.75
C TRP D 218 18.74 -11.40 -57.81
N PRO D 219 18.35 -10.13 -57.91
CA PRO D 219 17.37 -9.76 -58.94
C PRO D 219 17.98 -9.84 -60.33
N SER D 220 17.27 -10.49 -61.25
CA SER D 220 17.74 -10.58 -62.62
C SER D 220 17.78 -9.22 -63.29
N LYS D 221 16.86 -8.32 -62.92
CA LYS D 221 16.83 -6.98 -63.51
C LYS D 221 18.06 -6.15 -63.15
N MET D 222 18.72 -6.46 -62.04
CA MET D 222 19.84 -5.67 -61.56
C MET D 222 21.11 -5.94 -62.37
N PRO D 223 22.03 -4.95 -62.41
CA PRO D 223 23.31 -5.16 -63.09
C PRO D 223 24.20 -6.11 -62.32
N GLU D 224 25.49 -6.14 -62.65
CA GLU D 224 26.39 -7.09 -62.01
C GLU D 224 26.63 -6.70 -60.55
N PRO D 225 26.84 -7.69 -59.68
CA PRO D 225 27.10 -7.36 -58.25
C PRO D 225 28.28 -6.44 -58.03
N TYR D 226 29.29 -6.48 -58.90
CA TYR D 226 30.40 -5.55 -58.73
C TYR D 226 30.00 -4.13 -59.13
N LEU D 227 29.00 -4.01 -60.01
CA LEU D 227 28.50 -2.67 -60.34
C LEU D 227 27.64 -2.12 -59.21
N VAL D 228 26.81 -2.96 -58.60
CA VAL D 228 25.97 -2.51 -57.49
C VAL D 228 26.85 -2.05 -56.33
N ILE D 229 27.85 -2.85 -55.97
CA ILE D 229 28.74 -2.49 -54.87
C ILE D 229 29.49 -1.20 -55.20
N LYS D 230 29.88 -1.04 -56.47
CA LYS D 230 30.61 0.17 -56.85
C LYS D 230 29.75 1.41 -56.70
N ARG D 231 28.46 1.31 -57.06
CA ARG D 231 27.59 2.47 -56.95
C ARG D 231 27.34 2.82 -55.48
N VAL D 232 27.17 1.81 -54.63
CA VAL D 232 26.92 2.07 -53.22
C VAL D 232 28.02 2.94 -52.62
N VAL D 233 29.28 2.60 -52.92
CA VAL D 233 30.40 3.38 -52.41
C VAL D 233 30.28 4.83 -52.85
N GLU D 234 29.89 5.04 -54.11
CA GLU D 234 29.72 6.40 -54.62
C GLU D 234 28.66 7.15 -53.82
N LEU D 235 27.53 6.49 -53.53
CA LEU D 235 26.51 7.11 -52.70
C LEU D 235 27.02 7.36 -51.28
N MET D 236 27.78 6.41 -50.72
CA MET D 236 28.34 6.60 -49.39
C MET D 236 29.28 7.79 -49.36
N ASN D 237 30.20 7.87 -50.32
CA ASN D 237 31.07 9.03 -50.43
C ASN D 237 30.26 10.30 -50.66
N TYR D 238 29.13 10.19 -51.36
CA TYR D 238 28.27 11.35 -51.56
C TYR D 238 27.66 11.83 -50.25
N HIS D 239 27.04 10.93 -49.48
CA HIS D 239 26.33 11.35 -48.29
C HIS D 239 27.28 11.82 -47.19
N LYS D 240 28.44 11.18 -47.07
CA LYS D 240 29.41 11.64 -46.07
C LYS D 240 29.79 13.09 -46.30
N LYS D 241 29.93 13.49 -47.56
CA LYS D 241 30.18 14.90 -47.86
C LYS D 241 28.98 15.75 -47.47
N ILE D 242 27.76 15.25 -47.71
CA ILE D 242 26.57 15.96 -47.28
C ILE D 242 26.57 16.09 -45.75
N MET D 243 26.91 15.01 -45.05
CA MET D 243 26.98 15.06 -43.60
C MET D 243 27.97 16.12 -43.14
N ASP D 244 29.18 16.11 -43.68
CA ASP D 244 30.19 17.08 -43.28
C ASP D 244 29.71 18.50 -43.54
N ASN D 245 29.14 18.75 -44.71
CA ASN D 245 28.65 20.10 -45.03
C ASN D 245 27.57 20.53 -44.05
N ASN D 246 26.67 19.62 -43.68
CA ASN D 246 25.61 19.95 -42.75
C ASN D 246 26.14 20.20 -41.34
N PHE D 247 27.18 19.47 -40.94
CA PHE D 247 27.81 19.73 -39.66
C PHE D 247 28.42 21.13 -39.62
N ALA D 248 29.03 21.56 -40.73
CA ALA D 248 29.73 22.83 -40.74
C ALA D 248 28.79 24.03 -40.76
N LYS D 249 27.58 23.86 -41.30
CA LYS D 249 26.67 24.99 -41.50
C LYS D 249 25.53 25.03 -40.50
N LYS D 250 24.92 23.90 -40.19
CA LYS D 250 23.69 23.85 -39.41
C LYS D 250 23.98 23.49 -37.95
N ASP D 251 22.97 23.72 -37.10
CA ASP D 251 23.04 23.35 -35.70
C ASP D 251 22.65 21.86 -35.57
N VAL D 252 23.65 21.02 -35.29
CA VAL D 252 23.42 19.58 -35.27
C VAL D 252 22.62 19.16 -34.04
N ASN D 253 22.74 19.89 -32.94
CA ASN D 253 22.03 19.54 -31.72
C ASN D 253 20.53 19.81 -31.80
N SER D 254 20.07 20.47 -32.87
CA SER D 254 18.66 20.79 -33.04
C SER D 254 18.03 20.05 -34.21
N MET D 255 18.69 19.04 -34.75
CA MET D 255 18.18 18.28 -35.89
C MET D 255 17.23 17.16 -35.49
N GLN D 256 17.18 16.79 -34.21
CA GLN D 256 16.23 15.79 -33.74
C GLN D 256 15.87 16.09 -32.30
N THR D 257 14.57 16.11 -32.01
CA THR D 257 14.08 16.47 -30.68
C THR D 257 14.07 15.30 -29.70
N ARG D 258 14.27 14.07 -30.17
CA ARG D 258 14.17 12.90 -29.31
C ARG D 258 15.32 11.95 -29.59
N TRP D 259 16.04 11.57 -28.53
CA TRP D 259 17.13 10.61 -28.63
C TRP D 259 16.87 9.48 -27.65
N CYS D 260 16.80 8.26 -28.17
CA CYS D 260 16.63 7.07 -27.36
C CYS D 260 17.98 6.36 -27.18
N THR D 261 18.00 5.40 -26.26
CA THR D 261 19.17 4.56 -26.04
C THR D 261 20.43 5.37 -25.75
N SER D 262 20.25 6.58 -25.22
CA SER D 262 21.35 7.45 -24.80
C SER D 262 22.22 7.88 -25.97
N GLU D 263 21.69 7.84 -27.19
CA GLU D 263 22.44 8.28 -28.36
C GLU D 263 22.39 9.80 -28.50
N ASP D 264 23.37 10.33 -29.21
CA ASP D 264 23.45 11.77 -29.48
C ASP D 264 24.15 11.94 -30.80
N PRO D 265 24.21 13.17 -31.32
CA PRO D 265 24.80 13.37 -32.66
C PRO D 265 26.21 12.83 -32.80
N SER D 266 27.01 12.84 -31.73
CA SER D 266 28.37 12.35 -31.83
C SER D 266 28.40 10.85 -32.11
N LEU D 267 27.68 10.06 -31.32
CA LEU D 267 27.65 8.62 -31.56
C LEU D 267 27.08 8.31 -32.94
N PHE D 268 26.06 9.05 -33.36
CA PHE D 268 25.55 8.90 -34.72
C PHE D 268 26.66 9.11 -35.74
N LYS D 269 27.44 10.18 -35.57
CA LYS D 269 28.54 10.46 -36.49
C LYS D 269 29.54 9.31 -36.49
N GLU D 270 29.82 8.72 -35.32
CA GLU D 270 30.80 7.65 -35.24
C GLU D 270 30.36 6.42 -36.01
N ARG D 271 29.07 6.03 -35.88
CA ARG D 271 28.57 4.89 -36.64
C ARG D 271 28.85 5.07 -38.12
N TRP D 272 28.49 6.23 -38.67
CA TRP D 272 28.59 6.44 -40.11
C TRP D 272 30.02 6.74 -40.53
N ASP D 273 30.79 7.43 -39.70
CA ASP D 273 32.21 7.63 -40.01
C ASP D 273 32.92 6.30 -40.20
N LYS D 274 32.62 5.32 -39.33
CA LYS D 274 33.18 3.99 -39.50
C LYS D 274 32.66 3.35 -40.78
N LEU D 275 31.35 3.42 -41.01
CA LEU D 275 30.78 2.84 -42.21
C LEU D 275 31.32 3.51 -43.47
N PHE D 276 31.42 4.84 -43.46
CA PHE D 276 31.97 5.55 -44.61
C PHE D 276 33.40 5.10 -44.88
N LYS D 277 34.18 4.87 -43.82
CA LYS D 277 35.54 4.37 -44.01
C LYS D 277 35.54 3.00 -44.67
N GLU D 278 34.62 2.13 -44.26
CA GLU D 278 34.53 0.78 -44.82
C GLU D 278 33.86 0.76 -46.19
N PHE D 279 33.19 1.84 -46.58
CA PHE D 279 32.49 1.92 -47.86
C PHE D 279 32.96 3.13 -48.65
N ASN D 280 34.28 3.30 -48.73
CA ASN D 280 34.89 4.32 -49.56
C ASN D 280 35.71 3.72 -50.69
N ASN D 281 35.71 2.40 -50.85
CA ASN D 281 36.46 1.74 -51.92
C ASN D 281 35.72 0.47 -52.29
N ALA D 282 35.14 0.44 -53.49
CA ALA D 282 34.32 -0.69 -53.89
C ALA D 282 35.14 -1.99 -53.92
N GLU D 283 36.38 -1.91 -54.40
CA GLU D 283 37.23 -3.09 -54.51
C GLU D 283 37.75 -3.56 -53.16
N LYS D 284 37.35 -2.91 -52.06
CA LYS D 284 37.75 -3.31 -50.72
C LYS D 284 36.56 -3.62 -49.80
N VAL D 285 35.34 -3.36 -50.24
CA VAL D 285 34.16 -3.60 -49.40
C VAL D 285 34.15 -5.07 -48.98
N ASP D 286 34.13 -5.31 -47.68
CA ASP D 286 34.09 -6.67 -47.16
C ASP D 286 32.64 -7.14 -47.07
N PRO D 287 32.31 -8.32 -47.61
CA PRO D 287 30.91 -8.75 -47.60
C PRO D 287 30.30 -8.79 -46.20
N SER D 288 31.08 -9.13 -45.18
CA SER D 288 30.54 -9.13 -43.82
C SER D 288 30.14 -7.73 -43.37
N LYS D 289 30.78 -6.71 -43.94
CA LYS D 289 30.43 -5.33 -43.60
C LYS D 289 29.22 -4.82 -44.36
N ILE D 290 28.77 -5.55 -45.39
CA ILE D 290 27.50 -5.20 -46.03
C ILE D 290 26.35 -5.37 -45.05
N SER D 291 26.34 -6.48 -44.32
CA SER D 291 25.32 -6.69 -43.30
C SER D 291 25.41 -5.62 -42.21
N GLU D 292 26.62 -5.16 -41.91
CA GLU D 292 26.77 -4.10 -40.91
C GLU D 292 26.12 -2.81 -41.39
N LEU D 293 26.37 -2.43 -42.64
CA LEU D 293 25.79 -1.20 -43.17
C LEU D 293 24.26 -1.26 -43.13
N TYR D 294 23.69 -2.38 -43.56
CA TYR D 294 22.24 -2.50 -43.61
C TYR D 294 21.63 -2.44 -42.22
N ASP D 295 22.32 -3.02 -41.22
CA ASP D 295 21.80 -3.00 -39.86
C ASP D 295 21.72 -1.57 -39.32
N THR D 296 22.77 -0.77 -39.56
CA THR D 296 22.75 0.61 -39.10
C THR D 296 21.66 1.41 -39.82
N MET D 297 21.45 1.12 -41.10
CA MET D 297 20.42 1.84 -41.86
C MET D 297 19.04 1.57 -41.31
N LYS D 298 18.75 0.32 -40.93
CA LYS D 298 17.46 0.01 -40.32
C LYS D 298 17.31 0.71 -38.97
N TYR D 299 18.36 0.71 -38.15
CA TYR D 299 18.27 1.28 -36.82
C TYR D 299 17.97 2.78 -36.88
N ASP D 300 18.78 3.53 -37.63
CA ASP D 300 18.58 4.98 -37.71
C ASP D 300 17.25 5.32 -38.38
N ALA D 301 16.88 4.57 -39.42
CA ALA D 301 15.59 4.78 -40.07
C ALA D 301 14.42 4.47 -39.15
N LEU D 302 14.66 3.82 -38.02
CA LEU D 302 13.63 3.54 -37.03
C LEU D 302 13.71 4.45 -35.82
N HIS D 303 14.91 4.78 -35.35
CA HIS D 303 15.09 5.51 -34.12
C HIS D 303 15.65 6.91 -34.30
N ASN D 304 16.21 7.24 -35.47
CA ASN D 304 16.85 8.54 -35.68
C ASN D 304 16.53 9.07 -37.08
N ARG D 305 15.27 8.96 -37.50
CA ARG D 305 14.90 9.49 -38.81
C ARG D 305 15.05 11.00 -38.87
N GLN D 306 14.62 11.71 -37.82
CA GLN D 306 14.72 13.16 -37.83
C GLN D 306 16.16 13.61 -38.06
N PHE D 307 17.08 13.11 -37.24
CA PHE D 307 18.49 13.46 -37.42
C PHE D 307 19.01 12.93 -38.76
N LEU D 308 18.60 11.72 -39.14
CA LEU D 308 19.04 11.15 -40.41
C LEU D 308 18.64 12.03 -41.57
N GLU D 309 17.40 12.52 -41.57
CA GLU D 309 16.92 13.37 -42.66
C GLU D 309 17.75 14.65 -42.76
N ASN D 310 17.89 15.36 -41.64
CA ASN D 310 18.55 16.66 -41.67
C ASN D 310 20.04 16.53 -41.92
N ILE D 311 20.69 15.53 -41.29
CA ILE D 311 22.13 15.39 -41.43
C ILE D 311 22.52 14.93 -42.83
N PHE D 312 21.59 14.34 -43.58
CA PHE D 312 21.82 13.96 -44.96
C PHE D 312 20.99 14.81 -45.93
N ASP D 313 20.49 15.95 -45.47
CA ASP D 313 19.72 16.83 -46.34
C ASP D 313 20.68 17.60 -47.25
N PRO D 314 20.59 17.43 -48.59
CA PRO D 314 21.53 18.14 -49.48
C PRO D 314 21.24 19.63 -49.60
N GLY D 315 20.31 20.15 -48.81
CA GLY D 315 19.96 21.55 -48.85
C GLY D 315 18.84 21.85 -49.83
N LEU D 316 18.32 23.07 -49.73
CA LEU D 316 17.21 23.51 -50.56
C LEU D 316 17.72 24.11 -51.86
N PRO D 317 16.90 24.13 -52.91
CA PRO D 317 17.32 24.77 -54.16
C PRO D 317 17.46 26.28 -54.01
N ASN D 318 16.43 26.92 -53.46
CA ASN D 318 16.39 28.37 -53.26
C ASN D 318 17.20 29.15 -54.30
N SER D 385 10.66 15.23 -42.15
CA SER D 385 9.48 14.36 -42.06
C SER D 385 9.40 13.42 -43.26
N GLN D 386 9.47 13.96 -44.46
CA GLN D 386 9.25 13.17 -45.68
C GLN D 386 10.59 12.85 -46.32
N PHE D 387 10.80 11.56 -46.59
CA PHE D 387 11.99 11.07 -47.30
C PHE D 387 11.74 10.90 -48.79
N ASP D 388 10.69 11.54 -49.30
CA ASP D 388 10.36 11.52 -50.72
C ASP D 388 10.97 12.78 -51.33
N GLU D 389 10.54 13.15 -52.54
CA GLU D 389 11.01 14.33 -53.24
C GLU D 389 12.33 13.98 -53.92
N PRO D 390 12.64 14.61 -55.06
CA PRO D 390 13.93 14.32 -55.72
C PRO D 390 15.14 14.62 -54.86
N ARG D 391 15.04 15.53 -53.90
CA ARG D 391 16.18 15.87 -53.06
C ARG D 391 16.77 14.64 -52.36
N PHE D 392 15.93 13.74 -51.86
CA PHE D 392 16.38 12.52 -51.20
C PHE D 392 16.49 11.34 -52.15
N MET D 393 16.68 11.58 -53.45
CA MET D 393 16.79 10.49 -54.40
C MET D 393 18.10 9.74 -54.22
N GLN D 394 19.20 10.45 -53.98
CA GLN D 394 20.48 9.78 -53.75
C GLN D 394 20.42 8.84 -52.55
N LEU D 395 19.54 9.14 -51.59
CA LEU D 395 19.46 8.33 -50.37
C LEU D 395 18.64 7.07 -50.60
N ARG D 396 17.49 7.20 -51.26
CA ARG D 396 16.62 6.04 -51.46
C ARG D 396 17.31 4.97 -52.32
N GLU D 397 18.01 5.40 -53.37
CA GLU D 397 18.75 4.44 -54.18
C GLU D 397 19.82 3.74 -53.35
N LEU D 398 20.54 4.50 -52.52
CA LEU D 398 21.52 3.89 -51.65
C LEU D 398 20.88 2.84 -50.74
N TYR D 399 19.69 3.14 -50.22
CA TYR D 399 18.97 2.15 -49.42
C TYR D 399 18.62 0.92 -50.24
N LYS D 400 18.11 1.14 -51.46
CA LYS D 400 17.72 0.00 -52.30
C LYS D 400 18.93 -0.86 -52.65
N LEU D 401 20.06 -0.23 -52.99
CA LEU D 401 21.25 -0.99 -53.34
C LEU D 401 21.75 -1.79 -52.15
N ALA D 402 21.71 -1.21 -50.96
CA ALA D 402 22.13 -1.94 -49.76
C ALA D 402 21.22 -3.14 -49.50
N LYS D 403 19.91 -2.96 -49.69
CA LYS D 403 18.98 -4.07 -49.52
C LYS D 403 19.31 -5.22 -50.46
N VAL D 404 19.59 -4.90 -51.73
CA VAL D 404 19.92 -5.94 -52.70
C VAL D 404 21.13 -6.73 -52.24
N LEU D 405 22.20 -6.03 -51.86
CA LEU D 405 23.42 -6.70 -51.43
C LEU D 405 23.19 -7.49 -50.15
N PHE D 406 22.37 -6.97 -49.24
CA PHE D 406 22.07 -7.71 -48.02
C PHE D 406 21.26 -8.96 -48.31
N ASP D 407 20.36 -8.89 -49.29
CA ASP D 407 19.54 -10.05 -49.66
C ASP D 407 20.31 -11.04 -50.51
N PHE D 408 21.52 -10.70 -50.93
CA PHE D 408 22.37 -11.58 -51.74
C PHE D 408 23.56 -12.12 -50.95
N ILE D 409 23.81 -11.61 -49.75
CA ILE D 409 24.91 -12.05 -48.91
C ILE D 409 24.40 -12.82 -47.69
N CYS D 410 23.52 -12.20 -46.90
CA CYS D 410 23.09 -12.83 -45.65
C CYS D 410 22.49 -14.22 -45.85
N PRO D 411 21.55 -14.43 -46.78
CA PRO D 411 21.05 -15.80 -46.97
C PRO D 411 22.13 -16.78 -47.33
N LYS D 412 23.19 -16.33 -48.00
CA LYS D 412 24.28 -17.20 -48.43
C LYS D 412 25.34 -17.38 -47.36
N GLU D 413 25.26 -16.65 -46.24
CA GLU D 413 26.14 -16.90 -45.12
C GLU D 413 25.87 -18.25 -44.48
N TYR D 414 24.66 -18.80 -44.65
CA TYR D 414 24.28 -20.09 -44.10
C TYR D 414 24.41 -21.21 -45.14
N GLY D 415 25.31 -21.04 -46.11
CA GLY D 415 25.52 -22.02 -47.17
C GLY D 415 25.16 -21.42 -48.51
N ILE D 416 26.07 -21.58 -49.46
CA ILE D 416 25.84 -21.12 -50.83
C ILE D 416 25.27 -22.25 -51.69
N SER D 417 25.86 -23.44 -51.58
CA SER D 417 25.39 -24.61 -52.29
C SER D 417 24.38 -25.37 -51.45
N ASP D 418 23.54 -26.16 -52.13
CA ASP D 418 22.54 -26.95 -51.41
C ASP D 418 23.20 -27.83 -50.35
N ALA D 419 24.35 -28.41 -50.67
CA ALA D 419 25.07 -29.21 -49.68
C ALA D 419 25.53 -28.36 -48.51
N GLU D 420 26.07 -27.17 -48.79
CA GLU D 420 26.47 -26.27 -47.70
C GLU D 420 25.25 -25.80 -46.91
N LYS D 421 24.21 -25.32 -47.61
CA LYS D 421 22.98 -24.96 -46.94
C LYS D 421 22.42 -26.14 -46.13
N LEU D 422 22.66 -27.36 -46.61
CA LEU D 422 22.22 -28.55 -45.89
C LEU D 422 23.15 -28.87 -44.73
N ASP D 423 24.46 -28.91 -44.99
CA ASP D 423 25.42 -29.22 -43.94
C ASP D 423 25.31 -28.22 -42.79
N ILE D 424 25.30 -26.93 -43.12
CA ILE D 424 25.08 -25.90 -42.10
C ILE D 424 23.70 -26.07 -41.48
N GLY D 425 22.71 -26.44 -42.29
CA GLY D 425 21.37 -26.60 -41.77
C GLY D 425 21.31 -27.63 -40.64
N LEU D 426 21.98 -28.77 -40.82
CA LEU D 426 21.90 -29.83 -39.83
C LEU D 426 22.75 -29.52 -38.60
N LEU D 427 24.03 -29.19 -38.82
CA LEU D 427 24.93 -28.94 -37.69
C LEU D 427 24.35 -27.94 -36.71
N THR D 428 23.50 -27.03 -37.19
CA THR D 428 22.95 -25.98 -36.34
C THR D 428 21.57 -26.36 -35.77
N SER D 429 20.66 -26.83 -36.62
CA SER D 429 19.26 -27.00 -36.24
C SER D 429 18.81 -28.45 -36.28
N LEU D 430 19.73 -29.41 -36.26
CA LEU D 430 19.32 -30.81 -36.18
C LEU D 430 18.57 -31.09 -34.88
N PRO D 431 19.03 -30.66 -33.71
CA PRO D 431 18.24 -30.92 -32.48
C PRO D 431 16.88 -30.24 -32.51
N LEU D 432 16.83 -28.96 -32.87
CA LEU D 432 15.56 -28.24 -32.88
C LEU D 432 14.57 -28.92 -33.81
N ALA D 433 15.04 -29.39 -34.97
CA ALA D 433 14.15 -30.07 -35.91
C ALA D 433 13.54 -31.31 -35.28
N LYS D 434 14.35 -32.10 -34.56
CA LYS D 434 13.82 -33.31 -33.93
C LYS D 434 12.75 -32.98 -32.90
N GLN D 435 13.01 -31.96 -32.08
CA GLN D 435 12.06 -31.62 -31.02
C GLN D 435 10.71 -31.23 -31.60
N ILE D 436 10.70 -30.47 -32.69
CA ILE D 436 9.44 -30.05 -33.30
C ILE D 436 8.62 -31.27 -33.71
N LEU D 437 9.26 -32.24 -34.36
CA LEU D 437 8.54 -33.45 -34.75
C LEU D 437 7.97 -34.16 -33.53
N ASN D 438 8.74 -34.22 -32.44
CA ASN D 438 8.26 -34.85 -31.23
C ASN D 438 7.10 -34.06 -30.63
N ASP D 439 7.17 -32.73 -30.69
CA ASP D 439 6.09 -31.90 -30.18
C ASP D 439 4.79 -32.18 -30.93
N ILE D 440 4.86 -32.26 -32.26
CA ILE D 440 3.68 -32.59 -33.05
C ILE D 440 3.20 -34.00 -32.70
N GLY D 441 4.14 -34.93 -32.51
CA GLY D 441 3.74 -36.28 -32.11
C GLY D 441 2.98 -36.30 -30.80
N ASP D 442 3.43 -35.52 -29.83
CA ASP D 442 2.71 -35.45 -28.55
C ASP D 442 1.32 -34.87 -28.73
N MET D 443 1.21 -33.78 -29.48
CA MET D 443 -0.09 -33.14 -29.67
C MET D 443 -1.09 -34.10 -30.31
N LYS D 444 -0.63 -34.95 -31.23
CA LYS D 444 -1.53 -35.92 -31.84
C LYS D 444 -1.96 -36.98 -30.84
N ASN D 445 -1.01 -37.53 -30.09
CA ASN D 445 -1.33 -38.59 -29.14
C ASN D 445 -2.16 -38.06 -27.98
N ARG D 446 -1.90 -36.82 -27.56
CA ARG D 446 -2.69 -36.18 -26.51
C ARG D 446 -3.89 -35.51 -27.14
N GLU D 447 -5.09 -35.94 -26.75
CA GLU D 447 -6.31 -35.39 -27.34
C GLU D 447 -6.42 -33.89 -27.12
N THR D 448 -5.69 -33.34 -26.14
CA THR D 448 -5.76 -31.92 -25.82
C THR D 448 -4.77 -31.15 -26.68
N PRO D 449 -5.21 -30.19 -27.49
CA PRO D 449 -4.26 -29.37 -28.25
C PRO D 449 -3.31 -28.59 -27.34
N ALA D 450 -2.12 -28.31 -27.86
CA ALA D 450 -1.09 -27.61 -27.11
C ALA D 450 -0.28 -26.74 -28.07
N CYS D 451 0.63 -25.95 -27.50
CA CYS D 451 1.52 -25.11 -28.29
C CYS D 451 2.87 -25.02 -27.58
N VAL D 452 3.94 -25.05 -28.38
CA VAL D 452 5.31 -24.94 -27.87
C VAL D 452 6.03 -23.88 -28.68
N ALA D 453 6.63 -22.91 -28.00
CA ALA D 453 7.33 -21.80 -28.63
C ALA D 453 8.80 -21.86 -28.29
N TYR D 454 9.65 -21.71 -29.31
CA TYR D 454 11.10 -21.68 -29.15
C TYR D 454 11.61 -20.31 -29.59
N PHE D 455 12.34 -19.63 -28.70
CA PHE D 455 12.96 -18.35 -29.02
C PHE D 455 14.43 -18.58 -29.28
N THR D 456 14.89 -18.22 -30.48
CA THR D 456 16.23 -18.52 -30.94
C THR D 456 16.79 -17.32 -31.68
N LYS D 457 18.10 -17.34 -31.88
CA LYS D 457 18.76 -16.30 -32.65
C LYS D 457 18.42 -16.45 -34.14
N GLU D 458 18.87 -15.48 -34.92
CA GLU D 458 18.53 -15.46 -36.34
C GLU D 458 19.10 -16.65 -37.08
N SER D 459 20.27 -17.14 -36.66
CA SER D 459 20.96 -18.17 -37.44
C SER D 459 20.13 -19.45 -37.52
N HIS D 460 19.49 -19.84 -36.42
CA HIS D 460 18.72 -21.09 -36.43
C HIS D 460 17.50 -20.98 -37.34
N ILE D 461 16.97 -19.78 -37.55
CA ILE D 461 15.81 -19.63 -38.41
C ILE D 461 16.16 -19.97 -39.86
N TYR D 462 17.22 -19.36 -40.38
CA TYR D 462 17.66 -19.68 -41.74
C TYR D 462 17.98 -21.17 -41.87
N THR D 463 18.79 -21.69 -40.95
CA THR D 463 19.27 -23.07 -41.07
C THR D 463 18.10 -24.06 -40.99
N LEU D 464 17.19 -23.86 -40.05
CA LEU D 464 16.03 -24.74 -39.97
C LEU D 464 15.19 -24.61 -41.24
N LEU D 465 15.06 -23.39 -41.77
CA LEU D 465 14.38 -23.20 -43.04
C LEU D 465 15.08 -23.98 -44.15
N ASN D 466 16.42 -23.99 -44.13
CA ASN D 466 17.16 -24.78 -45.11
C ASN D 466 16.82 -26.27 -44.98
N ILE D 467 16.73 -26.78 -43.76
CA ILE D 467 16.34 -28.17 -43.57
C ILE D 467 14.99 -28.43 -44.21
N ILE D 468 14.06 -27.48 -44.05
CA ILE D 468 12.72 -27.64 -44.59
C ILE D 468 12.78 -27.77 -46.12
N TYR D 469 13.53 -26.87 -46.76
CA TYR D 469 13.62 -26.91 -48.23
C TYR D 469 14.42 -28.11 -48.70
N GLU D 470 15.53 -28.42 -48.04
CA GLU D 470 16.37 -29.52 -48.47
C GLU D 470 15.75 -30.89 -48.20
N SER D 471 14.60 -30.95 -47.53
CA SER D 471 13.92 -32.23 -47.34
C SER D 471 13.13 -32.67 -48.56
N GLY D 472 13.00 -31.83 -49.58
CA GLY D 472 12.22 -32.16 -50.76
C GLY D 472 10.73 -32.02 -50.60
N ILE D 473 10.27 -31.42 -49.52
CA ILE D 473 8.82 -31.28 -49.29
C ILE D 473 8.25 -30.28 -50.29
N PRO D 474 7.07 -30.53 -50.85
CA PRO D 474 6.47 -29.53 -51.75
C PRO D 474 6.23 -28.21 -51.03
N MET D 475 6.73 -27.13 -51.62
CA MET D 475 6.65 -25.81 -51.03
C MET D 475 5.62 -24.96 -51.78
N ARG D 476 5.01 -24.03 -51.04
CA ARG D 476 4.11 -23.04 -51.62
C ARG D 476 4.83 -21.77 -52.02
N ILE D 477 6.04 -21.53 -51.51
CA ILE D 477 6.82 -20.34 -51.81
C ILE D 477 8.27 -20.75 -52.02
N ALA D 478 8.90 -20.17 -53.04
CA ALA D 478 10.29 -20.49 -53.35
C ALA D 478 11.22 -19.81 -52.34
N ARG D 479 12.37 -20.46 -52.10
CA ARG D 479 13.30 -19.95 -51.10
C ARG D 479 13.73 -18.53 -51.42
N ASN D 480 14.04 -18.24 -52.69
CA ASN D 480 14.44 -16.89 -53.06
C ASN D 480 13.34 -15.87 -52.82
N ALA D 481 12.09 -16.28 -52.97
CA ALA D 481 10.96 -15.36 -52.85
C ALA D 481 10.63 -14.97 -51.42
N LEU D 482 11.24 -15.62 -50.43
CA LEU D 482 10.91 -15.28 -49.04
C LEU D 482 11.43 -13.90 -48.68
N PRO D 483 10.66 -13.09 -47.96
CA PRO D 483 11.18 -11.81 -47.48
C PRO D 483 12.27 -12.01 -46.44
N GLU D 484 12.92 -10.92 -46.07
CA GLU D 484 13.97 -10.99 -45.07
C GLU D 484 13.43 -11.59 -43.78
N LEU D 485 14.21 -12.50 -43.20
CA LEU D 485 13.89 -13.08 -41.89
C LEU D 485 14.35 -12.08 -40.83
N ASP D 486 13.49 -11.09 -40.59
CA ASP D 486 13.80 -9.96 -39.72
C ASP D 486 13.50 -10.32 -38.28
N TYR D 487 13.50 -9.32 -37.39
CA TYR D 487 13.26 -9.58 -35.99
C TYR D 487 11.85 -10.11 -35.78
N LEU D 488 11.72 -11.08 -34.87
CA LEU D 488 10.47 -11.80 -34.62
C LEU D 488 10.03 -12.60 -35.84
N SER D 489 10.98 -13.03 -36.67
CA SER D 489 10.65 -13.99 -37.71
C SER D 489 10.18 -15.28 -37.07
N GLN D 490 9.18 -15.92 -37.69
CA GLN D 490 8.54 -17.08 -37.12
C GLN D 490 8.43 -18.19 -38.16
N ILE D 491 8.63 -19.42 -37.71
CA ILE D 491 8.32 -20.63 -38.48
C ILE D 491 7.38 -21.47 -37.66
N THR D 492 6.27 -21.89 -38.25
CA THR D 492 5.20 -22.59 -37.56
C THR D 492 4.96 -23.95 -38.16
N PHE D 493 4.63 -24.92 -37.31
CA PHE D 493 4.24 -26.27 -37.72
C PHE D 493 2.84 -26.51 -37.15
N GLU D 494 1.82 -26.07 -37.89
CA GLU D 494 0.45 -26.15 -37.40
C GLU D 494 -0.14 -27.53 -37.67
N LEU D 495 -0.67 -28.16 -36.62
CA LEU D 495 -1.26 -29.49 -36.71
C LEU D 495 -2.79 -29.39 -36.76
N TYR D 496 -3.41 -30.21 -37.60
CA TYR D 496 -4.85 -30.23 -37.75
C TYR D 496 -5.34 -31.68 -37.73
N GLU D 497 -6.64 -31.87 -37.95
CA GLU D 497 -7.22 -33.21 -38.09
C GLU D 497 -8.04 -33.31 -39.36
N SER D 498 -8.05 -34.50 -39.96
CA SER D 498 -8.77 -34.78 -41.20
C SER D 498 -9.88 -35.80 -40.94
N THR D 499 -11.14 -35.35 -40.95
CA THR D 499 -12.24 -36.23 -40.58
C THR D 499 -13.51 -35.86 -41.32
N ASP D 500 -14.17 -36.84 -41.94
CA ASP D 500 -15.39 -36.54 -42.69
C ASP D 500 -16.58 -37.36 -42.23
N ALA D 501 -16.47 -38.67 -42.35
CA ALA D 501 -17.47 -39.57 -41.82
C ALA D 501 -16.88 -40.80 -41.14
N SER D 502 -15.56 -40.89 -40.98
CA SER D 502 -14.94 -42.00 -40.26
C SER D 502 -13.94 -41.49 -39.23
N GLY D 503 -13.84 -42.21 -38.13
CA GLY D 503 -12.90 -41.88 -37.08
C GLY D 503 -11.48 -42.15 -37.55
N GLN D 504 -10.52 -42.23 -36.62
CA GLN D 504 -9.12 -42.49 -36.97
C GLN D 504 -8.63 -41.42 -37.96
N LYS D 505 -8.67 -40.17 -37.50
CA LYS D 505 -8.26 -39.05 -38.33
C LYS D 505 -6.81 -39.18 -38.74
N SER D 506 -6.52 -38.90 -40.01
CA SER D 506 -5.16 -39.02 -40.50
C SER D 506 -4.29 -37.82 -40.13
N HIS D 507 -4.89 -36.74 -39.62
CA HIS D 507 -4.13 -35.56 -39.23
C HIS D 507 -3.40 -34.92 -40.42
N SER D 508 -2.99 -33.68 -40.26
CA SER D 508 -2.31 -32.94 -41.33
C SER D 508 -1.47 -31.85 -40.70
N ILE D 509 -0.39 -31.48 -41.40
CA ILE D 509 0.53 -30.45 -40.95
C ILE D 509 0.58 -29.35 -41.99
N ARG D 510 0.52 -28.10 -41.53
CA ARG D 510 0.64 -26.93 -42.39
C ARG D 510 1.76 -26.06 -41.87
N LEU D 511 2.67 -25.66 -42.74
CA LEU D 511 3.82 -24.85 -42.37
C LEU D 511 3.61 -23.42 -42.82
N LYS D 512 3.80 -22.47 -41.90
CA LYS D 512 3.70 -21.06 -42.19
C LYS D 512 4.93 -20.35 -41.67
N MET D 513 5.17 -19.16 -42.20
CA MET D 513 6.32 -18.35 -41.79
C MET D 513 5.91 -16.88 -41.77
N SER D 514 6.57 -16.13 -40.90
CA SER D 514 6.40 -14.69 -40.83
C SER D 514 7.78 -14.05 -40.82
N PRO D 515 8.04 -13.05 -41.67
CA PRO D 515 9.35 -12.38 -41.63
C PRO D 515 9.54 -11.52 -40.39
N GLY D 516 8.55 -11.43 -39.51
CA GLY D 516 8.68 -10.63 -38.30
C GLY D 516 8.33 -9.17 -38.55
N CYS D 517 8.93 -8.29 -37.73
CA CYS D 517 8.67 -6.85 -37.84
C CYS D 517 9.59 -6.30 -38.93
N HIS D 518 9.11 -6.41 -40.17
CA HIS D 518 9.87 -6.04 -41.35
C HIS D 518 9.01 -5.15 -42.24
N THR D 519 9.66 -4.22 -42.94
CA THR D 519 8.98 -3.32 -43.85
C THR D 519 9.75 -3.21 -45.15
N GLN D 520 9.02 -3.02 -46.25
CA GLN D 520 9.62 -2.83 -47.56
C GLN D 520 9.92 -1.37 -47.87
N ASP D 521 9.45 -0.43 -47.06
CA ASP D 521 9.67 1.00 -47.28
C ASP D 521 10.06 1.65 -45.96
N PRO D 522 11.28 1.39 -45.49
CA PRO D 522 11.69 1.97 -44.20
C PRO D 522 11.64 3.49 -44.17
N LEU D 523 11.86 4.15 -45.31
CA LEU D 523 11.86 5.61 -45.37
C LEU D 523 10.48 6.22 -45.55
N ASP D 524 9.45 5.39 -45.77
CA ASP D 524 8.09 5.88 -45.95
C ASP D 524 7.13 5.45 -44.87
N VAL D 525 7.49 4.48 -44.04
CA VAL D 525 6.58 4.03 -42.98
C VAL D 525 6.40 5.12 -41.95
N GLN D 526 5.17 5.27 -41.47
CA GLN D 526 4.85 6.25 -40.44
C GLN D 526 5.17 5.65 -39.07
N LEU D 527 6.09 6.29 -38.34
CA LEU D 527 6.60 5.75 -37.09
C LEU D 527 6.06 6.55 -35.91
N ASP D 528 5.91 5.86 -34.78
CA ASP D 528 5.53 6.45 -33.52
C ASP D 528 6.79 6.84 -32.73
N ASP D 529 6.59 7.55 -31.62
CA ASP D 529 7.71 7.91 -30.76
C ASP D 529 8.42 6.67 -30.21
N ARG D 530 7.76 5.51 -30.23
CA ARG D 530 8.35 4.27 -29.76
C ARG D 530 9.27 3.61 -30.77
N HIS D 531 9.34 4.11 -32.00
CA HIS D 531 10.29 3.61 -32.99
C HIS D 531 10.09 2.12 -33.24
N TYR D 532 8.84 1.74 -33.53
CA TYR D 532 8.44 0.35 -33.59
C TYR D 532 7.70 0.06 -34.89
N ILE D 533 7.99 -1.11 -35.47
CA ILE D 533 7.32 -1.58 -36.68
C ILE D 533 6.45 -2.78 -36.31
N SER D 534 5.26 -2.84 -36.88
CA SER D 534 4.36 -3.96 -36.65
C SER D 534 4.89 -5.22 -37.33
N CYS D 535 4.46 -6.37 -36.82
CA CYS D 535 4.90 -7.65 -37.36
C CYS D 535 4.03 -8.05 -38.55
N ILE D 536 4.67 -8.64 -39.56
CA ILE D 536 3.97 -9.07 -40.77
C ILE D 536 3.24 -10.37 -40.46
N PRO D 537 1.99 -10.55 -40.89
CA PRO D 537 1.28 -11.80 -40.62
C PRO D 537 1.97 -12.98 -41.25
N LYS D 538 1.73 -14.16 -40.67
CA LYS D 538 2.30 -15.39 -41.19
C LYS D 538 1.73 -15.72 -42.56
N ILE D 539 2.55 -16.37 -43.38
CA ILE D 539 2.14 -16.84 -44.70
C ILE D 539 2.41 -18.34 -44.77
N SER D 540 1.55 -19.05 -45.51
CA SER D 540 1.64 -20.50 -45.59
C SER D 540 2.78 -20.90 -46.52
N LEU D 541 3.73 -21.67 -45.99
CA LEU D 541 4.77 -22.24 -46.84
C LEU D 541 4.30 -23.51 -47.53
N THR D 542 3.34 -24.22 -46.93
CA THR D 542 2.77 -25.42 -47.52
C THR D 542 1.28 -25.47 -47.18
N LYS D 543 0.59 -26.43 -47.79
CA LYS D 543 -0.82 -26.66 -47.49
C LYS D 543 -0.93 -27.74 -46.42
N HIS D 544 -2.14 -28.21 -46.15
CA HIS D 544 -2.35 -29.27 -45.18
C HIS D 544 -1.76 -30.57 -45.74
N LEU D 545 -0.61 -30.99 -45.18
CA LEU D 545 0.11 -32.16 -45.65
C LEU D 545 0.02 -33.27 -44.60
N ASP D 546 0.00 -34.51 -45.08
CA ASP D 546 -0.15 -35.66 -44.20
C ASP D 546 0.95 -35.66 -43.14
N MET D 547 0.56 -35.88 -41.88
CA MET D 547 1.51 -35.85 -40.78
C MET D 547 2.66 -36.82 -41.02
N ASP D 548 2.33 -38.10 -41.22
CA ASP D 548 3.37 -39.11 -41.40
C ASP D 548 4.28 -38.75 -42.58
N TYR D 549 3.71 -38.19 -43.64
CA TYR D 549 4.51 -37.80 -44.80
C TYR D 549 5.52 -36.73 -44.44
N VAL D 550 5.11 -35.72 -43.66
CA VAL D 550 5.99 -34.61 -43.34
C VAL D 550 7.14 -35.07 -42.45
N GLN D 551 6.91 -36.05 -41.57
CA GLN D 551 7.97 -36.53 -40.70
C GLN D 551 8.98 -37.38 -41.46
N GLN D 552 8.55 -38.09 -42.49
CA GLN D 552 9.47 -38.93 -43.24
C GLN D 552 10.44 -38.10 -44.08
N LYS D 553 9.94 -37.05 -44.73
CA LYS D 553 10.83 -36.17 -45.50
C LYS D 553 11.93 -35.60 -44.61
N LEU D 554 11.58 -35.21 -43.39
CA LEU D 554 12.56 -34.61 -42.49
C LEU D 554 13.50 -35.65 -41.90
N ARG D 555 12.96 -36.79 -41.46
CA ARG D 555 13.78 -37.86 -40.91
C ARG D 555 13.12 -39.22 -41.15
#